data_3AI2
#
_entry.id   3AI2
#
_cell.length_a   124.290
_cell.length_b   60.980
_cell.length_c   124.450
_cell.angle_alpha   90.00
_cell.angle_beta   89.99
_cell.angle_gamma   90.00
#
_symmetry.space_group_name_H-M   'P 1 21 1'
#
loop_
_entity.id
_entity.type
_entity.pdbx_description
1 polymer 'NADPH-sorbose reductase'
2 non-polymer 'NADPH DIHYDRO-NICOTINAMIDE-ADENINE-DINUCLEOTIDE PHOSPHATE'
3 water water
#
_entity_poly.entity_id   1
_entity_poly.type   'polypeptide(L)'
_entity_poly.pdbx_seq_one_letter_code
;MDMGISGKVAVITGSSSGIGLAIAEGFAKEGAHIVLVARQVDRLHEAARSLKEKFGVRVLEVAVDVATPEGVDAVVESVR
SSFGGADILVNNAGTGSNETIMEAADEKWQFYWELHVMAAVRLARGLVPGMRARGGGAIIHNASICAVQPLWYEPIYNVT
KAALMMFSKTLATEVIKDNIRVNCINPGLILTPDWIKTAKELTKDNGGDWKGYLQSVADEHAPIKRFASPEELANFFVFL
CSERATYSVGSAYFVDGGMLKTL
;
_entity_poly.pdbx_strand_id   A,B,H,D,E,C,F,G
#
# COMPACT_ATOMS: atom_id res chain seq x y z
N MET A 1 -12.01 -62.44 -17.36
CA MET A 1 -10.56 -62.19 -17.51
C MET A 1 -9.83 -63.01 -16.46
N ASP A 2 -8.88 -63.83 -16.88
CA ASP A 2 -8.12 -64.63 -15.89
C ASP A 2 -7.17 -63.72 -15.13
N MET A 3 -7.21 -63.78 -13.81
CA MET A 3 -6.29 -62.96 -13.00
C MET A 3 -4.94 -63.63 -12.77
N GLY A 4 -4.90 -64.96 -12.89
CA GLY A 4 -3.64 -65.71 -12.77
C GLY A 4 -2.97 -65.74 -11.40
N ILE A 5 -3.79 -65.67 -10.35
CA ILE A 5 -3.30 -65.63 -8.95
C ILE A 5 -3.82 -66.82 -8.11
N SER A 6 -4.39 -67.81 -8.80
CA SER A 6 -4.79 -69.05 -8.13
C SER A 6 -3.61 -69.67 -7.40
N GLY A 7 -3.76 -69.94 -6.12
CA GLY A 7 -2.68 -70.60 -5.31
C GLY A 7 -1.59 -69.62 -4.84
N LYS A 8 -1.72 -68.32 -5.16
CA LYS A 8 -0.70 -67.34 -4.66
C LYS A 8 -1.09 -67.00 -3.26
N VAL A 9 -0.14 -66.48 -2.49
CA VAL A 9 -0.39 -66.22 -1.06
C VAL A 9 -0.50 -64.67 -0.91
N ALA A 10 -1.62 -64.18 -0.39
CA ALA A 10 -1.84 -62.71 -0.29
C ALA A 10 -1.97 -62.28 1.18
N VAL A 11 -1.10 -61.39 1.64
CA VAL A 11 -1.18 -60.90 3.00
C VAL A 11 -1.90 -59.58 2.93
N ILE A 12 -3.03 -59.47 3.64
CA ILE A 12 -3.79 -58.21 3.74
C ILE A 12 -3.85 -57.70 5.19
N THR A 13 -3.30 -56.51 5.42
CA THR A 13 -3.37 -55.97 6.76
C THR A 13 -4.71 -55.32 7.01
N GLY A 14 -5.21 -55.41 8.25
CA GLY A 14 -6.55 -54.80 8.55
C GLY A 14 -7.68 -55.43 7.80
N SER A 15 -7.76 -56.76 7.88
CA SER A 15 -8.59 -57.46 6.93
C SER A 15 -9.73 -58.23 7.60
N SER A 16 -10.04 -57.88 8.83
CA SER A 16 -11.17 -58.54 9.52
C SER A 16 -12.48 -57.83 9.30
N SER A 17 -12.44 -56.63 8.70
CA SER A 17 -13.67 -55.94 8.30
C SER A 17 -13.39 -54.87 7.27
N GLY A 18 -14.48 -54.23 6.85
CA GLY A 18 -14.43 -53.11 5.90
C GLY A 18 -13.68 -53.43 4.63
N ILE A 19 -12.90 -52.45 4.18
CA ILE A 19 -12.21 -52.61 2.90
C ILE A 19 -11.30 -53.84 2.90
N GLY A 20 -10.54 -54.02 3.99
CA GLY A 20 -9.54 -55.08 4.03
C GLY A 20 -10.20 -56.47 3.86
N LEU A 21 -11.37 -56.67 4.45
CA LEU A 21 -12.07 -57.98 4.30
C LEU A 21 -12.60 -58.17 2.86
N ALA A 22 -13.11 -57.09 2.27
CA ALA A 22 -13.61 -57.18 0.91
C ALA A 22 -12.46 -57.49 -0.05
N ILE A 23 -11.29 -56.91 0.24
CA ILE A 23 -10.08 -57.22 -0.53
C ILE A 23 -9.77 -58.72 -0.38
N ALA A 24 -9.70 -59.22 0.85
CA ALA A 24 -9.45 -60.65 1.10
C ALA A 24 -10.47 -61.57 0.38
N GLU A 25 -11.77 -61.25 0.42
CA GLU A 25 -12.76 -62.00 -0.35
C GLU A 25 -12.48 -61.95 -1.85
N GLY A 26 -12.02 -60.80 -2.34
CA GLY A 26 -11.80 -60.67 -3.80
C GLY A 26 -10.61 -61.53 -4.27
N PHE A 27 -9.55 -61.58 -3.46
CA PHE A 27 -8.41 -62.44 -3.78
C PHE A 27 -8.79 -63.92 -3.63
N ALA A 28 -9.53 -64.23 -2.58
CA ALA A 28 -10.04 -65.61 -2.35
C ALA A 28 -10.93 -66.13 -3.50
N LYS A 29 -11.77 -65.25 -4.00
CA LYS A 29 -12.59 -65.52 -5.17
C LYS A 29 -11.74 -65.92 -6.35
N GLU A 30 -10.51 -65.41 -6.43
CA GLU A 30 -9.66 -65.72 -7.56
C GLU A 30 -8.69 -66.90 -7.31
N GLY A 31 -8.91 -67.55 -6.17
CA GLY A 31 -8.18 -68.74 -5.80
C GLY A 31 -6.94 -68.50 -4.97
N ALA A 32 -6.71 -67.26 -4.52
CA ALA A 32 -5.52 -66.94 -3.74
C ALA A 32 -5.73 -67.33 -2.28
N HIS A 33 -4.67 -67.91 -1.68
CA HIS A 33 -4.66 -68.17 -0.23
C HIS A 33 -4.45 -66.84 0.49
N ILE A 34 -4.94 -66.77 1.72
CA ILE A 34 -5.09 -65.49 2.38
C ILE A 34 -4.40 -65.48 3.71
N VAL A 35 -3.61 -64.44 4.00
CA VAL A 35 -3.21 -64.21 5.37
C VAL A 35 -3.92 -62.98 5.87
N LEU A 36 -4.76 -63.16 6.89
CA LEU A 36 -5.58 -62.08 7.47
C LEU A 36 -4.91 -61.54 8.71
N VAL A 37 -4.94 -60.21 8.87
CA VAL A 37 -4.19 -59.57 9.94
C VAL A 37 -5.04 -58.50 10.56
N ALA A 38 -5.20 -58.53 11.88
CA ALA A 38 -5.92 -57.49 12.59
C ALA A 38 -5.77 -57.71 14.07
N ARG A 39 -6.37 -56.86 14.89
CA ARG A 39 -6.15 -56.92 16.35
C ARG A 39 -7.20 -57.80 17.05
N GLN A 40 -8.47 -57.58 16.79
CA GLN A 40 -9.52 -58.36 17.43
C GLN A 40 -9.58 -59.81 16.95
N VAL A 41 -9.28 -60.73 17.87
CA VAL A 41 -9.25 -62.20 17.63
C VAL A 41 -10.55 -62.82 17.07
N ASP A 42 -11.70 -62.37 17.58
CA ASP A 42 -12.98 -63.03 17.25
C ASP A 42 -13.44 -62.71 15.82
N ARG A 43 -13.45 -61.43 15.51
CA ARG A 43 -13.80 -60.94 14.19
C ARG A 43 -12.84 -61.60 13.21
N LEU A 44 -11.59 -61.79 13.61
CA LEU A 44 -10.61 -62.41 12.73
C LEU A 44 -10.98 -63.89 12.46
N HIS A 45 -11.33 -64.63 13.52
CA HIS A 45 -11.81 -66.01 13.35
C HIS A 45 -13.05 -66.11 12.41
N GLU A 46 -14.06 -65.26 12.58
CA GLU A 46 -15.23 -65.23 11.66
C GLU A 46 -14.83 -65.08 10.22
N ALA A 47 -13.92 -64.11 9.98
CA ALA A 47 -13.55 -63.77 8.62
C ALA A 47 -12.88 -64.95 7.94
N ALA A 48 -11.93 -65.57 8.63
CA ALA A 48 -11.24 -66.77 8.12
C ALA A 48 -12.21 -67.91 7.80
N ARG A 49 -13.12 -68.18 8.74
CA ARG A 49 -14.11 -69.25 8.58
C ARG A 49 -14.92 -69.06 7.31
N SER A 50 -15.44 -67.85 7.16
CA SER A 50 -16.29 -67.52 6.04
C SER A 50 -15.51 -67.59 4.72
N LEU A 51 -14.27 -67.09 4.71
CA LEU A 51 -13.47 -67.18 3.51
C LEU A 51 -13.24 -68.63 3.12
N LYS A 52 -12.89 -69.46 4.11
CA LYS A 52 -12.59 -70.87 3.81
C LYS A 52 -13.82 -71.58 3.26
N GLU A 53 -14.94 -71.39 3.93
CA GLU A 53 -16.18 -72.03 3.52
C GLU A 53 -16.60 -71.56 2.14
N LYS A 54 -16.64 -70.24 1.93
CA LYS A 54 -17.06 -69.71 0.62
C LYS A 54 -16.12 -70.00 -0.53
N PHE A 55 -14.82 -70.03 -0.25
CA PHE A 55 -13.88 -70.01 -1.35
C PHE A 55 -12.93 -71.19 -1.44
N GLY A 56 -12.83 -71.98 -0.36
CA GLY A 56 -12.02 -73.18 -0.38
C GLY A 56 -10.53 -72.90 -0.50
N VAL A 57 -10.07 -71.75 -0.01
CA VAL A 57 -8.64 -71.48 -0.03
C VAL A 57 -8.13 -71.62 1.38
N ARG A 58 -6.82 -71.73 1.54
CA ARG A 58 -6.18 -71.72 2.84
C ARG A 58 -6.22 -70.29 3.40
N VAL A 59 -6.51 -70.17 4.68
CA VAL A 59 -6.55 -68.87 5.35
C VAL A 59 -5.78 -68.95 6.65
N LEU A 60 -4.83 -68.05 6.84
CA LEU A 60 -4.09 -67.98 8.10
C LEU A 60 -4.48 -66.68 8.79
N GLU A 61 -4.67 -66.74 10.12
CA GLU A 61 -4.99 -65.55 10.95
C GLU A 61 -3.80 -65.11 11.79
N VAL A 62 -3.49 -63.81 11.76
CA VAL A 62 -2.44 -63.26 12.64
C VAL A 62 -3.05 -62.13 13.43
N ALA A 63 -3.17 -62.28 14.76
CA ALA A 63 -3.92 -61.30 15.56
C ALA A 63 -2.92 -60.39 16.28
N VAL A 64 -2.49 -59.33 15.59
CA VAL A 64 -1.41 -58.46 16.07
C VAL A 64 -1.67 -57.00 15.72
N ASP A 65 -0.93 -56.14 16.39
CA ASP A 65 -1.00 -54.71 16.10
C ASP A 65 0.10 -54.36 15.10
N VAL A 66 -0.25 -54.06 13.86
CA VAL A 66 0.80 -53.83 12.85
C VAL A 66 1.53 -52.49 13.03
N ALA A 67 1.04 -51.65 13.94
CA ALA A 67 1.67 -50.38 14.23
C ALA A 67 2.88 -50.57 15.13
N THR A 68 3.19 -51.82 15.47
CA THR A 68 4.35 -52.10 16.29
C THR A 68 5.34 -53.01 15.55
N PRO A 69 6.66 -52.80 15.75
CA PRO A 69 7.64 -53.71 15.15
C PRO A 69 7.43 -55.19 15.52
N GLU A 70 7.01 -55.46 16.77
CA GLU A 70 6.73 -56.83 17.24
C GLU A 70 5.60 -57.46 16.44
N GLY A 71 4.54 -56.67 16.30
CA GLY A 71 3.37 -57.07 15.53
C GLY A 71 3.81 -57.43 14.10
N VAL A 72 4.58 -56.55 13.47
CA VAL A 72 5.03 -56.88 12.11
C VAL A 72 5.89 -58.15 12.08
N ASP A 73 6.78 -58.30 13.06
CA ASP A 73 7.68 -59.46 13.02
C ASP A 73 6.81 -60.74 13.16
N ALA A 74 5.71 -60.66 13.90
CA ALA A 74 4.83 -61.86 14.02
C ALA A 74 4.16 -62.21 12.70
N VAL A 75 3.69 -61.17 11.95
CA VAL A 75 3.13 -61.42 10.63
C VAL A 75 4.13 -62.14 9.74
N VAL A 76 5.35 -61.61 9.69
CA VAL A 76 6.42 -62.17 8.90
C VAL A 76 6.74 -63.62 9.29
N GLU A 77 6.85 -63.87 10.61
CA GLU A 77 7.18 -65.22 11.09
C GLU A 77 6.04 -66.19 10.80
N SER A 78 4.81 -65.76 11.01
CA SER A 78 3.64 -66.63 10.71
C SER A 78 3.53 -67.00 9.20
N VAL A 79 3.77 -66.01 8.35
CA VAL A 79 3.74 -66.25 6.90
C VAL A 79 4.82 -67.23 6.50
N ARG A 80 6.01 -67.01 7.04
CA ARG A 80 7.11 -67.90 6.79
C ARG A 80 6.81 -69.36 7.21
N SER A 81 6.33 -69.55 8.43
CA SER A 81 6.02 -70.89 8.93
C SER A 81 4.96 -71.65 8.17
N SER A 82 3.89 -70.94 7.78
CA SER A 82 2.77 -71.59 7.15
C SER A 82 2.90 -71.70 5.64
N PHE A 83 3.54 -70.72 5.01
CA PHE A 83 3.50 -70.59 3.54
C PHE A 83 4.86 -70.48 2.88
N GLY A 84 5.90 -70.27 3.66
CA GLY A 84 7.22 -69.95 3.11
C GLY A 84 7.43 -68.45 2.93
N GLY A 85 6.49 -67.81 2.25
CA GLY A 85 6.66 -66.42 1.87
C GLY A 85 5.36 -65.93 1.27
N ALA A 86 5.31 -64.65 0.96
CA ALA A 86 4.14 -64.04 0.38
C ALA A 86 4.35 -63.78 -1.09
N ASP A 87 3.28 -63.82 -1.88
CA ASP A 87 3.38 -63.37 -3.29
C ASP A 87 2.81 -61.99 -3.47
N ILE A 88 1.84 -61.66 -2.59
CA ILE A 88 1.11 -60.39 -2.62
C ILE A 88 1.04 -59.85 -1.19
N LEU A 89 1.25 -58.54 -1.07
CA LEU A 89 1.08 -57.82 0.20
C LEU A 89 0.20 -56.58 -0.06
N VAL A 90 -0.90 -56.46 0.66
CA VAL A 90 -1.74 -55.28 0.62
C VAL A 90 -1.66 -54.61 2.01
N ASN A 91 -1.14 -53.37 2.03
CA ASN A 91 -1.12 -52.61 3.27
C ASN A 91 -2.42 -51.85 3.34
N ASN A 92 -3.31 -52.26 4.24
CA ASN A 92 -4.62 -51.63 4.27
C ASN A 92 -4.95 -51.14 5.67
N ALA A 93 -4.30 -51.70 6.71
CA ALA A 93 -4.59 -51.23 8.07
C ALA A 93 -4.41 -49.71 8.22
N GLY A 94 -5.43 -49.03 8.77
CA GLY A 94 -5.28 -47.58 8.97
C GLY A 94 -6.59 -46.98 9.47
N THR A 95 -6.62 -45.70 9.81
CA THR A 95 -7.92 -45.19 10.33
C THR A 95 -7.92 -43.67 10.20
N GLY A 96 -9.11 -43.07 10.13
CA GLY A 96 -9.24 -41.59 9.99
C GLY A 96 -8.69 -40.88 11.22
N SER A 97 -8.52 -39.56 11.12
CA SER A 97 -8.17 -38.80 12.32
C SER A 97 -9.18 -37.66 12.48
N ASN A 98 -8.92 -36.80 13.47
CA ASN A 98 -9.88 -35.74 13.83
C ASN A 98 -9.25 -34.81 14.87
N GLU A 99 -8.69 -33.70 14.40
CA GLU A 99 -7.98 -32.79 15.31
C GLU A 99 -7.69 -31.48 14.61
N THR A 100 -7.16 -30.51 15.37
CA THR A 100 -6.52 -29.36 14.75
C THR A 100 -5.04 -29.55 15.02
N ILE A 101 -4.22 -28.98 14.15
CA ILE A 101 -2.78 -28.93 14.41
C ILE A 101 -2.48 -28.18 15.71
N MET A 102 -3.25 -27.13 16.01
CA MET A 102 -2.94 -26.34 17.20
C MET A 102 -3.11 -27.15 18.48
N GLU A 103 -4.00 -28.13 18.45
CA GLU A 103 -4.36 -28.84 19.67
C GLU A 103 -3.84 -30.28 19.76
N ALA A 104 -3.52 -30.93 18.62
CA ALA A 104 -3.09 -32.34 18.72
C ALA A 104 -1.78 -32.62 19.51
N ALA A 105 -1.79 -33.71 20.26
CA ALA A 105 -0.59 -34.11 20.98
C ALA A 105 0.39 -34.73 20.00
N ASP A 106 1.67 -34.53 20.31
CA ASP A 106 2.77 -35.18 19.61
C ASP A 106 2.55 -36.70 19.49
N GLU A 107 2.10 -37.36 20.56
CA GLU A 107 1.87 -38.80 20.54
C GLU A 107 0.84 -39.22 19.51
N LYS A 108 -0.16 -38.37 19.27
CA LYS A 108 -1.11 -38.66 18.19
C LYS A 108 -0.43 -38.67 16.82
N TRP A 109 0.35 -37.62 16.51
CA TRP A 109 1.18 -37.67 15.31
C TRP A 109 1.95 -38.98 15.22
N GLN A 110 2.61 -39.36 16.33
CA GLN A 110 3.54 -40.52 16.31
C GLN A 110 2.74 -41.74 15.95
N PHE A 111 1.56 -41.85 16.56
CA PHE A 111 0.73 -43.05 16.37
C PHE A 111 0.30 -43.26 14.90
N TYR A 112 -0.12 -42.23 14.21
CA TYR A 112 -0.52 -42.38 12.78
C TYR A 112 0.68 -42.61 11.87
N TRP A 113 1.83 -42.07 12.26
CA TRP A 113 3.09 -42.31 11.56
C TRP A 113 3.44 -43.79 11.64
N GLU A 114 3.37 -44.37 12.83
CA GLU A 114 3.66 -45.82 13.02
C GLU A 114 2.67 -46.69 12.25
N LEU A 115 1.40 -46.31 12.29
CA LEU A 115 0.34 -47.10 11.69
C LEU A 115 0.31 -47.00 10.17
N HIS A 116 0.41 -45.79 9.66
CA HIS A 116 0.20 -45.64 8.20
C HIS A 116 1.50 -45.80 7.42
N VAL A 117 2.61 -45.40 8.05
CA VAL A 117 3.86 -45.42 7.29
C VAL A 117 4.77 -46.52 7.82
N MET A 118 5.09 -46.51 9.13
CA MET A 118 6.07 -47.47 9.61
C MET A 118 5.62 -48.93 9.41
N ALA A 119 4.33 -49.22 9.52
CA ALA A 119 3.85 -50.59 9.17
C ALA A 119 4.24 -51.05 7.75
N ALA A 120 4.06 -50.16 6.77
CA ALA A 120 4.39 -50.49 5.39
C ALA A 120 5.92 -50.65 5.20
N VAL A 121 6.70 -49.82 5.89
CA VAL A 121 8.15 -49.86 5.80
C VAL A 121 8.61 -51.22 6.36
N ARG A 122 8.08 -51.59 7.52
CA ARG A 122 8.55 -52.79 8.22
C ARG A 122 8.06 -54.04 7.54
N LEU A 123 6.83 -53.97 7.00
CA LEU A 123 6.33 -55.14 6.21
C LEU A 123 7.09 -55.32 4.92
N ALA A 124 7.54 -54.24 4.27
CA ALA A 124 8.39 -54.36 3.10
C ALA A 124 9.72 -54.99 3.50
N ARG A 125 10.32 -54.48 4.57
CA ARG A 125 11.62 -55.06 5.00
C ARG A 125 11.42 -56.54 5.29
N GLY A 126 10.31 -56.91 5.89
CA GLY A 126 10.24 -58.29 6.41
C GLY A 126 9.77 -59.30 5.36
N LEU A 127 8.97 -58.84 4.39
CA LEU A 127 8.41 -59.75 3.39
C LEU A 127 9.05 -59.72 2.01
N VAL A 128 9.67 -58.61 1.64
CA VAL A 128 10.28 -58.55 0.31
C VAL A 128 11.26 -59.70 0.04
N PRO A 129 12.07 -60.13 1.03
CA PRO A 129 13.09 -61.12 0.68
C PRO A 129 12.44 -62.42 0.28
N GLY A 130 11.36 -62.81 0.96
CA GLY A 130 10.62 -64.04 0.62
C GLY A 130 9.95 -63.95 -0.74
N MET A 131 9.37 -62.78 -1.02
CA MET A 131 8.72 -62.53 -2.27
C MET A 131 9.74 -62.55 -3.40
N ARG A 132 10.88 -61.94 -3.16
CA ARG A 132 11.98 -62.03 -4.09
C ARG A 132 12.34 -63.51 -4.37
N ALA A 133 12.46 -64.31 -3.33
CA ALA A 133 12.87 -65.71 -3.49
C ALA A 133 11.83 -66.50 -4.25
N ARG A 134 10.57 -66.07 -4.21
CA ARG A 134 9.53 -66.77 -4.90
C ARG A 134 9.43 -66.34 -6.35
N GLY A 135 10.26 -65.39 -6.80
CA GLY A 135 10.25 -64.92 -8.17
C GLY A 135 9.60 -63.55 -8.41
N GLY A 136 9.10 -62.93 -7.34
CA GLY A 136 8.55 -61.58 -7.48
C GLY A 136 7.17 -61.51 -6.86
N GLY A 137 6.44 -60.44 -7.11
CA GLY A 137 5.15 -60.31 -6.45
C GLY A 137 4.64 -58.91 -6.63
N ALA A 138 3.64 -58.58 -5.84
CA ALA A 138 2.94 -57.29 -5.94
C ALA A 138 2.70 -56.77 -4.53
N ILE A 139 2.85 -55.45 -4.36
CA ILE A 139 2.58 -54.86 -3.06
C ILE A 139 1.70 -53.65 -3.35
N ILE A 140 0.59 -53.50 -2.62
CA ILE A 140 -0.23 -52.34 -2.75
C ILE A 140 -0.26 -51.57 -1.45
N HIS A 141 -0.26 -50.24 -1.53
CA HIS A 141 -0.52 -49.37 -0.39
C HIS A 141 -1.85 -48.66 -0.58
N ASN A 142 -2.78 -48.86 0.37
CA ASN A 142 -4.06 -48.19 0.40
C ASN A 142 -3.81 -46.91 1.14
N ALA A 143 -3.69 -45.81 0.41
CA ALA A 143 -3.49 -44.56 1.09
C ALA A 143 -4.85 -43.89 1.19
N SER A 144 -5.16 -42.94 0.29
CA SER A 144 -6.48 -42.26 0.37
C SER A 144 -6.48 -41.10 -0.58
N ILE A 145 -7.66 -40.69 -1.04
CA ILE A 145 -7.73 -39.44 -1.79
C ILE A 145 -7.13 -38.29 -0.94
N CYS A 146 -7.24 -38.38 0.39
CA CYS A 146 -6.65 -37.37 1.29
C CYS A 146 -5.14 -37.19 1.20
N ALA A 147 -4.46 -38.20 0.66
CA ALA A 147 -3.04 -38.13 0.42
C ALA A 147 -2.69 -37.02 -0.50
N VAL A 148 -3.62 -36.61 -1.38
CA VAL A 148 -3.39 -35.43 -2.25
C VAL A 148 -4.41 -34.29 -2.06
N GLN A 149 -5.60 -34.62 -1.62
CA GLN A 149 -6.62 -33.60 -1.50
C GLN A 149 -7.10 -33.65 -0.05
N PRO A 150 -6.47 -32.83 0.78
CA PRO A 150 -6.64 -33.07 2.22
C PRO A 150 -8.03 -32.67 2.72
N LEU A 151 -8.58 -33.42 3.67
CA LEU A 151 -9.91 -33.05 4.26
C LEU A 151 -9.65 -32.19 5.47
N TRP A 152 -10.41 -31.11 5.65
CA TRP A 152 -10.01 -30.09 6.65
C TRP A 152 -9.89 -30.60 8.08
N TYR A 153 -10.70 -31.59 8.44
CA TYR A 153 -10.80 -32.01 9.82
C TYR A 153 -9.75 -33.05 10.25
N GLU A 154 -8.96 -33.60 9.31
CA GLU A 154 -8.02 -34.63 9.70
C GLU A 154 -6.58 -34.38 9.17
N PRO A 155 -5.93 -33.32 9.66
CA PRO A 155 -4.57 -33.01 9.19
C PRO A 155 -3.56 -34.17 9.42
N ILE A 156 -3.62 -34.88 10.55
CA ILE A 156 -2.65 -35.96 10.78
C ILE A 156 -2.81 -37.10 9.75
N TYR A 157 -4.08 -37.48 9.54
CA TYR A 157 -4.43 -38.44 8.48
C TYR A 157 -3.88 -37.98 7.15
N ASN A 158 -4.17 -36.73 6.78
CA ASN A 158 -3.67 -36.23 5.45
C ASN A 158 -2.15 -36.35 5.31
N VAL A 159 -1.44 -35.91 6.36
CA VAL A 159 0.03 -35.90 6.32
C VAL A 159 0.59 -37.32 6.24
N THR A 160 0.04 -38.22 7.04
CA THR A 160 0.63 -39.55 7.13
C THR A 160 0.26 -40.35 5.87
N LYS A 161 -0.93 -40.09 5.30
CA LYS A 161 -1.30 -40.77 4.09
C LYS A 161 -0.49 -40.21 2.91
N ALA A 162 -0.24 -38.89 2.92
CA ALA A 162 0.69 -38.31 1.95
C ALA A 162 2.06 -39.01 2.05
N ALA A 163 2.57 -39.16 3.27
CA ALA A 163 3.90 -39.80 3.42
C ALA A 163 3.82 -41.23 2.88
N LEU A 164 2.71 -41.91 3.13
CA LEU A 164 2.57 -43.31 2.70
C LEU A 164 2.58 -43.37 1.15
N MET A 165 1.86 -42.46 0.52
CA MET A 165 1.87 -42.44 -0.98
C MET A 165 3.27 -42.23 -1.58
N MET A 166 4.05 -41.29 -1.01
CA MET A 166 5.46 -41.22 -1.40
C MET A 166 6.22 -42.53 -1.09
N PHE A 167 6.01 -43.08 0.10
CA PHE A 167 6.71 -44.31 0.42
C PHE A 167 6.51 -45.39 -0.66
N SER A 168 5.29 -45.53 -1.11
CA SER A 168 4.91 -46.59 -2.10
C SER A 168 5.74 -46.33 -3.37
N LYS A 169 5.86 -45.05 -3.72
CA LYS A 169 6.60 -44.68 -4.93
C LYS A 169 8.07 -45.03 -4.80
N THR A 170 8.66 -44.70 -3.65
CA THR A 170 10.09 -44.99 -3.43
C THR A 170 10.36 -46.50 -3.32
N LEU A 171 9.46 -47.24 -2.70
CA LEU A 171 9.60 -48.70 -2.68
C LEU A 171 9.50 -49.32 -4.11
N ALA A 172 8.57 -48.81 -4.93
CA ALA A 172 8.41 -49.32 -6.29
C ALA A 172 9.74 -49.24 -7.04
N THR A 173 10.44 -48.12 -6.92
CA THR A 173 11.67 -48.00 -7.68
C THR A 173 12.76 -48.88 -7.07
N GLU A 174 12.72 -49.10 -5.78
CA GLU A 174 13.75 -49.89 -5.16
C GLU A 174 13.56 -51.39 -5.45
N VAL A 175 12.32 -51.87 -5.48
CA VAL A 175 12.16 -53.34 -5.65
C VAL A 175 11.77 -53.86 -7.04
N ILE A 176 11.58 -52.97 -7.99
CA ILE A 176 11.16 -53.48 -9.28
C ILE A 176 12.26 -54.44 -9.84
N LYS A 177 13.50 -54.25 -9.44
CA LYS A 177 14.59 -55.13 -9.91
C LYS A 177 14.39 -56.56 -9.39
N ASP A 178 13.53 -56.72 -8.36
CA ASP A 178 13.20 -58.03 -7.82
C ASP A 178 11.96 -58.61 -8.47
N ASN A 179 11.51 -57.99 -9.57
CA ASN A 179 10.25 -58.38 -10.19
C ASN A 179 9.11 -58.19 -9.20
N ILE A 180 9.24 -57.18 -8.33
CA ILE A 180 8.17 -56.86 -7.37
C ILE A 180 7.56 -55.52 -7.82
N ARG A 181 6.24 -55.53 -8.09
CA ARG A 181 5.55 -54.32 -8.54
C ARG A 181 4.81 -53.67 -7.39
N VAL A 182 5.11 -52.39 -7.12
CA VAL A 182 4.49 -51.70 -6.02
C VAL A 182 3.61 -50.58 -6.54
N ASN A 183 2.35 -50.48 -6.07
CA ASN A 183 1.49 -49.38 -6.46
C ASN A 183 0.64 -48.91 -5.29
N CYS A 184 0.02 -47.75 -5.46
CA CYS A 184 -0.75 -47.14 -4.40
C CYS A 184 -2.16 -47.03 -4.97
N ILE A 185 -3.14 -47.27 -4.12
CA ILE A 185 -4.54 -46.97 -4.49
C ILE A 185 -5.06 -45.94 -3.53
N ASN A 186 -5.74 -44.95 -4.06
CA ASN A 186 -6.27 -43.84 -3.24
C ASN A 186 -7.82 -43.82 -3.34
N PRO A 187 -8.51 -44.43 -2.36
CA PRO A 187 -9.95 -44.47 -2.41
C PRO A 187 -10.60 -43.16 -2.02
N GLY A 188 -11.78 -42.95 -2.61
CA GLY A 188 -12.69 -41.84 -2.26
C GLY A 188 -13.58 -42.32 -1.11
N LEU A 189 -14.85 -41.92 -1.15
CA LEU A 189 -15.79 -42.28 -0.11
C LEU A 189 -16.15 -43.74 -0.24
N ILE A 190 -15.78 -44.55 0.74
CA ILE A 190 -16.08 -45.98 0.64
C ILE A 190 -16.98 -46.31 1.80
N LEU A 191 -18.15 -46.88 1.58
CA LEU A 191 -19.07 -47.05 2.72
C LEU A 191 -18.59 -48.13 3.69
N THR A 192 -18.05 -47.75 4.82
CA THR A 192 -17.58 -48.72 5.81
C THR A 192 -18.23 -48.46 7.16
N PRO A 193 -18.06 -49.38 8.14
CA PRO A 193 -18.74 -49.23 9.43
C PRO A 193 -18.49 -47.92 10.14
N ASP A 194 -17.30 -47.35 10.02
CA ASP A 194 -17.09 -46.11 10.77
C ASP A 194 -17.85 -44.96 10.17
N TRP A 195 -18.12 -45.01 8.86
CA TRP A 195 -18.87 -43.94 8.25
C TRP A 195 -20.30 -43.97 8.85
N ILE A 196 -20.85 -45.18 8.99
CA ILE A 196 -22.19 -45.33 9.57
C ILE A 196 -22.22 -44.88 11.03
N LYS A 197 -21.24 -45.33 11.78
CA LYS A 197 -21.14 -44.88 13.19
C LYS A 197 -21.03 -43.34 13.34
N THR A 198 -20.17 -42.75 12.52
CA THR A 198 -20.07 -41.29 12.41
C THR A 198 -21.40 -40.62 12.02
N ALA A 199 -22.05 -41.15 10.98
CA ALA A 199 -23.33 -40.57 10.48
C ALA A 199 -24.37 -40.60 11.60
N LYS A 200 -24.36 -41.67 12.41
CA LYS A 200 -25.32 -41.77 13.54
C LYS A 200 -24.99 -40.81 14.66
N GLU A 201 -23.70 -40.71 14.99
CA GLU A 201 -23.27 -39.80 16.03
C GLU A 201 -23.60 -38.35 15.64
N LEU A 202 -23.33 -38.00 14.40
CA LEU A 202 -23.58 -36.61 14.00
C LEU A 202 -25.04 -36.24 13.80
N THR A 203 -25.92 -37.24 13.65
CA THR A 203 -27.35 -36.99 13.49
C THR A 203 -28.20 -37.29 14.76
N LYS A 204 -27.54 -37.61 15.88
CA LYS A 204 -28.24 -38.10 17.06
C LYS A 204 -29.18 -37.03 17.64
N ASP A 205 -28.84 -35.76 17.46
CA ASP A 205 -29.63 -34.67 18.02
C ASP A 205 -30.51 -33.96 16.98
N ASN A 206 -30.51 -34.39 15.72
CA ASN A 206 -31.36 -33.71 14.71
C ASN A 206 -32.25 -34.60 13.87
N GLY A 207 -32.56 -35.77 14.39
CA GLY A 207 -33.45 -36.63 13.70
C GLY A 207 -32.94 -38.04 13.48
N GLY A 208 -31.64 -38.30 13.67
CA GLY A 208 -31.11 -39.65 13.40
C GLY A 208 -31.15 -40.15 11.95
N ASP A 209 -31.28 -39.26 10.97
CA ASP A 209 -31.34 -39.75 9.59
C ASP A 209 -29.91 -39.94 9.05
N TRP A 210 -29.25 -40.99 9.50
CA TRP A 210 -27.83 -41.17 9.21
C TRP A 210 -27.64 -41.41 7.70
N LYS A 211 -28.60 -42.07 7.05
CA LYS A 211 -28.51 -42.30 5.60
C LYS A 211 -28.53 -40.97 4.85
N GLY A 212 -29.38 -40.04 5.28
CA GLY A 212 -29.40 -38.70 4.67
C GLY A 212 -28.12 -37.94 4.94
N TYR A 213 -27.53 -38.16 6.11
CA TYR A 213 -26.25 -37.53 6.40
C TYR A 213 -25.18 -38.01 5.39
N LEU A 214 -25.06 -39.34 5.24
CA LEU A 214 -24.17 -39.91 4.23
C LEU A 214 -24.49 -39.45 2.80
N GLN A 215 -25.77 -39.41 2.42
CA GLN A 215 -26.12 -38.87 1.09
C GLN A 215 -25.64 -37.43 0.88
N SER A 216 -25.71 -36.59 1.91
CA SER A 216 -25.24 -35.21 1.77
C SER A 216 -23.72 -35.16 1.66
N VAL A 217 -23.01 -36.02 2.39
CA VAL A 217 -21.57 -36.15 2.21
C VAL A 217 -21.19 -36.45 0.74
N ALA A 218 -21.83 -37.47 0.15
CA ALA A 218 -21.60 -37.86 -1.22
C ALA A 218 -22.02 -36.74 -2.17
N ASP A 219 -23.14 -36.09 -1.88
CA ASP A 219 -23.57 -34.94 -2.72
C ASP A 219 -22.58 -33.84 -2.72
N GLU A 220 -21.93 -33.58 -1.60
CA GLU A 220 -20.99 -32.49 -1.57
C GLU A 220 -19.66 -32.89 -2.15
N HIS A 221 -19.30 -34.16 -2.09
CA HIS A 221 -17.94 -34.48 -2.47
C HIS A 221 -17.76 -35.23 -3.81
N ALA A 222 -18.73 -36.07 -4.19
CA ALA A 222 -18.50 -36.95 -5.36
C ALA A 222 -19.52 -36.69 -6.44
N PRO A 223 -19.05 -36.37 -7.66
CA PRO A 223 -19.94 -36.25 -8.83
C PRO A 223 -20.86 -37.49 -8.98
N ILE A 224 -20.39 -38.67 -8.56
CA ILE A 224 -21.21 -39.90 -8.66
C ILE A 224 -22.45 -39.91 -7.70
N LYS A 225 -22.40 -39.03 -6.72
CA LYS A 225 -23.45 -38.86 -5.70
C LYS A 225 -23.79 -40.10 -4.90
N ARG A 226 -22.81 -40.98 -4.68
CA ARG A 226 -22.95 -42.07 -3.73
C ARG A 226 -21.55 -42.48 -3.25
N PHE A 227 -21.52 -43.23 -2.14
CA PHE A 227 -20.35 -43.95 -1.65
C PHE A 227 -20.16 -45.17 -2.53
N ALA A 228 -18.90 -45.64 -2.58
CA ALA A 228 -18.60 -46.96 -3.11
C ALA A 228 -18.86 -48.05 -2.09
N SER A 229 -19.11 -49.27 -2.59
CA SER A 229 -19.13 -50.47 -1.75
C SER A 229 -17.71 -50.92 -1.59
N PRO A 230 -17.41 -51.59 -0.44
CA PRO A 230 -16.07 -52.13 -0.30
C PRO A 230 -15.76 -53.09 -1.45
N GLU A 231 -16.78 -53.81 -1.93
CA GLU A 231 -16.56 -54.79 -2.98
C GLU A 231 -16.15 -54.12 -4.29
N GLU A 232 -16.78 -53.01 -4.65
CA GLU A 232 -16.37 -52.38 -5.88
C GLU A 232 -14.92 -51.87 -5.81
N LEU A 233 -14.51 -51.32 -4.65
CA LEU A 233 -13.11 -50.99 -4.45
C LEU A 233 -12.17 -52.22 -4.56
N ALA A 234 -12.54 -53.34 -3.94
CA ALA A 234 -11.65 -54.48 -3.86
C ALA A 234 -11.26 -54.94 -5.25
N ASN A 235 -12.20 -54.83 -6.19
CA ASN A 235 -11.93 -55.29 -7.54
C ASN A 235 -10.61 -54.71 -8.09
N PHE A 236 -10.36 -53.42 -7.80
CA PHE A 236 -9.18 -52.70 -8.29
C PHE A 236 -7.93 -53.23 -7.65
N PHE A 237 -8.03 -53.57 -6.36
CA PHE A 237 -6.86 -54.14 -5.67
C PHE A 237 -6.49 -55.47 -6.31
N VAL A 238 -7.50 -56.33 -6.56
CA VAL A 238 -7.28 -57.63 -7.16
C VAL A 238 -6.69 -57.49 -8.56
N PHE A 239 -7.27 -56.60 -9.36
CA PHE A 239 -6.74 -56.37 -10.69
C PHE A 239 -5.24 -55.95 -10.67
N LEU A 240 -4.92 -54.94 -9.84
CA LEU A 240 -3.59 -54.43 -9.77
C LEU A 240 -2.58 -55.46 -9.28
N CYS A 241 -3.01 -56.40 -8.46
CA CYS A 241 -2.05 -57.44 -8.03
C CYS A 241 -2.04 -58.68 -8.93
N SER A 242 -2.68 -58.63 -10.11
CA SER A 242 -2.89 -59.83 -10.91
C SER A 242 -1.84 -59.90 -11.99
N GLU A 243 -1.88 -60.99 -12.75
CA GLU A 243 -0.96 -61.14 -13.86
C GLU A 243 -1.38 -60.29 -15.03
N ARG A 244 -2.50 -59.59 -14.89
CA ARG A 244 -2.97 -58.71 -15.96
C ARG A 244 -2.48 -57.27 -15.83
N ALA A 245 -1.80 -56.94 -14.72
CA ALA A 245 -1.36 -55.55 -14.48
C ALA A 245 0.15 -55.44 -14.39
N THR A 246 0.85 -56.17 -15.27
CA THR A 246 2.30 -56.39 -15.12
C THR A 246 3.14 -55.19 -15.53
N TYR A 247 2.51 -54.11 -16.01
CA TYR A 247 3.30 -52.92 -16.36
C TYR A 247 2.97 -51.75 -15.42
N SER A 248 2.16 -52.01 -14.41
CA SER A 248 1.90 -51.02 -13.39
C SER A 248 3.01 -51.01 -12.34
N VAL A 249 3.79 -49.92 -12.32
CA VAL A 249 4.89 -49.79 -11.40
C VAL A 249 4.95 -48.37 -10.86
N GLY A 250 4.90 -48.23 -9.53
CA GLY A 250 5.05 -46.90 -8.93
C GLY A 250 3.93 -45.91 -9.24
N SER A 251 2.73 -46.40 -9.51
CA SER A 251 1.63 -45.51 -9.89
C SER A 251 0.70 -45.36 -8.70
N ALA A 252 -0.11 -44.31 -8.74
CA ALA A 252 -1.14 -44.09 -7.73
C ALA A 252 -2.45 -44.05 -8.51
N TYR A 253 -3.37 -44.93 -8.16
CA TYR A 253 -4.61 -45.06 -8.89
C TYR A 253 -5.73 -44.63 -7.98
N PHE A 254 -6.47 -43.63 -8.42
CA PHE A 254 -7.56 -43.12 -7.57
C PHE A 254 -8.86 -43.88 -7.89
N VAL A 255 -9.65 -44.20 -6.85
CA VAL A 255 -10.88 -44.92 -7.09
C VAL A 255 -11.88 -44.15 -6.27
N ASP A 256 -12.45 -43.11 -6.87
CA ASP A 256 -13.02 -42.01 -6.06
C ASP A 256 -14.27 -41.33 -6.57
N GLY A 257 -14.87 -41.84 -7.65
CA GLY A 257 -16.27 -41.43 -7.98
C GLY A 257 -16.34 -40.01 -8.50
N GLY A 258 -15.17 -39.49 -8.91
CA GLY A 258 -15.04 -38.11 -9.35
C GLY A 258 -14.64 -37.12 -8.28
N MET A 259 -14.39 -37.60 -7.09
CA MET A 259 -14.12 -36.69 -5.96
C MET A 259 -12.85 -35.86 -6.11
N LEU A 260 -11.80 -36.38 -6.77
CA LEU A 260 -10.59 -35.58 -6.95
C LEU A 260 -10.84 -34.39 -7.82
N LYS A 261 -10.51 -33.20 -7.34
CA LYS A 261 -10.96 -32.04 -8.05
C LYS A 261 -10.02 -31.57 -9.15
N THR A 262 -8.82 -32.14 -9.18
CA THR A 262 -7.81 -31.73 -10.12
C THR A 262 -7.42 -32.86 -11.04
N LEU A 263 -6.70 -32.47 -12.08
CA LEU A 263 -6.23 -33.38 -13.11
C LEU A 263 -5.29 -34.42 -12.56
N MET B 1 10.91 -2.85 -5.68
CA MET B 1 9.60 -3.24 -5.10
C MET B 1 9.72 -3.29 -3.59
N ASP B 2 8.85 -2.55 -2.90
CA ASP B 2 8.89 -2.51 -1.44
C ASP B 2 8.29 -3.82 -0.92
N MET B 3 9.03 -4.49 -0.03
CA MET B 3 8.60 -5.76 0.55
C MET B 3 7.74 -5.51 1.78
N GLY B 4 7.90 -4.32 2.36
CA GLY B 4 7.04 -3.93 3.46
C GLY B 4 7.28 -4.75 4.71
N ILE B 5 8.48 -5.30 4.86
CA ILE B 5 8.77 -6.08 6.07
C ILE B 5 9.78 -5.44 7.04
N SER B 6 10.06 -4.16 6.85
CA SER B 6 11.03 -3.52 7.72
C SER B 6 10.52 -3.53 9.16
N GLY B 7 11.37 -3.95 10.11
CA GLY B 7 10.93 -4.00 11.52
C GLY B 7 10.17 -5.26 11.89
N LYS B 8 9.85 -6.16 10.95
CA LYS B 8 9.14 -7.43 11.31
C LYS B 8 10.17 -8.42 11.85
N VAL B 9 9.71 -9.43 12.58
CA VAL B 9 10.59 -10.36 13.25
C VAL B 9 10.50 -11.70 12.51
N ALA B 10 11.60 -12.15 11.93
CA ALA B 10 11.54 -13.41 11.18
C ALA B 10 12.38 -14.48 11.89
N VAL B 11 11.76 -15.63 12.16
CA VAL B 11 12.45 -16.77 12.69
C VAL B 11 12.85 -17.71 11.54
N ILE B 12 14.16 -18.02 11.42
CA ILE B 12 14.63 -18.95 10.37
C ILE B 12 15.37 -20.15 11.01
N THR B 13 14.86 -21.37 10.82
CA THR B 13 15.50 -22.50 11.45
C THR B 13 16.62 -22.99 10.56
N GLY B 14 17.69 -23.46 11.16
CA GLY B 14 18.84 -23.91 10.37
C GLY B 14 19.52 -22.79 9.60
N SER B 15 19.77 -21.68 10.28
CA SER B 15 20.18 -20.50 9.59
C SER B 15 21.63 -20.06 9.88
N SER B 16 22.47 -20.98 10.35
CA SER B 16 23.89 -20.68 10.59
C SER B 16 24.72 -20.86 9.37
N SER B 17 24.16 -21.48 8.34
CA SER B 17 24.87 -21.63 7.05
C SER B 17 23.89 -22.02 5.97
N GLY B 18 24.41 -22.10 4.74
CA GLY B 18 23.66 -22.60 3.58
C GLY B 18 22.47 -21.74 3.26
N ILE B 19 21.41 -22.40 2.83
CA ILE B 19 20.20 -21.73 2.37
C ILE B 19 19.63 -20.89 3.50
N GLY B 20 19.58 -21.44 4.72
CA GLY B 20 18.90 -20.71 5.86
C GLY B 20 19.63 -19.39 6.17
N LEU B 21 20.96 -19.37 6.08
CA LEU B 21 21.75 -18.12 6.29
C LEU B 21 21.48 -17.15 5.16
N ALA B 22 21.42 -17.64 3.93
CA ALA B 22 21.13 -16.77 2.81
C ALA B 22 19.73 -16.17 3.00
N ILE B 23 18.79 -16.97 3.48
CA ILE B 23 17.44 -16.44 3.66
C ILE B 23 17.52 -15.35 4.74
N ALA B 24 18.27 -15.62 5.80
CA ALA B 24 18.34 -14.65 6.94
C ALA B 24 18.95 -13.28 6.47
N GLU B 25 19.98 -13.36 5.65
CA GLU B 25 20.55 -12.14 5.01
C GLU B 25 19.56 -11.43 4.12
N GLY B 26 18.80 -12.22 3.35
CA GLY B 26 17.77 -11.63 2.49
C GLY B 26 16.72 -10.85 3.31
N PHE B 27 16.24 -11.41 4.44
CA PHE B 27 15.25 -10.70 5.31
C PHE B 27 15.94 -9.48 5.94
N ALA B 28 17.15 -9.68 6.43
CA ALA B 28 17.99 -8.59 6.98
C ALA B 28 18.14 -7.39 6.05
N LYS B 29 18.53 -7.67 4.80
CA LYS B 29 18.60 -6.65 3.78
C LYS B 29 17.31 -5.87 3.71
N GLU B 30 16.18 -6.53 3.97
CA GLU B 30 14.89 -5.84 3.89
C GLU B 30 14.48 -5.15 5.21
N GLY B 31 15.37 -5.19 6.21
CA GLY B 31 15.14 -4.44 7.48
C GLY B 31 14.40 -5.27 8.54
N ALA B 32 14.24 -6.57 8.28
CA ALA B 32 13.66 -7.46 9.26
C ALA B 32 14.67 -7.88 10.31
N HIS B 33 14.21 -7.95 11.55
CA HIS B 33 15.04 -8.42 12.61
C HIS B 33 14.98 -9.95 12.48
N ILE B 34 15.96 -10.62 13.07
CA ILE B 34 16.22 -12.03 12.75
C ILE B 34 16.39 -12.88 13.97
N VAL B 35 15.70 -14.01 13.99
CA VAL B 35 16.02 -15.01 14.97
C VAL B 35 16.73 -16.16 14.28
N LEU B 36 18.00 -16.38 14.64
CA LEU B 36 18.83 -17.45 14.05
C LEU B 36 18.77 -18.66 14.93
N VAL B 37 18.58 -19.84 14.33
CA VAL B 37 18.43 -21.10 15.09
C VAL B 37 19.27 -22.17 14.42
N ALA B 38 20.14 -22.79 15.19
CA ALA B 38 20.96 -23.92 14.71
C ALA B 38 21.61 -24.60 15.91
N ARG B 39 22.19 -25.78 15.72
CA ARG B 39 22.78 -26.52 16.83
C ARG B 39 24.18 -26.06 17.22
N GLN B 40 25.05 -25.82 16.23
CA GLN B 40 26.44 -25.54 16.52
C GLN B 40 26.61 -24.07 16.99
N VAL B 41 26.93 -23.91 18.28
CA VAL B 41 26.98 -22.60 18.95
C VAL B 41 27.98 -21.61 18.30
N ASP B 42 29.13 -22.14 17.89
CA ASP B 42 30.19 -21.31 17.31
C ASP B 42 29.81 -20.70 15.96
N ARG B 43 29.38 -21.55 15.02
CA ARG B 43 28.98 -21.07 13.70
C ARG B 43 27.83 -20.09 13.82
N LEU B 44 26.87 -20.42 14.68
CA LEU B 44 25.73 -19.54 14.93
C LEU B 44 26.18 -18.17 15.46
N HIS B 45 27.01 -18.16 16.50
CA HIS B 45 27.47 -16.91 17.09
C HIS B 45 28.10 -16.00 16.03
N GLU B 46 28.94 -16.55 15.16
CA GLU B 46 29.56 -15.67 14.17
C GLU B 46 28.64 -15.24 13.04
N ALA B 47 27.73 -16.12 12.61
CA ALA B 47 26.74 -15.76 11.60
C ALA B 47 25.92 -14.58 12.14
N ALA B 48 25.59 -14.62 13.43
CA ALA B 48 24.83 -13.54 14.09
C ALA B 48 25.54 -12.17 14.13
N ARG B 49 26.79 -12.17 14.60
CA ARG B 49 27.67 -10.97 14.56
C ARG B 49 27.74 -10.36 13.17
N SER B 50 28.08 -11.19 12.20
CA SER B 50 28.21 -10.74 10.83
C SER B 50 26.89 -10.19 10.26
N LEU B 51 25.74 -10.79 10.60
CA LEU B 51 24.46 -10.17 10.17
C LEU B 51 24.18 -8.77 10.76
N LYS B 52 24.35 -8.61 12.07
CA LYS B 52 24.17 -7.30 12.71
C LYS B 52 25.07 -6.24 12.10
N GLU B 53 26.36 -6.53 11.98
CA GLU B 53 27.27 -5.53 11.42
C GLU B 53 26.82 -5.15 10.01
N LYS B 54 26.67 -6.16 9.17
CA LYS B 54 26.29 -5.95 7.78
C LYS B 54 24.91 -5.31 7.54
N PHE B 55 23.95 -5.53 8.43
CA PHE B 55 22.61 -5.04 8.09
C PHE B 55 21.95 -4.13 9.11
N GLY B 56 22.48 -4.08 10.33
CA GLY B 56 21.94 -3.19 11.35
C GLY B 56 20.51 -3.50 11.76
N VAL B 57 20.17 -4.79 11.83
CA VAL B 57 18.95 -5.18 12.41
C VAL B 57 19.30 -5.89 13.72
N ARG B 58 18.29 -6.13 14.55
CA ARG B 58 18.43 -6.98 15.72
C ARG B 58 18.57 -8.47 15.32
N VAL B 59 19.43 -9.20 16.04
CA VAL B 59 19.66 -10.64 15.76
C VAL B 59 19.72 -11.44 17.04
N LEU B 60 18.81 -12.38 17.19
CA LEU B 60 18.72 -13.22 18.38
C LEU B 60 19.23 -14.63 18.03
N GLU B 61 20.15 -15.18 18.83
CA GLU B 61 20.66 -16.52 18.51
C GLU B 61 19.98 -17.55 19.38
N VAL B 62 19.55 -18.69 18.81
CA VAL B 62 19.01 -19.77 19.67
C VAL B 62 19.67 -21.06 19.24
N ALA B 63 20.58 -21.55 20.07
CA ALA B 63 21.44 -22.67 19.73
C ALA B 63 20.79 -23.95 20.25
N VAL B 64 19.93 -24.57 19.45
CA VAL B 64 19.20 -25.72 19.94
C VAL B 64 18.97 -26.69 18.78
N ASP B 65 18.56 -27.91 19.14
CA ASP B 65 18.16 -28.92 18.19
C ASP B 65 16.63 -28.84 17.95
N VAL B 66 16.20 -28.36 16.76
CA VAL B 66 14.78 -28.08 16.57
C VAL B 66 14.06 -29.41 16.29
N ALA B 67 14.81 -30.51 16.17
CA ALA B 67 14.14 -31.84 16.09
C ALA B 67 13.62 -32.37 17.43
N THR B 68 13.84 -31.64 18.51
CA THR B 68 13.42 -32.10 19.81
C THR B 68 12.38 -31.11 20.33
N PRO B 69 11.40 -31.57 21.10
CA PRO B 69 10.40 -30.66 21.67
C PRO B 69 11.03 -29.59 22.56
N GLU B 70 12.09 -29.96 23.29
CA GLU B 70 12.83 -29.02 24.18
C GLU B 70 13.44 -27.91 23.36
N GLY B 71 14.09 -28.28 22.25
CA GLY B 71 14.69 -27.29 21.36
C GLY B 71 13.65 -26.30 20.85
N VAL B 72 12.53 -26.81 20.33
CA VAL B 72 11.45 -25.90 19.88
C VAL B 72 10.94 -25.02 21.04
N ASP B 73 10.74 -25.57 22.23
CA ASP B 73 10.26 -24.73 23.36
C ASP B 73 11.22 -23.54 23.67
N ALA B 74 12.52 -23.76 23.50
CA ALA B 74 13.56 -22.76 23.78
C ALA B 74 13.48 -21.64 22.74
N VAL B 75 13.17 -22.00 21.49
CA VAL B 75 13.00 -21.01 20.46
C VAL B 75 11.82 -20.13 20.79
N VAL B 76 10.68 -20.78 21.04
CA VAL B 76 9.43 -20.07 21.32
C VAL B 76 9.59 -19.13 22.53
N GLU B 77 10.19 -19.66 23.58
CA GLU B 77 10.49 -18.87 24.79
C GLU B 77 11.42 -17.66 24.58
N SER B 78 12.49 -17.86 23.84
CA SER B 78 13.42 -16.77 23.58
C SER B 78 12.79 -15.73 22.65
N VAL B 79 12.08 -16.17 21.60
CA VAL B 79 11.32 -15.21 20.79
C VAL B 79 10.28 -14.44 21.65
N ARG B 80 9.57 -15.14 22.51
CA ARG B 80 8.58 -14.47 23.36
C ARG B 80 9.25 -13.41 24.23
N SER B 81 10.33 -13.80 24.90
CA SER B 81 11.11 -12.94 25.79
C SER B 81 11.73 -11.75 25.11
N SER B 82 12.32 -11.96 23.94
CA SER B 82 13.05 -10.90 23.27
C SER B 82 12.18 -10.01 22.38
N PHE B 83 11.22 -10.63 21.70
CA PHE B 83 10.38 -9.88 20.72
C PHE B 83 8.89 -9.86 21.00
N GLY B 84 8.38 -10.67 21.92
CA GLY B 84 6.94 -10.80 22.04
C GLY B 84 6.40 -11.96 21.22
N GLY B 85 6.69 -11.95 19.91
CA GLY B 85 6.26 -13.00 18.98
C GLY B 85 7.00 -12.80 17.69
N ALA B 86 6.69 -13.68 16.72
CA ALA B 86 7.24 -13.66 15.39
C ALA B 86 6.19 -13.17 14.39
N ASP B 87 6.64 -12.53 13.33
CA ASP B 87 5.77 -12.14 12.20
C ASP B 87 5.96 -13.12 11.06
N ILE B 88 7.16 -13.71 11.03
CA ILE B 88 7.55 -14.62 9.92
C ILE B 88 8.25 -15.83 10.51
N LEU B 89 7.88 -17.03 10.03
CA LEU B 89 8.56 -18.27 10.43
C LEU B 89 8.97 -19.00 9.12
N VAL B 90 10.26 -19.28 8.95
CA VAL B 90 10.73 -20.10 7.85
C VAL B 90 11.28 -21.40 8.45
N ASN B 91 10.62 -22.51 8.15
CA ASN B 91 11.12 -23.84 8.51
C ASN B 91 12.14 -24.29 7.50
N ASN B 92 13.41 -24.29 7.88
CA ASN B 92 14.42 -24.61 6.90
C ASN B 92 15.34 -25.73 7.33
N ALA B 93 15.50 -25.92 8.63
CA ALA B 93 16.38 -26.95 9.15
C ALA B 93 16.04 -28.33 8.54
N GLY B 94 17.04 -29.03 8.01
CA GLY B 94 16.74 -30.30 7.36
C GLY B 94 18.02 -30.81 6.76
N THR B 95 18.03 -32.05 6.30
CA THR B 95 19.26 -32.56 5.67
C THR B 95 18.93 -33.74 4.77
N GLY B 96 19.81 -34.04 3.82
CA GLY B 96 19.58 -35.16 2.85
C GLY B 96 19.64 -36.50 3.55
N SER B 97 19.15 -37.56 2.92
CA SER B 97 19.41 -38.90 3.44
C SER B 97 20.17 -39.74 2.43
N ASN B 98 20.27 -41.03 2.70
CA ASN B 98 21.10 -41.89 1.86
C ASN B 98 20.98 -43.29 2.35
N GLU B 99 20.13 -44.06 1.69
CA GLU B 99 19.89 -45.44 2.18
C GLU B 99 19.00 -46.21 1.24
N THR B 100 18.89 -47.51 1.51
CA THR B 100 17.81 -48.30 0.91
C THR B 100 16.73 -48.55 1.98
N ILE B 101 15.50 -48.74 1.54
CA ILE B 101 14.41 -49.07 2.48
C ILE B 101 14.73 -50.43 3.15
N MET B 102 15.29 -51.34 2.38
CA MET B 102 15.55 -52.67 2.90
C MET B 102 16.56 -52.61 4.02
N GLU B 103 17.43 -51.61 4.06
CA GLU B 103 18.48 -51.63 5.06
C GLU B 103 18.31 -50.61 6.17
N ALA B 104 17.62 -49.51 5.89
CA ALA B 104 17.53 -48.42 6.90
C ALA B 104 16.90 -48.86 8.23
N ALA B 105 17.48 -48.38 9.32
CA ALA B 105 16.96 -48.70 10.64
C ALA B 105 15.74 -47.84 10.94
N ASP B 106 14.80 -48.38 11.74
CA ASP B 106 13.63 -47.60 12.17
C ASP B 106 14.05 -46.29 12.80
N GLU B 107 15.11 -46.27 13.63
CA GLU B 107 15.64 -45.05 14.25
C GLU B 107 15.91 -43.94 13.25
N LYS B 108 16.38 -44.31 12.06
CA LYS B 108 16.69 -43.31 11.05
C LYS B 108 15.42 -42.70 10.42
N TRP B 109 14.41 -43.52 10.12
CA TRP B 109 13.07 -42.98 9.75
C TRP B 109 12.57 -41.99 10.81
N GLN B 110 12.77 -42.35 12.07
CA GLN B 110 12.23 -41.53 13.17
C GLN B 110 12.92 -40.17 13.23
N PHE B 111 14.23 -40.17 13.02
CA PHE B 111 15.03 -38.97 13.09
C PHE B 111 14.59 -38.00 12.03
N TYR B 112 14.33 -38.49 10.80
CA TYR B 112 13.92 -37.59 9.73
C TYR B 112 12.49 -37.06 9.88
N TRP B 113 11.62 -37.88 10.48
CA TRP B 113 10.25 -37.47 10.80
C TRP B 113 10.28 -36.32 11.81
N GLU B 114 11.11 -36.43 12.84
CA GLU B 114 11.20 -35.41 13.90
C GLU B 114 11.76 -34.14 13.32
N LEU B 115 12.78 -34.29 12.49
CA LEU B 115 13.44 -33.10 12.00
C LEU B 115 12.65 -32.36 10.91
N HIS B 116 12.15 -33.09 9.93
CA HIS B 116 11.48 -32.43 8.79
C HIS B 116 10.00 -32.16 9.10
N VAL B 117 9.33 -33.05 9.82
CA VAL B 117 7.91 -32.80 10.05
C VAL B 117 7.60 -32.26 11.46
N MET B 118 7.99 -32.97 12.49
CA MET B 118 7.61 -32.56 13.85
C MET B 118 8.20 -31.20 14.21
N ALA B 119 9.37 -30.84 13.70
CA ALA B 119 9.85 -29.48 13.99
C ALA B 119 8.83 -28.46 13.52
N ALA B 120 8.27 -28.65 12.30
CA ALA B 120 7.32 -27.68 11.80
C ALA B 120 5.98 -27.72 12.56
N VAL B 121 5.52 -28.89 12.93
CA VAL B 121 4.31 -29.02 13.70
C VAL B 121 4.49 -28.25 15.01
N ARG B 122 5.63 -28.46 15.65
CA ARG B 122 5.84 -27.96 17.04
C ARG B 122 6.02 -26.47 17.02
N LEU B 123 6.73 -25.97 15.99
CA LEU B 123 6.97 -24.51 15.83
C LEU B 123 5.68 -23.83 15.41
N ALA B 124 4.87 -24.46 14.58
CA ALA B 124 3.49 -23.91 14.34
C ALA B 124 2.69 -23.80 15.64
N ARG B 125 2.65 -24.87 16.44
CA ARG B 125 1.91 -24.85 17.72
C ARG B 125 2.49 -23.76 18.62
N GLY B 126 3.80 -23.61 18.66
CA GLY B 126 4.36 -22.69 19.64
C GLY B 126 4.31 -21.21 19.21
N LEU B 127 4.43 -20.92 17.91
CA LEU B 127 4.56 -19.55 17.39
C LEU B 127 3.32 -18.95 16.79
N VAL B 128 2.37 -19.77 16.38
CA VAL B 128 1.18 -19.21 15.75
C VAL B 128 0.39 -18.29 16.68
N PRO B 129 0.28 -18.65 17.98
CA PRO B 129 -0.53 -17.78 18.84
C PRO B 129 0.01 -16.34 18.93
N GLY B 130 1.34 -16.19 19.04
CA GLY B 130 1.97 -14.87 19.07
C GLY B 130 1.84 -14.14 17.74
N MET B 131 1.87 -14.91 16.65
CA MET B 131 1.74 -14.36 15.30
C MET B 131 0.29 -13.85 15.08
N ARG B 132 -0.68 -14.68 15.43
CA ARG B 132 -2.08 -14.28 15.52
C ARG B 132 -2.25 -12.95 16.30
N ALA B 133 -1.60 -12.87 17.45
CA ALA B 133 -1.76 -11.70 18.34
C ALA B 133 -1.14 -10.44 17.75
N ARG B 134 -0.15 -10.61 16.91
CA ARG B 134 0.42 -9.49 16.17
C ARG B 134 -0.34 -9.06 14.92
N GLY B 135 -1.47 -9.69 14.63
CA GLY B 135 -2.29 -9.35 13.42
C GLY B 135 -2.11 -10.26 12.19
N GLY B 136 -1.25 -11.26 12.31
CA GLY B 136 -1.06 -12.24 11.24
C GLY B 136 0.42 -12.46 10.95
N GLY B 137 0.71 -13.11 9.82
CA GLY B 137 2.07 -13.27 9.43
C GLY B 137 2.19 -14.25 8.28
N ALA B 138 3.41 -14.76 8.12
CA ALA B 138 3.72 -15.71 7.04
C ALA B 138 4.60 -16.84 7.56
N ILE B 139 4.33 -18.05 7.07
CA ILE B 139 5.08 -19.23 7.49
C ILE B 139 5.47 -19.91 6.20
N ILE B 140 6.76 -20.25 6.07
CA ILE B 140 7.18 -21.03 4.91
C ILE B 140 7.80 -22.33 5.36
N HIS B 141 7.59 -23.38 4.55
CA HIS B 141 8.24 -24.63 4.76
C HIS B 141 9.15 -24.91 3.56
N ASN B 142 10.45 -25.10 3.80
CA ASN B 142 11.34 -25.41 2.70
C ASN B 142 11.32 -26.93 2.60
N ALA B 143 10.63 -27.46 1.61
CA ALA B 143 10.59 -28.89 1.55
C ALA B 143 11.68 -29.32 0.55
N SER B 144 11.32 -29.70 -0.65
CA SER B 144 12.35 -30.00 -1.68
C SER B 144 11.63 -30.35 -2.96
N ILE B 145 12.33 -30.28 -4.12
CA ILE B 145 11.76 -30.88 -5.35
C ILE B 145 11.50 -32.37 -5.07
N CYS B 146 12.27 -32.98 -4.14
CA CYS B 146 12.10 -34.42 -3.79
C CYS B 146 10.76 -34.81 -3.14
N ALA B 147 10.09 -33.83 -2.56
CA ALA B 147 8.70 -34.01 -2.08
C ALA B 147 7.73 -34.49 -3.11
N VAL B 148 7.94 -34.19 -4.39
CA VAL B 148 7.08 -34.78 -5.44
C VAL B 148 7.83 -35.63 -6.49
N GLN B 149 9.10 -35.34 -6.68
CA GLN B 149 9.92 -36.11 -7.62
C GLN B 149 11.09 -36.74 -6.84
N PRO B 150 10.90 -37.95 -6.34
CA PRO B 150 11.86 -38.56 -5.42
C PRO B 150 13.23 -38.89 -6.08
N LEU B 151 14.32 -38.65 -5.36
CA LEU B 151 15.70 -39.11 -5.83
C LEU B 151 15.93 -40.53 -5.32
N TRP B 152 16.47 -41.37 -6.18
CA TRP B 152 16.52 -42.81 -5.92
C TRP B 152 17.27 -43.14 -4.61
N TYR B 153 18.27 -42.35 -4.27
CA TYR B 153 19.17 -42.70 -3.15
C TYR B 153 18.72 -42.30 -1.75
N GLU B 154 17.66 -41.49 -1.61
CA GLU B 154 17.25 -40.99 -0.28
C GLU B 154 15.74 -41.12 -0.01
N PRO B 155 15.27 -42.38 0.07
CA PRO B 155 13.86 -42.66 0.32
C PRO B 155 13.36 -41.97 1.58
N ILE B 156 14.13 -41.95 2.67
CA ILE B 156 13.62 -41.33 3.91
C ILE B 156 13.41 -39.83 3.74
N TYR B 157 14.39 -39.19 3.10
CA TYR B 157 14.26 -37.79 2.73
C TYR B 157 13.01 -37.58 1.86
N ASN B 158 12.82 -38.40 0.82
CA ASN B 158 11.68 -38.19 -0.11
C ASN B 158 10.34 -38.30 0.65
N VAL B 159 10.20 -39.33 1.49
CA VAL B 159 9.00 -39.56 2.26
C VAL B 159 8.74 -38.45 3.29
N THR B 160 9.77 -38.08 4.07
CA THR B 160 9.49 -37.07 5.09
C THR B 160 9.30 -35.64 4.48
N LYS B 161 9.99 -35.32 3.38
CA LYS B 161 9.75 -34.03 2.67
C LYS B 161 8.36 -34.01 2.00
N ALA B 162 7.92 -35.14 1.45
CA ALA B 162 6.54 -35.26 1.01
C ALA B 162 5.54 -34.98 2.17
N ALA B 163 5.77 -35.59 3.35
CA ALA B 163 4.88 -35.37 4.50
C ALA B 163 4.90 -33.87 4.85
N LEU B 164 6.10 -33.26 4.83
CA LEU B 164 6.23 -31.83 5.16
C LEU B 164 5.43 -30.95 4.20
N MET B 165 5.47 -31.28 2.90
CA MET B 165 4.69 -30.51 1.94
C MET B 165 3.17 -30.60 2.22
N MET B 166 2.69 -31.80 2.60
CA MET B 166 1.29 -31.91 2.95
C MET B 166 1.00 -31.17 4.24
N PHE B 167 1.92 -31.24 5.20
CA PHE B 167 1.72 -30.52 6.45
C PHE B 167 1.54 -29.03 6.18
N SER B 168 2.37 -28.50 5.28
CA SER B 168 2.32 -27.06 4.92
C SER B 168 0.91 -26.72 4.40
N LYS B 169 0.41 -27.52 3.46
CA LYS B 169 -0.97 -27.33 2.98
C LYS B 169 -2.04 -27.37 4.07
N THR B 170 -1.99 -28.36 4.98
CA THR B 170 -2.98 -28.54 6.05
C THR B 170 -2.89 -27.41 7.05
N LEU B 171 -1.69 -26.95 7.35
CA LEU B 171 -1.51 -25.74 8.19
C LEU B 171 -2.10 -24.50 7.53
N ALA B 172 -1.87 -24.33 6.23
CA ALA B 172 -2.33 -23.13 5.55
C ALA B 172 -3.86 -22.99 5.71
N THR B 173 -4.59 -24.09 5.60
CA THR B 173 -6.08 -24.01 5.68
C THR B 173 -6.50 -23.79 7.10
N GLU B 174 -5.76 -24.35 8.04
CA GLU B 174 -6.08 -24.08 9.42
C GLU B 174 -5.84 -22.62 9.91
N VAL B 175 -4.74 -21.98 9.51
CA VAL B 175 -4.42 -20.66 10.12
C VAL B 175 -4.71 -19.46 9.26
N ILE B 176 -5.21 -19.67 8.04
CA ILE B 176 -5.56 -18.50 7.23
C ILE B 176 -6.61 -17.61 7.98
N LYS B 177 -7.41 -18.21 8.86
CA LYS B 177 -8.47 -17.46 9.59
C LYS B 177 -7.79 -16.46 10.53
N ASP B 178 -6.50 -16.71 10.84
CA ASP B 178 -5.71 -15.83 11.71
C ASP B 178 -4.93 -14.81 10.91
N ASN B 179 -5.25 -14.68 9.62
CA ASN B 179 -4.46 -13.82 8.76
C ASN B 179 -2.99 -14.29 8.73
N ILE B 180 -2.78 -15.60 8.88
CA ILE B 180 -1.46 -16.18 8.64
C ILE B 180 -1.43 -16.97 7.30
N ARG B 181 -0.51 -16.61 6.44
CA ARG B 181 -0.35 -17.23 5.12
C ARG B 181 0.80 -18.23 5.16
N VAL B 182 0.49 -19.50 4.88
CA VAL B 182 1.47 -20.58 4.93
C VAL B 182 1.67 -21.11 3.51
N ASN B 183 2.92 -21.21 3.08
CA ASN B 183 3.23 -21.80 1.78
C ASN B 183 4.51 -22.66 1.89
N CYS B 184 4.77 -23.41 0.82
CA CYS B 184 5.87 -24.33 0.76
C CYS B 184 6.77 -23.92 -0.38
N ILE B 185 8.07 -24.07 -0.21
CA ILE B 185 8.96 -23.83 -1.36
C ILE B 185 9.73 -25.13 -1.61
N ASN B 186 9.87 -25.53 -2.88
CA ASN B 186 10.49 -26.79 -3.26
C ASN B 186 11.71 -26.45 -4.12
N PRO B 187 12.90 -26.29 -3.47
CA PRO B 187 14.06 -25.99 -4.29
C PRO B 187 14.56 -27.21 -5.05
N GLY B 188 15.22 -26.92 -6.17
CA GLY B 188 15.96 -27.93 -6.97
C GLY B 188 17.40 -27.94 -6.50
N LEU B 189 18.36 -27.94 -7.43
CA LEU B 189 19.76 -28.04 -7.00
C LEU B 189 20.28 -26.73 -6.48
N ILE B 190 20.62 -26.66 -5.21
CA ILE B 190 21.14 -25.37 -4.67
C ILE B 190 22.53 -25.62 -4.13
N LEU B 191 23.51 -24.82 -4.58
CA LEU B 191 24.89 -25.04 -4.20
C LEU B 191 25.19 -24.75 -2.73
N THR B 192 25.18 -25.78 -1.93
CA THR B 192 25.46 -25.61 -0.50
C THR B 192 26.69 -26.48 -0.15
N PRO B 193 27.24 -26.34 1.08
CA PRO B 193 28.56 -26.97 1.34
C PRO B 193 28.50 -28.49 1.27
N ASP B 194 27.36 -29.09 1.64
CA ASP B 194 27.30 -30.56 1.52
C ASP B 194 27.41 -31.09 0.07
N TRP B 195 26.96 -30.28 -0.90
CA TRP B 195 27.10 -30.68 -2.28
C TRP B 195 28.59 -30.70 -2.64
N ILE B 196 29.29 -29.66 -2.19
CA ILE B 196 30.71 -29.58 -2.44
C ILE B 196 31.46 -30.73 -1.72
N LYS B 197 31.11 -30.96 -0.46
CA LYS B 197 31.72 -32.08 0.28
C LYS B 197 31.53 -33.41 -0.44
N THR B 198 30.30 -33.61 -0.94
CA THR B 198 29.91 -34.80 -1.67
C THR B 198 30.70 -34.93 -3.00
N ALA B 199 30.78 -33.83 -3.73
CA ALA B 199 31.46 -33.83 -5.04
C ALA B 199 32.94 -34.20 -4.83
N LYS B 200 33.53 -33.72 -3.74
CA LYS B 200 34.94 -34.12 -3.44
C LYS B 200 35.10 -35.57 -3.05
N GLU B 201 34.29 -36.02 -2.10
CA GLU B 201 34.30 -37.41 -1.68
C GLU B 201 34.18 -38.35 -2.90
N LEU B 202 33.24 -38.05 -3.79
CA LEU B 202 32.96 -38.91 -4.93
C LEU B 202 33.91 -38.74 -6.08
N THR B 203 34.83 -37.78 -6.01
CA THR B 203 35.83 -37.67 -7.06
C THR B 203 37.24 -37.97 -6.53
N LYS B 204 37.32 -38.38 -5.29
CA LYS B 204 38.60 -38.54 -4.62
C LYS B 204 39.55 -39.42 -5.40
N ASP B 205 38.99 -40.47 -5.99
CA ASP B 205 39.75 -41.55 -6.62
C ASP B 205 39.73 -41.46 -8.15
N ASN B 206 39.13 -40.42 -8.71
CA ASN B 206 39.15 -40.31 -10.17
C ASN B 206 39.56 -38.94 -10.70
N GLY B 207 40.35 -38.21 -9.93
CA GLY B 207 40.95 -36.98 -10.44
C GLY B 207 40.66 -35.74 -9.61
N GLY B 208 39.72 -35.82 -8.69
CA GLY B 208 39.43 -34.68 -7.80
C GLY B 208 38.65 -33.50 -8.43
N ASP B 209 38.09 -33.67 -9.63
CA ASP B 209 37.41 -32.55 -10.29
C ASP B 209 35.97 -32.47 -9.80
N TRP B 210 35.83 -31.96 -8.57
CA TRP B 210 34.54 -31.87 -7.86
C TRP B 210 33.62 -30.91 -8.59
N LYS B 211 34.12 -29.81 -9.16
CA LYS B 211 33.30 -28.94 -10.00
C LYS B 211 32.67 -29.64 -11.22
N GLY B 212 33.43 -30.52 -11.85
CA GLY B 212 32.93 -31.15 -13.04
C GLY B 212 31.90 -32.19 -12.66
N TYR B 213 32.08 -32.78 -11.48
CA TYR B 213 31.06 -33.67 -10.94
C TYR B 213 29.72 -32.91 -10.76
N LEU B 214 29.78 -31.76 -10.07
CA LEU B 214 28.59 -30.94 -9.88
C LEU B 214 27.98 -30.54 -11.24
N GLN B 215 28.85 -30.16 -12.18
CA GLN B 215 28.35 -29.84 -13.52
C GLN B 215 27.64 -31.03 -14.19
N SER B 216 28.20 -32.23 -14.08
CA SER B 216 27.50 -33.41 -14.57
C SER B 216 26.11 -33.63 -13.88
N VAL B 217 26.02 -33.40 -12.58
CA VAL B 217 24.75 -33.44 -11.86
C VAL B 217 23.72 -32.41 -12.40
N ALA B 218 24.15 -31.16 -12.53
CA ALA B 218 23.29 -30.14 -13.07
C ALA B 218 22.88 -30.56 -14.50
N ASP B 219 23.83 -31.03 -15.33
CA ASP B 219 23.55 -31.40 -16.72
C ASP B 219 22.54 -32.51 -16.84
N GLU B 220 22.62 -33.44 -15.91
CA GLU B 220 21.68 -34.53 -15.89
C GLU B 220 20.30 -34.11 -15.46
N HIS B 221 20.20 -33.22 -14.49
CA HIS B 221 18.92 -32.98 -13.84
C HIS B 221 18.21 -31.67 -14.23
N ALA B 222 18.94 -30.62 -14.61
CA ALA B 222 18.31 -29.29 -14.72
C ALA B 222 18.49 -28.74 -16.13
N PRO B 223 17.39 -28.40 -16.82
CA PRO B 223 17.59 -27.75 -18.11
C PRO B 223 18.46 -26.47 -18.08
N ILE B 224 18.47 -25.75 -16.98
CA ILE B 224 19.29 -24.53 -16.90
C ILE B 224 20.82 -24.85 -16.77
N LYS B 225 21.11 -26.11 -16.48
CA LYS B 225 22.49 -26.66 -16.50
C LYS B 225 23.44 -25.97 -15.55
N ARG B 226 22.92 -25.54 -14.40
CA ARG B 226 23.78 -25.08 -13.34
C ARG B 226 22.99 -25.26 -12.05
N PHE B 227 23.70 -25.22 -10.92
CA PHE B 227 23.09 -25.15 -9.59
C PHE B 227 22.62 -23.72 -9.36
N ALA B 228 21.62 -23.51 -8.49
CA ALA B 228 21.34 -22.15 -8.00
C ALA B 228 22.30 -21.73 -6.92
N SER B 229 22.47 -20.43 -6.77
CA SER B 229 23.09 -19.90 -5.54
C SER B 229 22.07 -19.83 -4.41
N PRO B 230 22.53 -19.97 -3.14
CA PRO B 230 21.57 -19.79 -2.03
C PRO B 230 20.90 -18.42 -2.07
N GLU B 231 21.64 -17.39 -2.48
CA GLU B 231 21.05 -16.06 -2.54
C GLU B 231 19.89 -15.98 -3.58
N GLU B 232 20.07 -16.64 -4.71
CA GLU B 232 19.06 -16.74 -5.75
C GLU B 232 17.75 -17.26 -5.16
N LEU B 233 17.84 -18.43 -4.54
CA LEU B 233 16.70 -19.05 -3.82
C LEU B 233 16.10 -18.12 -2.77
N ALA B 234 16.97 -17.52 -1.95
CA ALA B 234 16.47 -16.71 -0.85
C ALA B 234 15.52 -15.62 -1.32
N ASN B 235 15.76 -15.06 -2.49
CA ASN B 235 14.81 -14.00 -3.00
C ASN B 235 13.35 -14.43 -2.96
N PHE B 236 13.08 -15.70 -3.28
CA PHE B 236 11.68 -16.23 -3.37
C PHE B 236 11.11 -16.38 -1.98
N PHE B 237 11.95 -16.80 -1.04
CA PHE B 237 11.55 -16.78 0.38
C PHE B 237 11.13 -15.39 0.86
N VAL B 238 11.99 -14.41 0.64
CA VAL B 238 11.64 -13.06 1.09
C VAL B 238 10.40 -12.54 0.38
N PHE B 239 10.32 -12.71 -0.93
CA PHE B 239 9.11 -12.33 -1.65
C PHE B 239 7.85 -12.97 -1.06
N LEU B 240 7.87 -14.29 -0.84
CA LEU B 240 6.64 -14.95 -0.39
C LEU B 240 6.21 -14.53 1.00
N CYS B 241 7.16 -14.11 1.83
CA CYS B 241 6.83 -13.65 3.18
C CYS B 241 6.58 -12.12 3.21
N SER B 242 6.47 -11.47 2.04
CA SER B 242 6.46 -9.98 2.00
C SER B 242 5.02 -9.52 1.91
N GLU B 243 4.82 -8.22 2.00
CA GLU B 243 3.49 -7.65 1.82
C GLU B 243 3.04 -7.66 0.34
N ARG B 244 3.90 -8.12 -0.56
CA ARG B 244 3.56 -8.14 -1.99
C ARG B 244 2.96 -9.50 -2.37
N ALA B 245 3.02 -10.48 -1.44
CA ALA B 245 2.47 -11.84 -1.73
C ALA B 245 1.26 -12.25 -0.89
N THR B 246 0.30 -11.34 -0.78
CA THR B 246 -0.78 -11.48 0.16
C THR B 246 -1.88 -12.40 -0.34
N TYR B 247 -1.78 -12.90 -1.58
CA TYR B 247 -2.82 -13.82 -2.02
C TYR B 247 -2.26 -15.26 -2.16
N SER B 248 -1.02 -15.47 -1.72
CA SER B 248 -0.44 -16.81 -1.73
C SER B 248 -0.79 -17.55 -0.44
N VAL B 249 -1.57 -18.63 -0.59
CA VAL B 249 -2.04 -19.41 0.52
C VAL B 249 -2.09 -20.90 0.15
N GLY B 250 -1.36 -21.68 0.93
CA GLY B 250 -1.35 -23.15 0.79
C GLY B 250 -0.85 -23.60 -0.57
N SER B 251 0.04 -22.82 -1.15
CA SER B 251 0.68 -23.22 -2.43
C SER B 251 2.08 -23.84 -2.23
N ALA B 252 2.57 -24.55 -3.25
CA ALA B 252 3.90 -25.13 -3.27
C ALA B 252 4.57 -24.51 -4.50
N TYR B 253 5.65 -23.79 -4.25
CA TYR B 253 6.30 -23.03 -5.30
C TYR B 253 7.69 -23.67 -5.60
N PHE B 254 7.88 -24.12 -6.83
CA PHE B 254 9.12 -24.83 -7.10
C PHE B 254 10.14 -23.83 -7.62
N VAL B 255 11.40 -23.96 -7.20
CA VAL B 255 12.43 -23.05 -7.66
C VAL B 255 13.57 -23.96 -8.08
N ASP B 256 13.56 -24.42 -9.32
CA ASP B 256 14.31 -25.66 -9.62
C ASP B 256 15.00 -25.73 -10.96
N GLY B 257 15.10 -24.58 -11.65
CA GLY B 257 15.89 -24.50 -12.92
C GLY B 257 15.38 -25.41 -14.01
N GLY B 258 14.10 -25.80 -13.90
CA GLY B 258 13.51 -26.73 -14.85
C GLY B 258 13.60 -28.18 -14.45
N MET B 259 14.10 -28.46 -13.23
CA MET B 259 14.31 -29.84 -12.82
C MET B 259 13.04 -30.69 -12.77
N LEU B 260 11.89 -30.09 -12.39
CA LEU B 260 10.67 -30.88 -12.28
C LEU B 260 10.24 -31.38 -13.64
N LYS B 261 10.01 -32.68 -13.78
CA LYS B 261 9.86 -33.25 -15.12
C LYS B 261 8.42 -33.24 -15.59
N THR B 262 7.51 -32.98 -14.66
CA THR B 262 6.12 -32.95 -14.92
C THR B 262 5.52 -31.58 -14.71
N LEU B 263 4.28 -31.47 -15.17
CA LEU B 263 3.50 -30.23 -15.16
C LEU B 263 3.24 -29.70 -13.79
N MET C 1 -15.53 4.73 7.79
CA MET C 1 -16.33 5.93 8.16
C MET C 1 -17.23 6.33 7.01
N ASP C 2 -18.54 6.44 7.27
CA ASP C 2 -19.51 6.81 6.22
C ASP C 2 -19.34 8.29 5.92
N MET C 3 -19.26 8.63 4.64
CA MET C 3 -19.09 10.03 4.23
C MET C 3 -20.44 10.74 4.03
N GLY C 4 -21.50 9.93 3.86
CA GLY C 4 -22.87 10.44 3.72
C GLY C 4 -23.12 11.25 2.45
N ILE C 5 -22.38 10.94 1.39
CA ILE C 5 -22.52 11.66 0.10
C ILE C 5 -23.01 10.79 -1.09
N SER C 6 -23.51 9.57 -0.82
CA SER C 6 -23.96 8.81 -2.02
C SER C 6 -25.17 9.48 -2.61
N GLY C 7 -25.18 9.53 -3.93
CA GLY C 7 -26.28 10.21 -4.67
C GLY C 7 -26.15 11.74 -4.72
N LYS C 8 -25.13 12.35 -4.09
CA LYS C 8 -24.95 13.82 -4.22
C LYS C 8 -24.20 14.09 -5.48
N VAL C 9 -24.28 15.33 -5.96
CA VAL C 9 -23.81 15.66 -7.30
C VAL C 9 -22.54 16.54 -7.06
N ALA C 10 -21.38 16.08 -7.55
CA ALA C 10 -20.13 16.82 -7.30
C ALA C 10 -19.52 17.34 -8.60
N VAL C 11 -19.30 18.65 -8.67
CA VAL C 11 -18.73 19.24 -9.82
C VAL C 11 -17.26 19.48 -9.52
N ILE C 12 -16.38 18.88 -10.35
CA ILE C 12 -14.92 19.04 -10.23
C ILE C 12 -14.31 19.68 -11.48
N THR C 13 -13.75 20.89 -11.33
CA THR C 13 -13.10 21.48 -12.46
C THR C 13 -11.71 20.90 -12.68
N GLY C 14 -11.29 20.76 -13.95
CA GLY C 14 -9.91 20.22 -14.21
C GLY C 14 -9.77 18.76 -13.80
N SER C 15 -10.78 17.97 -14.15
CA SER C 15 -10.90 16.65 -13.57
C SER C 15 -10.70 15.53 -14.60
N SER C 16 -10.06 15.84 -15.71
CA SER C 16 -9.78 14.80 -16.72
C SER C 16 -8.46 14.12 -16.50
N SER C 17 -7.63 14.70 -15.63
CA SER C 17 -6.39 14.03 -15.23
C SER C 17 -5.86 14.62 -13.93
N GLY C 18 -4.76 14.04 -13.47
CA GLY C 18 -4.03 14.51 -12.27
C GLY C 18 -4.90 14.58 -11.02
N ILE C 19 -4.70 15.65 -10.25
CA ILE C 19 -5.41 15.74 -8.96
C ILE C 19 -6.92 15.70 -9.15
N GLY C 20 -7.41 16.44 -10.15
CA GLY C 20 -8.87 16.54 -10.31
C GLY C 20 -9.55 15.21 -10.63
N LEU C 21 -8.93 14.41 -11.48
CA LEU C 21 -9.42 13.03 -11.74
C LEU C 21 -9.39 12.14 -10.47
N ALA C 22 -8.29 12.18 -9.73
CA ALA C 22 -8.22 11.49 -8.44
C ALA C 22 -9.34 11.95 -7.51
N ILE C 23 -9.59 13.26 -7.48
CA ILE C 23 -10.73 13.76 -6.68
C ILE C 23 -12.04 13.15 -7.16
N ALA C 24 -12.28 13.17 -8.49
CA ALA C 24 -13.53 12.61 -9.00
C ALA C 24 -13.69 11.10 -8.66
N GLU C 25 -12.60 10.32 -8.81
CA GLU C 25 -12.59 8.92 -8.39
C GLU C 25 -12.94 8.78 -6.92
N GLY C 26 -12.42 9.68 -6.07
CA GLY C 26 -12.66 9.52 -4.64
C GLY C 26 -14.13 9.80 -4.28
N PHE C 27 -14.73 10.80 -4.94
CA PHE C 27 -16.16 11.09 -4.69
C PHE C 27 -17.02 9.94 -5.25
N ALA C 28 -16.67 9.45 -6.44
CA ALA C 28 -17.37 8.30 -7.06
C ALA C 28 -17.32 7.03 -6.19
N LYS C 29 -16.15 6.79 -5.60
CA LYS C 29 -16.02 5.69 -4.69
C LYS C 29 -17.02 5.82 -3.57
N GLU C 30 -17.39 7.03 -3.19
CA GLU C 30 -18.33 7.21 -2.10
C GLU C 30 -19.81 7.27 -2.53
N GLY C 31 -20.06 6.97 -3.81
CA GLY C 31 -21.39 6.98 -4.40
C GLY C 31 -21.90 8.31 -4.93
N ALA C 32 -21.03 9.32 -4.99
CA ALA C 32 -21.42 10.61 -5.56
C ALA C 32 -21.42 10.58 -7.08
N HIS C 33 -22.42 11.23 -7.68
CA HIS C 33 -22.45 11.44 -9.12
C HIS C 33 -21.48 12.58 -9.46
N ILE C 34 -20.99 12.59 -10.68
CA ILE C 34 -19.84 13.41 -11.01
C ILE C 34 -20.09 14.31 -12.19
N VAL C 35 -19.75 15.60 -12.06
CA VAL C 35 -19.68 16.42 -13.26
C VAL C 35 -18.21 16.70 -13.54
N LEU C 36 -17.71 16.17 -14.67
CA LEU C 36 -16.30 16.40 -15.05
C LEU C 36 -16.17 17.59 -15.97
N VAL C 37 -15.15 18.41 -15.74
CA VAL C 37 -14.97 19.61 -16.52
C VAL C 37 -13.53 19.74 -16.93
N ALA C 38 -13.24 19.91 -18.23
CA ALA C 38 -11.88 20.09 -18.72
C ALA C 38 -11.99 20.53 -20.18
N ARG C 39 -10.87 20.86 -20.82
CA ARG C 39 -10.92 21.38 -22.20
C ARG C 39 -10.86 20.26 -23.25
N GLN C 40 -9.90 19.34 -23.11
CA GLN C 40 -9.74 18.27 -24.10
C GLN C 40 -10.84 17.18 -24.06
N VAL C 41 -11.61 17.09 -25.14
CA VAL C 41 -12.76 16.18 -25.27
C VAL C 41 -12.48 14.67 -25.04
N ASP C 42 -11.37 14.17 -25.62
CA ASP C 42 -11.03 12.74 -25.57
C ASP C 42 -10.66 12.21 -24.16
N ARG C 43 -9.73 12.87 -23.49
CA ARG C 43 -9.40 12.51 -22.09
C ARG C 43 -10.66 12.57 -21.25
N LEU C 44 -11.47 13.60 -21.47
CA LEU C 44 -12.68 13.73 -20.72
C LEU C 44 -13.62 12.48 -20.91
N HIS C 45 -13.83 12.03 -22.16
CA HIS C 45 -14.63 10.78 -22.37
C HIS C 45 -14.04 9.55 -21.64
N GLU C 46 -12.72 9.34 -21.72
CA GLU C 46 -12.04 8.23 -21.01
C GLU C 46 -12.37 8.25 -19.54
N ALA C 47 -12.22 9.44 -18.92
CA ALA C 47 -12.38 9.59 -17.48
C ALA C 47 -13.80 9.25 -17.06
N ALA C 48 -14.76 9.82 -17.78
CA ALA C 48 -16.17 9.54 -17.59
C ALA C 48 -16.45 8.03 -17.72
N ARG C 49 -15.86 7.43 -18.75
CA ARG C 49 -16.10 6.00 -19.00
C ARG C 49 -15.57 5.16 -17.83
N SER C 50 -14.33 5.38 -17.37
CA SER C 50 -13.83 4.57 -16.22
C SER C 50 -14.63 4.81 -14.98
N LEU C 51 -15.01 6.07 -14.74
CA LEU C 51 -15.75 6.34 -13.53
C LEU C 51 -17.05 5.56 -13.57
N LYS C 52 -17.75 5.59 -14.71
CA LYS C 52 -19.03 4.89 -14.75
C LYS C 52 -18.83 3.38 -14.55
N GLU C 53 -17.83 2.83 -15.24
CA GLU C 53 -17.54 1.40 -15.13
C GLU C 53 -17.11 1.01 -13.72
N LYS C 54 -16.10 1.68 -13.15
CA LYS C 54 -15.58 1.31 -11.81
C LYS C 54 -16.57 1.54 -10.69
N PHE C 55 -17.39 2.59 -10.81
CA PHE C 55 -18.14 3.05 -9.65
C PHE C 55 -19.64 3.04 -9.76
N GLY C 56 -20.15 2.96 -10.99
CA GLY C 56 -21.58 2.81 -11.17
C GLY C 56 -22.35 4.04 -10.78
N VAL C 57 -21.73 5.22 -10.89
CA VAL C 57 -22.46 6.47 -10.63
C VAL C 57 -22.69 7.15 -11.97
N ARG C 58 -23.54 8.17 -11.97
CA ARG C 58 -23.79 8.98 -13.15
C ARG C 58 -22.64 9.96 -13.30
N VAL C 59 -22.22 10.16 -14.54
CA VAL C 59 -21.11 11.07 -14.86
C VAL C 59 -21.46 11.94 -16.05
N LEU C 60 -21.31 13.25 -15.90
CA LEU C 60 -21.60 14.18 -16.98
C LEU C 60 -20.29 14.83 -17.36
N GLU C 61 -20.06 15.02 -18.67
CA GLU C 61 -18.86 15.70 -19.18
C GLU C 61 -19.17 17.09 -19.74
N VAL C 62 -18.36 18.07 -19.34
CA VAL C 62 -18.52 19.42 -19.86
C VAL C 62 -17.17 19.84 -20.38
N ALA C 63 -17.03 19.94 -21.70
CA ALA C 63 -15.72 20.17 -22.31
C ALA C 63 -15.55 21.66 -22.63
N VAL C 64 -15.13 22.46 -21.63
CA VAL C 64 -15.09 23.92 -21.77
C VAL C 64 -13.87 24.51 -21.09
N ASP C 65 -13.62 25.77 -21.37
CA ASP C 65 -12.51 26.47 -20.73
C ASP C 65 -13.06 27.25 -19.54
N VAL C 66 -12.72 26.84 -18.32
CA VAL C 66 -13.34 27.51 -17.14
C VAL C 66 -12.74 28.89 -16.87
N ALA C 67 -11.66 29.26 -17.57
CA ALA C 67 -11.13 30.64 -17.46
C ALA C 67 -11.96 31.66 -18.21
N THR C 68 -13.06 31.23 -18.84
CA THR C 68 -13.87 32.18 -19.59
C THR C 68 -15.28 32.23 -18.99
N PRO C 69 -15.92 33.41 -18.99
CA PRO C 69 -17.29 33.40 -18.51
C PRO C 69 -18.24 32.46 -19.27
N GLU C 70 -18.02 32.27 -20.57
CA GLU C 70 -18.90 31.43 -21.39
C GLU C 70 -18.71 29.99 -20.95
N GLY C 71 -17.45 29.62 -20.75
CA GLY C 71 -17.16 28.28 -20.27
C GLY C 71 -17.90 28.05 -18.95
N VAL C 72 -17.83 29.01 -18.02
CA VAL C 72 -18.47 28.76 -16.71
C VAL C 72 -19.99 28.66 -16.91
N ASP C 73 -20.53 29.51 -17.77
CA ASP C 73 -21.98 29.48 -17.99
C ASP C 73 -22.39 28.11 -18.56
N ALA C 74 -21.53 27.50 -19.39
CA ALA C 74 -21.86 26.16 -19.97
C ALA C 74 -21.92 25.12 -18.87
N VAL C 75 -20.95 25.17 -17.94
CA VAL C 75 -20.94 24.27 -16.81
C VAL C 75 -22.21 24.37 -16.01
N VAL C 76 -22.61 25.59 -15.66
CA VAL C 76 -23.78 25.84 -14.89
C VAL C 76 -25.03 25.30 -15.63
N GLU C 77 -25.13 25.59 -16.93
CA GLU C 77 -26.33 25.18 -17.70
C GLU C 77 -26.39 23.65 -17.82
N SER C 78 -25.23 23.03 -18.05
CA SER C 78 -25.17 21.57 -18.14
C SER C 78 -25.57 20.88 -16.81
N VAL C 79 -25.02 21.36 -15.71
CA VAL C 79 -25.43 20.86 -14.40
C VAL C 79 -26.92 21.02 -14.15
N ARG C 80 -27.44 22.20 -14.50
CA ARG C 80 -28.85 22.49 -14.34
C ARG C 80 -29.72 21.50 -15.13
N SER C 81 -29.37 21.31 -16.39
CA SER C 81 -30.09 20.48 -17.31
C SER C 81 -30.12 19.00 -16.95
N SER C 82 -28.97 18.47 -16.49
CA SER C 82 -28.86 17.08 -16.13
C SER C 82 -29.26 16.68 -14.69
N PHE C 83 -28.97 17.55 -13.71
CA PHE C 83 -29.03 17.21 -12.28
C PHE C 83 -29.90 18.16 -11.47
N GLY C 84 -30.29 19.29 -12.04
CA GLY C 84 -30.96 20.31 -11.22
C GLY C 84 -29.95 21.32 -10.71
N GLY C 85 -28.97 20.82 -9.96
CA GLY C 85 -28.06 21.66 -9.22
C GLY C 85 -26.93 20.78 -8.70
N ALA C 86 -25.96 21.43 -8.09
CA ALA C 86 -24.81 20.76 -7.49
C ALA C 86 -24.96 20.72 -5.99
N ASP C 87 -24.42 19.68 -5.34
CA ASP C 87 -24.31 19.66 -3.87
C ASP C 87 -22.89 19.97 -3.44
N ILE C 88 -21.95 19.65 -4.32
CA ILE C 88 -20.51 19.82 -4.08
C ILE C 88 -19.85 20.46 -5.30
N LEU C 89 -18.97 21.43 -5.07
CA LEU C 89 -18.15 22.06 -6.12
C LEU C 89 -16.68 22.06 -5.67
N VAL C 90 -15.79 21.49 -6.50
CA VAL C 90 -14.39 21.57 -6.23
C VAL C 90 -13.75 22.40 -7.35
N ASN C 91 -13.20 23.56 -6.96
CA ASN C 91 -12.44 24.36 -7.90
C ASN C 91 -11.02 23.81 -7.95
N ASN C 92 -10.66 23.13 -9.03
CA ASN C 92 -9.34 22.51 -9.09
C ASN C 92 -8.56 22.89 -10.34
N ALA C 93 -9.25 23.31 -11.40
CA ALA C 93 -8.54 23.75 -12.62
C ALA C 93 -7.50 24.85 -12.33
N GLY C 94 -6.27 24.62 -12.78
CA GLY C 94 -5.22 25.60 -12.54
C GLY C 94 -3.89 25.09 -13.07
N THR C 95 -2.86 25.93 -13.08
CA THR C 95 -1.58 25.39 -13.58
C THR C 95 -0.44 26.24 -13.06
N GLY C 96 0.77 25.65 -12.99
CA GLY C 96 2.00 26.37 -12.61
C GLY C 96 2.32 27.57 -13.48
N SER C 97 3.15 28.48 -12.98
CA SER C 97 3.67 29.53 -13.85
C SER C 97 5.19 29.45 -13.84
N ASN C 98 5.83 30.44 -14.48
CA ASN C 98 7.29 30.37 -14.71
C ASN C 98 7.74 31.66 -15.35
N GLU C 99 8.21 32.59 -14.52
CA GLU C 99 8.58 33.92 -15.05
C GLU C 99 9.27 34.76 -14.04
N THR C 100 9.76 35.92 -14.50
CA THR C 100 10.10 36.95 -13.55
C THR C 100 9.06 38.04 -13.69
N ILE C 101 8.85 38.77 -12.60
CA ILE C 101 8.01 39.96 -12.61
C ILE C 101 8.57 40.99 -13.60
N MET C 102 9.89 41.10 -13.65
CA MET C 102 10.49 42.09 -14.56
C MET C 102 10.14 41.82 -16.02
N GLU C 103 9.94 40.55 -16.36
CA GLU C 103 9.77 40.23 -17.79
C GLU C 103 8.37 39.77 -18.17
N ALA C 104 7.56 39.31 -17.22
CA ALA C 104 6.23 38.82 -17.64
C ALA C 104 5.28 39.86 -18.29
N ALA C 105 4.54 39.44 -19.30
CA ALA C 105 3.59 40.34 -19.92
C ALA C 105 2.34 40.45 -19.07
N ASP C 106 1.69 41.61 -19.18
CA ASP C 106 0.41 41.88 -18.52
C ASP C 106 -0.63 40.77 -18.85
N GLU C 107 -0.65 40.32 -20.10
CA GLU C 107 -1.58 39.26 -20.50
C GLU C 107 -1.40 37.96 -19.73
N LYS C 108 -0.18 37.66 -19.32
CA LYS C 108 0.06 36.44 -18.54
C LYS C 108 -0.56 36.63 -17.16
N TRP C 109 -0.31 37.78 -16.53
CA TRP C 109 -0.98 38.08 -15.26
C TRP C 109 -2.48 37.85 -15.41
N GLN C 110 -3.04 38.39 -16.51
CA GLN C 110 -4.51 38.40 -16.68
C GLN C 110 -4.97 36.96 -16.79
N PHE C 111 -4.23 36.17 -17.56
CA PHE C 111 -4.62 34.78 -17.80
C PHE C 111 -4.75 33.98 -16.50
N TYR C 112 -3.75 34.07 -15.60
CA TYR C 112 -3.82 33.33 -14.32
C TYR C 112 -4.85 33.87 -13.34
N TRP C 113 -5.11 35.16 -13.43
CA TRP C 113 -6.20 35.77 -12.64
C TRP C 113 -7.54 35.18 -13.07
N GLU C 114 -7.80 35.11 -14.37
CA GLU C 114 -9.05 34.52 -14.89
C GLU C 114 -9.16 33.03 -14.52
N LEU C 115 -8.07 32.30 -14.63
CA LEU C 115 -8.10 30.85 -14.40
C LEU C 115 -8.21 30.51 -12.90
N HIS C 116 -7.36 31.12 -12.08
CA HIS C 116 -7.32 30.71 -10.67
C HIS C 116 -8.37 31.39 -9.78
N VAL C 117 -8.70 32.65 -10.10
CA VAL C 117 -9.62 33.42 -9.27
C VAL C 117 -10.97 33.59 -9.96
N MET C 118 -10.98 34.14 -11.18
CA MET C 118 -12.28 34.46 -11.75
C MET C 118 -13.09 33.19 -12.00
N ALA C 119 -12.47 32.06 -12.33
CA ALA C 119 -13.27 30.82 -12.44
C ALA C 119 -14.04 30.50 -11.14
N ALA C 120 -13.39 30.66 -9.98
CA ALA C 120 -14.05 30.31 -8.71
C ALA C 120 -15.15 31.33 -8.36
N VAL C 121 -14.91 32.61 -8.64
CA VAL C 121 -15.92 33.64 -8.45
C VAL C 121 -17.17 33.36 -9.32
N ARG C 122 -16.96 33.04 -10.59
CA ARG C 122 -18.08 32.84 -11.51
C ARG C 122 -18.80 31.55 -11.23
N LEU C 123 -18.04 30.53 -10.83
CA LEU C 123 -18.70 29.25 -10.46
C LEU C 123 -19.51 29.37 -9.19
N ALA C 124 -19.02 30.14 -8.20
CA ALA C 124 -19.83 30.44 -7.03
C ALA C 124 -21.11 31.16 -7.42
N ARG C 125 -20.99 32.23 -8.20
CA ARG C 125 -22.19 32.99 -8.60
C ARG C 125 -23.14 32.04 -9.31
N GLY C 126 -22.64 31.15 -10.12
CA GLY C 126 -23.55 30.41 -11.01
C GLY C 126 -24.18 29.17 -10.35
N LEU C 127 -23.46 28.56 -9.39
CA LEU C 127 -23.91 27.33 -8.74
C LEU C 127 -24.44 27.46 -7.31
N VAL C 128 -24.01 28.49 -6.58
CA VAL C 128 -24.53 28.67 -5.22
C VAL C 128 -26.09 28.68 -5.18
N PRO C 129 -26.80 29.37 -6.13
CA PRO C 129 -28.27 29.45 -6.01
C PRO C 129 -28.92 28.06 -6.01
N GLY C 130 -28.46 27.22 -6.89
CA GLY C 130 -28.92 25.80 -6.91
C GLY C 130 -28.58 24.96 -5.68
N MET C 131 -27.37 25.16 -5.15
CA MET C 131 -26.94 24.50 -3.94
C MET C 131 -27.75 24.94 -2.76
N ARG C 132 -27.97 26.25 -2.67
CA ARG C 132 -28.87 26.76 -1.66
C ARG C 132 -30.26 26.05 -1.74
N ALA C 133 -30.83 26.04 -2.94
CA ALA C 133 -32.14 25.40 -3.19
C ALA C 133 -32.21 23.92 -2.82
N ARG C 134 -31.07 23.24 -2.87
CA ARG C 134 -31.01 21.84 -2.49
C ARG C 134 -30.77 21.65 -1.00
N GLY C 135 -30.58 22.73 -0.24
CA GLY C 135 -30.45 22.59 1.23
C GLY C 135 -29.02 22.85 1.74
N GLY C 136 -28.10 23.15 0.83
CA GLY C 136 -26.74 23.53 1.24
C GLY C 136 -25.74 22.71 0.45
N GLY C 137 -24.49 22.72 0.88
CA GLY C 137 -23.48 21.99 0.17
C GLY C 137 -22.12 22.38 0.62
N ALA C 138 -21.13 22.02 -0.19
CA ALA C 138 -19.74 22.24 0.13
C ALA C 138 -19.00 22.68 -1.14
N ILE C 139 -18.06 23.61 -0.97
CA ILE C 139 -17.26 24.15 -2.05
C ILE C 139 -15.85 24.10 -1.53
N ILE C 140 -14.91 23.57 -2.33
CA ILE C 140 -13.51 23.61 -1.93
C ILE C 140 -12.73 24.32 -3.01
N HIS C 141 -11.74 25.11 -2.59
CA HIS C 141 -10.80 25.71 -3.53
C HIS C 141 -9.46 25.05 -3.36
N ASN C 142 -8.92 24.49 -4.45
CA ASN C 142 -7.59 23.91 -4.42
C ASN C 142 -6.68 25.05 -4.73
N ALA C 143 -6.02 25.60 -3.73
CA ALA C 143 -5.08 26.65 -4.01
C ALA C 143 -3.65 26.06 -4.09
N SER C 144 -2.83 26.15 -3.03
CA SER C 144 -1.46 25.59 -3.09
C SER C 144 -0.72 25.98 -1.86
N ILE C 145 0.31 25.22 -1.50
CA ILE C 145 1.19 25.72 -0.44
C ILE C 145 1.75 27.08 -0.92
N CYS C 146 1.86 27.28 -2.23
CA CYS C 146 2.41 28.55 -2.75
C CYS C 146 1.59 29.79 -2.45
N ALA C 147 0.30 29.61 -2.12
CA ALA C 147 -0.57 30.69 -1.67
C ALA C 147 -0.05 31.35 -0.43
N VAL C 148 0.76 30.64 0.37
CA VAL C 148 1.40 31.26 1.55
C VAL C 148 2.93 31.20 1.55
N GLN C 149 3.51 30.23 0.86
CA GLN C 149 4.97 30.12 0.92
C GLN C 149 5.41 30.10 -0.53
N PRO C 150 5.73 31.27 -1.08
CA PRO C 150 5.84 31.43 -2.51
C PRO C 150 7.07 30.71 -3.05
N LEU C 151 6.97 30.11 -4.23
CA LEU C 151 8.16 29.48 -4.86
C LEU C 151 8.81 30.50 -5.77
N TRP C 152 10.13 30.58 -5.76
CA TRP C 152 10.79 31.70 -6.41
C TRP C 152 10.51 31.87 -7.91
N TYR C 153 10.34 30.77 -8.64
CA TYR C 153 10.21 30.78 -10.08
C TYR C 153 8.82 31.13 -10.64
N GLU C 154 7.80 31.19 -9.79
CA GLU C 154 6.44 31.41 -10.29
C GLU C 154 5.64 32.46 -9.53
N PRO C 155 6.10 33.72 -9.61
CA PRO C 155 5.38 34.81 -8.90
C PRO C 155 3.91 34.97 -9.33
N ILE C 156 3.56 34.80 -10.61
CA ILE C 156 2.14 34.94 -10.98
C ILE C 156 1.26 33.89 -10.32
N TYR C 157 1.77 32.66 -10.33
CA TYR C 157 1.13 31.56 -9.62
C TYR C 157 0.97 31.91 -8.15
N ASN C 158 2.06 32.34 -7.51
CA ASN C 158 2.00 32.67 -6.06
C ASN C 158 0.90 33.70 -5.79
N VAL C 159 0.86 34.74 -6.60
CA VAL C 159 -0.06 35.85 -6.32
C VAL C 159 -1.52 35.43 -6.54
N THR C 160 -1.75 34.71 -7.62
CA THR C 160 -3.14 34.40 -7.98
C THR C 160 -3.70 33.29 -7.06
N LYS C 161 -2.81 32.38 -6.64
CA LYS C 161 -3.18 31.38 -5.66
C LYS C 161 -3.40 32.01 -4.27
N ALA C 162 -2.58 33.01 -3.91
CA ALA C 162 -2.89 33.79 -2.71
C ALA C 162 -4.27 34.45 -2.81
N ALA C 163 -4.53 35.08 -3.93
CA ALA C 163 -5.84 35.75 -4.11
C ALA C 163 -6.95 34.68 -3.99
N LEU C 164 -6.73 33.49 -4.55
CA LEU C 164 -7.75 32.42 -4.48
C LEU C 164 -8.00 31.97 -3.02
N MET C 165 -6.94 31.81 -2.25
CA MET C 165 -7.10 31.46 -0.82
C MET C 165 -7.92 32.51 -0.05
N MET C 166 -7.62 33.78 -0.27
CA MET C 166 -8.49 34.78 0.34
C MET C 166 -9.92 34.72 -0.24
N PHE C 167 -10.07 34.47 -1.55
CA PHE C 167 -11.42 34.39 -2.09
C PHE C 167 -12.25 33.30 -1.35
N SER C 168 -11.62 32.17 -1.10
CA SER C 168 -12.31 31.03 -0.43
C SER C 168 -12.82 31.49 0.93
N LYS C 169 -11.96 32.20 1.66
CA LYS C 169 -12.31 32.72 3.01
C LYS C 169 -13.52 33.66 2.94
N THR C 170 -13.50 34.59 1.98
CA THR C 170 -14.59 35.56 1.89
C THR C 170 -15.91 34.94 1.40
N LEU C 171 -15.83 33.98 0.48
CA LEU C 171 -16.99 33.19 0.10
C LEU C 171 -17.57 32.39 1.29
N ALA C 172 -16.70 31.81 2.14
CA ALA C 172 -17.17 30.99 3.25
C ALA C 172 -18.03 31.84 4.22
N THR C 173 -17.59 33.07 4.46
CA THR C 173 -18.41 33.90 5.36
C THR C 173 -19.70 34.39 4.68
N GLU C 174 -19.68 34.60 3.39
CA GLU C 174 -20.87 35.01 2.69
C GLU C 174 -21.94 33.90 2.56
N VAL C 175 -21.52 32.67 2.28
CA VAL C 175 -22.56 31.61 2.08
C VAL C 175 -22.86 30.64 3.22
N ILE C 176 -22.16 30.77 4.34
CA ILE C 176 -22.44 29.83 5.43
C ILE C 176 -23.96 29.95 5.83
N LYS C 177 -24.55 31.12 5.68
CA LYS C 177 -25.96 31.26 6.06
C LYS C 177 -26.85 30.45 5.10
N ASP C 178 -26.29 29.99 3.97
CA ASP C 178 -27.02 29.06 3.08
C ASP C 178 -26.78 27.60 3.37
N ASN C 179 -26.15 27.32 4.51
CA ASN C 179 -25.74 25.99 4.87
C ASN C 179 -24.75 25.49 3.83
N ILE C 180 -23.96 26.41 3.26
CA ILE C 180 -22.91 26.00 2.28
C ILE C 180 -21.56 26.23 2.99
N ARG C 181 -20.75 25.18 3.12
CA ARG C 181 -19.45 25.23 3.79
C ARG C 181 -18.36 25.36 2.72
N VAL C 182 -17.54 26.39 2.84
CA VAL C 182 -16.46 26.64 1.90
C VAL C 182 -15.11 26.51 2.60
N ASN C 183 -14.19 25.72 2.02
CA ASN C 183 -12.86 25.61 2.54
C ASN C 183 -11.82 25.58 1.44
N CYS C 184 -10.56 25.75 1.83
CA CYS C 184 -9.47 25.78 0.89
C CYS C 184 -8.55 24.61 1.28
N ILE C 185 -7.96 23.99 0.28
CA ILE C 185 -6.93 23.02 0.49
C ILE C 185 -5.69 23.48 -0.24
N ASN C 186 -4.57 23.42 0.48
CA ASN C 186 -3.26 23.84 -0.03
C ASN C 186 -2.30 22.66 -0.12
N PRO C 187 -2.22 22.01 -1.30
CA PRO C 187 -1.32 20.89 -1.42
C PRO C 187 0.13 21.31 -1.56
N GLY C 188 0.99 20.38 -1.14
CA GLY C 188 2.44 20.46 -1.30
C GLY C 188 2.81 19.75 -2.60
N LEU C 189 3.89 18.97 -2.59
CA LEU C 189 4.36 18.32 -3.80
C LEU C 189 3.45 17.17 -4.15
N ILE C 190 2.70 17.28 -5.24
CA ILE C 190 1.83 16.14 -5.58
C ILE C 190 2.24 15.56 -6.90
N LEU C 191 2.52 14.27 -6.96
CA LEU C 191 3.11 13.76 -8.23
C LEU C 191 2.12 13.71 -9.37
N THR C 192 2.19 14.67 -10.25
CA THR C 192 1.28 14.71 -11.39
C THR C 192 2.10 14.75 -12.69
N PRO C 193 1.43 14.60 -13.85
CA PRO C 193 2.09 14.47 -15.14
C PRO C 193 3.04 15.62 -15.47
N ASP C 194 2.70 16.85 -15.12
CA ASP C 194 3.62 17.95 -15.42
C ASP C 194 4.92 17.90 -14.63
N TRP C 195 4.87 17.32 -13.41
CA TRP C 195 6.10 17.21 -12.66
C TRP C 195 7.03 16.28 -13.47
N ILE C 196 6.46 15.19 -13.98
CA ILE C 196 7.28 14.23 -14.72
C ILE C 196 7.84 14.86 -15.99
N LYS C 197 6.98 15.55 -16.71
CA LYS C 197 7.45 16.26 -17.91
C LYS C 197 8.58 17.22 -17.61
N THR C 198 8.42 18.03 -16.55
CA THR C 198 9.51 18.96 -16.23
C THR C 198 10.78 18.25 -15.73
N ALA C 199 10.62 17.15 -15.01
CA ALA C 199 11.78 16.39 -14.50
C ALA C 199 12.56 15.84 -15.71
N LYS C 200 11.85 15.41 -16.75
CA LYS C 200 12.53 14.94 -17.98
C LYS C 200 13.18 16.08 -18.73
N GLU C 201 12.45 17.17 -18.91
CA GLU C 201 13.01 18.33 -19.59
C GLU C 201 14.28 18.84 -18.87
N LEU C 202 14.23 18.91 -17.55
CA LEU C 202 15.38 19.45 -16.81
C LEU C 202 16.57 18.52 -16.74
N THR C 203 16.36 17.22 -16.94
CA THR C 203 17.45 16.26 -16.90
C THR C 203 17.91 15.79 -18.33
N LYS C 204 17.36 16.40 -19.40
CA LYS C 204 17.61 15.89 -20.76
C LYS C 204 19.10 15.93 -21.10
N ASP C 205 19.80 16.93 -20.58
CA ASP C 205 21.20 17.08 -20.91
C ASP C 205 22.16 16.50 -19.86
N ASN C 206 21.66 15.98 -18.74
CA ASN C 206 22.60 15.45 -17.72
C ASN C 206 22.34 14.02 -17.27
N GLY C 207 21.71 13.22 -18.12
CA GLY C 207 21.62 11.80 -17.89
C GLY C 207 20.20 11.30 -17.84
N GLY C 208 19.23 12.21 -17.96
CA GLY C 208 17.81 11.82 -17.95
C GLY C 208 17.27 11.09 -16.72
N ASP C 209 17.91 11.22 -15.56
CA ASP C 209 17.39 10.53 -14.36
C ASP C 209 16.28 11.40 -13.75
N TRP C 210 15.09 11.35 -14.36
CA TRP C 210 14.02 12.28 -13.97
C TRP C 210 13.52 11.89 -12.58
N LYS C 211 13.48 10.60 -12.28
CA LYS C 211 13.08 10.19 -10.93
C LYS C 211 14.04 10.75 -9.86
N GLY C 212 15.34 10.75 -10.15
CA GLY C 212 16.29 11.34 -9.17
C GLY C 212 16.15 12.84 -9.06
N TYR C 213 15.78 13.49 -10.17
CA TYR C 213 15.45 14.89 -10.12
C TYR C 213 14.26 15.13 -9.15
N LEU C 214 13.12 14.44 -9.38
CA LEU C 214 12.00 14.53 -8.44
C LEU C 214 12.38 14.20 -6.98
N GLN C 215 13.17 13.14 -6.79
CA GLN C 215 13.70 12.84 -5.44
C GLN C 215 14.47 14.00 -4.80
N SER C 216 15.28 14.72 -5.57
CA SER C 216 16.01 15.82 -4.96
C SER C 216 15.06 16.99 -4.62
N VAL C 217 14.02 17.18 -5.44
CA VAL C 217 12.99 18.17 -5.14
C VAL C 217 12.30 17.89 -3.78
N ALA C 218 11.88 16.64 -3.58
CA ALA C 218 11.21 16.24 -2.35
C ALA C 218 12.19 16.36 -1.20
N ASP C 219 13.44 15.96 -1.44
CA ASP C 219 14.49 16.06 -0.39
C ASP C 219 14.72 17.48 0.05
N GLU C 220 14.69 18.41 -0.88
CA GLU C 220 14.96 19.78 -0.52
C GLU C 220 13.75 20.42 0.14
N HIS C 221 12.56 19.98 -0.23
CA HIS C 221 11.38 20.72 0.20
C HIS C 221 10.48 20.05 1.30
N ALA C 222 10.39 18.72 1.33
CA ALA C 222 9.44 18.05 2.26
C ALA C 222 10.16 17.13 3.21
N PRO C 223 9.95 17.35 4.52
CA PRO C 223 10.48 16.47 5.55
C PRO C 223 10.08 14.99 5.29
N ILE C 224 8.93 14.76 4.66
CA ILE C 224 8.51 13.38 4.36
C ILE C 224 9.40 12.71 3.27
N LYS C 225 10.15 13.53 2.55
CA LYS C 225 11.08 13.10 1.50
C LYS C 225 10.45 12.30 0.36
N ARG C 226 9.21 12.65 0.00
CA ARG C 226 8.62 12.06 -1.18
C ARG C 226 7.47 12.96 -1.61
N PHE C 227 7.02 12.78 -2.87
CA PHE C 227 5.83 13.44 -3.36
C PHE C 227 4.62 12.67 -2.83
N ALA C 228 3.47 13.37 -2.78
CA ALA C 228 2.22 12.67 -2.55
C ALA C 228 1.66 12.07 -3.82
N SER C 229 0.83 11.03 -3.66
CA SER C 229 0.01 10.55 -4.77
C SER C 229 -1.22 11.41 -4.90
N PRO C 230 -1.74 11.55 -6.14
CA PRO C 230 -3.01 12.26 -6.19
C PRO C 230 -4.11 11.62 -5.34
N GLU C 231 -4.06 10.30 -5.19
CA GLU C 231 -5.07 9.61 -4.39
C GLU C 231 -4.99 9.98 -2.92
N GLU C 232 -3.77 10.06 -2.36
CA GLU C 232 -3.57 10.50 -0.97
C GLU C 232 -4.23 11.83 -0.76
N LEU C 233 -3.96 12.76 -1.68
CA LEU C 233 -4.57 14.09 -1.59
C LEU C 233 -6.10 14.04 -1.69
N ALA C 234 -6.60 13.25 -2.66
CA ALA C 234 -8.04 13.27 -2.94
C ALA C 234 -8.82 12.91 -1.68
N ASN C 235 -8.29 12.01 -0.85
CA ASN C 235 -8.97 11.67 0.40
C ASN C 235 -9.44 12.88 1.21
N PHE C 236 -8.62 13.93 1.24
CA PHE C 236 -8.86 15.09 2.07
C PHE C 236 -9.95 15.91 1.49
N PHE C 237 -10.02 15.95 0.16
CA PHE C 237 -11.10 16.67 -0.48
C PHE C 237 -12.41 15.99 -0.16
N VAL C 238 -12.47 14.68 -0.36
CA VAL C 238 -13.71 13.93 -0.09
C VAL C 238 -14.12 14.11 1.38
N PHE C 239 -13.18 13.93 2.30
CA PHE C 239 -13.52 14.12 3.72
C PHE C 239 -14.09 15.52 3.99
N LEU C 240 -13.41 16.56 3.48
CA LEU C 240 -13.87 17.90 3.73
C LEU C 240 -15.26 18.20 3.15
N CYS C 241 -15.63 17.56 2.05
CA CYS C 241 -16.97 17.77 1.46
C CYS C 241 -18.03 16.80 2.00
N SER C 242 -17.73 16.10 3.10
CA SER C 242 -18.58 15.00 3.55
C SER C 242 -19.46 15.49 4.68
N GLU C 243 -20.37 14.62 5.09
CA GLU C 243 -21.18 14.92 6.26
C GLU C 243 -20.43 14.74 7.56
N ARG C 244 -19.16 14.40 7.50
CA ARG C 244 -18.35 14.26 8.70
C ARG C 244 -17.53 15.52 8.96
N ALA C 245 -17.53 16.48 8.05
CA ALA C 245 -16.72 17.69 8.22
C ALA C 245 -17.61 18.95 8.38
N THR C 246 -18.71 18.80 9.12
CA THR C 246 -19.76 19.81 9.10
C THR C 246 -19.43 21.07 9.91
N TYR C 247 -18.26 21.09 10.59
CA TYR C 247 -17.94 22.32 11.30
C TYR C 247 -16.75 23.02 10.67
N SER C 248 -16.29 22.52 9.53
CA SER C 248 -15.23 23.19 8.79
C SER C 248 -15.76 24.31 7.94
N VAL C 249 -15.38 25.53 8.29
CA VAL C 249 -15.90 26.67 7.59
C VAL C 249 -14.81 27.73 7.46
N GLY C 250 -14.54 28.17 6.23
CA GLY C 250 -13.53 29.22 5.98
C GLY C 250 -12.10 28.86 6.41
N SER C 251 -11.74 27.58 6.41
CA SER C 251 -10.40 27.16 6.82
C SER C 251 -9.53 26.85 5.64
N ALA C 252 -8.21 26.85 5.86
CA ALA C 252 -7.25 26.50 4.81
C ALA C 252 -6.53 25.30 5.39
N TYR C 253 -6.62 24.17 4.71
CA TYR C 253 -6.02 22.94 5.22
C TYR C 253 -4.84 22.56 4.38
N PHE C 254 -3.68 22.43 5.01
CA PHE C 254 -2.50 22.20 4.17
C PHE C 254 -2.26 20.69 4.08
N VAL C 255 -1.91 20.16 2.89
CA VAL C 255 -1.67 18.73 2.78
C VAL C 255 -0.33 18.61 2.11
N ASP C 256 0.75 18.63 2.91
CA ASP C 256 2.02 19.02 2.30
C ASP C 256 3.25 18.32 2.77
N GLY C 257 3.13 17.28 3.60
CA GLY C 257 4.32 16.35 3.83
C GLY C 257 5.36 17.03 4.70
N GLY C 258 4.90 18.12 5.34
CA GLY C 258 5.74 18.97 6.18
C GLY C 258 6.45 20.13 5.50
N MET C 259 6.14 20.37 4.26
CA MET C 259 6.81 21.39 3.48
C MET C 259 6.60 22.82 4.00
N LEU C 260 5.45 23.13 4.60
CA LEU C 260 5.25 24.48 5.12
C LEU C 260 6.23 24.77 6.24
N LYS C 261 7.00 25.86 6.15
CA LYS C 261 8.10 26.01 7.08
C LYS C 261 7.73 26.73 8.36
N THR C 262 6.53 27.31 8.38
CA THR C 262 6.05 28.07 9.52
C THR C 262 4.83 27.47 10.15
N LEU C 263 4.50 28.00 11.32
CA LEU C 263 3.43 27.49 12.14
C LEU C 263 2.13 27.74 11.47
N MET D 1 13.27 -4.51 -2.44
CA MET D 1 14.12 -5.45 -3.23
C MET D 1 14.18 -4.93 -4.67
N ASP D 2 15.38 -4.80 -5.20
CA ASP D 2 15.54 -4.29 -6.57
C ASP D 2 15.14 -5.37 -7.59
N MET D 3 14.21 -5.03 -8.49
CA MET D 3 13.77 -5.95 -9.54
C MET D 3 14.72 -5.98 -10.72
N GLY D 4 15.44 -4.88 -10.98
CA GLY D 4 16.51 -4.91 -11.96
C GLY D 4 15.93 -4.93 -13.36
N ILE D 5 14.73 -4.38 -13.51
CA ILE D 5 14.09 -4.34 -14.82
C ILE D 5 13.86 -2.91 -15.39
N SER D 6 14.46 -1.91 -14.75
CA SER D 6 14.37 -0.53 -15.30
C SER D 6 14.92 -0.50 -16.70
N GLY D 7 14.17 0.08 -17.63
CA GLY D 7 14.63 0.16 -19.00
C GLY D 7 14.39 -1.07 -19.86
N LYS D 8 13.83 -2.12 -19.28
CA LYS D 8 13.51 -3.30 -20.10
C LYS D 8 12.19 -3.10 -20.89
N VAL D 9 12.00 -3.90 -21.94
CA VAL D 9 10.79 -3.77 -22.78
C VAL D 9 9.83 -4.94 -22.46
N ALA D 10 8.65 -4.63 -21.94
CA ALA D 10 7.70 -5.71 -21.55
C ALA D 10 6.50 -5.67 -22.48
N VAL D 11 6.25 -6.77 -23.17
CA VAL D 11 5.04 -6.89 -24.01
C VAL D 11 3.93 -7.58 -23.18
N ILE D 12 2.78 -6.93 -23.00
CA ILE D 12 1.69 -7.56 -22.19
C ILE D 12 0.48 -7.67 -23.08
N THR D 13 0.02 -8.90 -23.33
CA THR D 13 -1.13 -9.05 -24.19
C THR D 13 -2.39 -8.93 -23.32
N GLY D 14 -3.46 -8.34 -23.87
CA GLY D 14 -4.70 -8.15 -23.09
C GLY D 14 -4.54 -7.17 -21.96
N SER D 15 -3.93 -6.02 -22.29
CA SER D 15 -3.48 -5.12 -21.21
C SER D 15 -4.20 -3.79 -21.19
N SER D 16 -5.39 -3.72 -21.80
CA SER D 16 -6.17 -2.44 -21.69
C SER D 16 -7.03 -2.40 -20.44
N SER D 17 -7.26 -3.56 -19.83
CA SER D 17 -7.95 -3.56 -18.56
C SER D 17 -7.63 -4.77 -17.72
N GLY D 18 -8.25 -4.82 -16.54
CA GLY D 18 -8.18 -5.98 -15.66
C GLY D 18 -6.76 -6.36 -15.32
N ILE D 19 -6.51 -7.67 -15.30
CA ILE D 19 -5.27 -8.18 -14.76
C ILE D 19 -4.14 -7.64 -15.62
N GLY D 20 -4.36 -7.59 -16.94
CA GLY D 20 -3.29 -7.19 -17.87
C GLY D 20 -2.85 -5.76 -17.62
N LEU D 21 -3.80 -4.88 -17.32
CA LEU D 21 -3.47 -3.47 -17.09
C LEU D 21 -2.75 -3.36 -15.76
N ALA D 22 -3.16 -4.17 -14.79
CA ALA D 22 -2.49 -4.17 -13.48
C ALA D 22 -1.09 -4.66 -13.65
N ILE D 23 -0.88 -5.65 -14.51
CA ILE D 23 0.49 -6.14 -14.72
C ILE D 23 1.38 -5.10 -15.40
N ALA D 24 0.85 -4.49 -16.47
CA ALA D 24 1.51 -3.33 -17.08
C ALA D 24 1.85 -2.21 -16.07
N GLU D 25 0.93 -1.80 -15.19
CA GLU D 25 1.29 -0.84 -14.14
C GLU D 25 2.41 -1.29 -13.19
N GLY D 26 2.38 -2.57 -12.82
CA GLY D 26 3.43 -3.12 -11.99
C GLY D 26 4.80 -3.03 -12.69
N PHE D 27 4.86 -3.34 -13.97
CA PHE D 27 6.13 -3.23 -14.76
C PHE D 27 6.58 -1.77 -14.92
N ALA D 28 5.59 -0.93 -15.24
CA ALA D 28 5.77 0.54 -15.42
C ALA D 28 6.37 1.21 -14.20
N LYS D 29 5.85 0.81 -13.04
CA LYS D 29 6.34 1.26 -11.78
C LYS D 29 7.82 0.96 -11.61
N GLU D 30 8.25 -0.22 -12.08
CA GLU D 30 9.63 -0.64 -11.95
C GLU D 30 10.47 -0.08 -13.10
N GLY D 31 9.84 0.74 -13.95
CA GLY D 31 10.58 1.52 -14.93
C GLY D 31 10.74 0.81 -16.24
N ALA D 32 9.99 -0.28 -16.43
CA ALA D 32 9.97 -0.95 -17.72
C ALA D 32 9.15 -0.13 -18.70
N HIS D 33 9.59 -0.13 -19.95
CA HIS D 33 8.75 0.34 -21.07
C HIS D 33 7.77 -0.75 -21.47
N ILE D 34 6.60 -0.35 -21.97
CA ILE D 34 5.47 -1.23 -22.08
C ILE D 34 4.96 -1.26 -23.51
N VAL D 35 4.72 -2.46 -24.03
CA VAL D 35 3.95 -2.64 -25.27
C VAL D 35 2.57 -3.16 -24.82
N LEU D 36 1.55 -2.32 -24.97
CA LEU D 36 0.19 -2.76 -24.68
C LEU D 36 -0.53 -3.32 -25.88
N VAL D 37 -1.24 -4.42 -25.66
CA VAL D 37 -1.88 -5.11 -26.79
C VAL D 37 -3.32 -5.45 -26.42
N ALA D 38 -4.29 -4.98 -27.22
CA ALA D 38 -5.72 -5.30 -26.99
C ALA D 38 -6.49 -4.86 -28.22
N ARG D 39 -7.74 -5.31 -28.34
CA ARG D 39 -8.51 -5.05 -29.56
C ARG D 39 -9.11 -3.66 -29.59
N GLN D 40 -9.71 -3.19 -28.50
CA GLN D 40 -10.40 -1.87 -28.51
C GLN D 40 -9.44 -0.69 -28.46
N VAL D 41 -9.44 0.11 -29.52
CA VAL D 41 -8.45 1.15 -29.68
C VAL D 41 -8.52 2.20 -28.58
N ASP D 42 -9.71 2.64 -28.20
CA ASP D 42 -9.73 3.77 -27.27
C ASP D 42 -9.38 3.35 -25.87
N ARG D 43 -9.89 2.19 -25.46
CA ARG D 43 -9.53 1.70 -24.12
C ARG D 43 -8.01 1.53 -24.01
N LEU D 44 -7.40 1.08 -25.09
CA LEU D 44 -5.97 0.87 -25.16
C LEU D 44 -5.24 2.22 -25.12
N HIS D 45 -5.68 3.16 -25.94
CA HIS D 45 -5.10 4.50 -25.94
C HIS D 45 -5.12 5.14 -24.54
N GLU D 46 -6.25 4.99 -23.84
CA GLU D 46 -6.45 5.52 -22.48
C GLU D 46 -5.54 4.85 -21.42
N ALA D 47 -5.39 3.54 -21.57
CA ALA D 47 -4.51 2.82 -20.67
C ALA D 47 -3.08 3.29 -20.91
N ALA D 48 -2.69 3.40 -22.16
CA ALA D 48 -1.34 3.89 -22.50
C ALA D 48 -1.07 5.28 -21.94
N ARG D 49 -2.04 6.18 -22.07
CA ARG D 49 -1.86 7.55 -21.59
C ARG D 49 -1.65 7.54 -20.10
N SER D 50 -2.40 6.71 -19.41
CA SER D 50 -2.37 6.83 -17.98
C SER D 50 -1.07 6.21 -17.40
N LEU D 51 -0.54 5.20 -18.07
CA LEU D 51 0.77 4.63 -17.76
C LEU D 51 1.88 5.64 -18.00
N LYS D 52 1.87 6.22 -19.19
CA LYS D 52 2.85 7.25 -19.55
C LYS D 52 2.86 8.38 -18.56
N GLU D 53 1.67 8.81 -18.17
CA GLU D 53 1.43 9.95 -17.28
C GLU D 53 1.71 9.71 -15.81
N LYS D 54 1.44 8.49 -15.32
CA LYS D 54 1.72 8.09 -13.91
C LYS D 54 3.16 7.66 -13.65
N PHE D 55 3.72 6.96 -14.64
CA PHE D 55 4.98 6.25 -14.43
C PHE D 55 6.11 6.77 -15.25
N GLY D 56 5.80 7.57 -16.28
CA GLY D 56 6.80 8.21 -17.13
C GLY D 56 7.62 7.29 -18.00
N VAL D 57 7.09 6.11 -18.31
CA VAL D 57 7.82 5.14 -19.12
C VAL D 57 7.35 5.30 -20.57
N ARG D 58 8.04 4.73 -21.56
CA ARG D 58 7.50 4.68 -22.92
C ARG D 58 6.36 3.66 -23.05
N VAL D 59 5.30 3.99 -23.77
CA VAL D 59 4.25 3.01 -24.02
C VAL D 59 3.90 2.93 -25.48
N LEU D 60 3.92 1.73 -26.04
CA LEU D 60 3.58 1.50 -27.43
C LEU D 60 2.24 0.77 -27.46
N GLU D 61 1.32 1.20 -28.33
CA GLU D 61 0.02 0.55 -28.39
C GLU D 61 -0.08 -0.27 -29.64
N VAL D 62 -0.57 -1.50 -29.52
CA VAL D 62 -0.78 -2.31 -30.73
C VAL D 62 -2.20 -2.81 -30.62
N ALA D 63 -3.10 -2.25 -31.42
CA ALA D 63 -4.49 -2.61 -31.24
C ALA D 63 -4.83 -3.69 -32.22
N VAL D 64 -4.75 -4.93 -31.77
CA VAL D 64 -4.99 -6.03 -32.64
C VAL D 64 -5.63 -7.17 -31.89
N ASP D 65 -6.19 -8.09 -32.65
CA ASP D 65 -6.60 -9.42 -32.20
C ASP D 65 -5.40 -10.38 -32.12
N VAL D 66 -4.91 -10.71 -30.92
CA VAL D 66 -3.78 -11.67 -30.83
C VAL D 66 -4.17 -13.12 -31.10
N ALA D 67 -5.47 -13.39 -31.28
CA ALA D 67 -5.89 -14.73 -31.64
C ALA D 67 -5.71 -14.99 -33.16
N THR D 68 -5.16 -14.02 -33.90
CA THR D 68 -5.00 -14.20 -35.35
C THR D 68 -3.53 -14.10 -35.66
N PRO D 69 -3.07 -14.82 -36.69
CA PRO D 69 -1.66 -14.72 -37.05
C PRO D 69 -1.29 -13.28 -37.42
N GLU D 70 -2.15 -12.60 -38.18
CA GLU D 70 -1.83 -11.25 -38.65
C GLU D 70 -1.65 -10.28 -37.50
N GLY D 71 -2.50 -10.44 -36.47
CA GLY D 71 -2.41 -9.61 -35.25
C GLY D 71 -1.06 -9.83 -34.54
N VAL D 72 -0.71 -11.10 -34.34
CA VAL D 72 0.63 -11.42 -33.73
C VAL D 72 1.78 -10.81 -34.52
N ASP D 73 1.75 -10.99 -35.86
CA ASP D 73 2.74 -10.35 -36.75
C ASP D 73 2.84 -8.84 -36.51
N ALA D 74 1.71 -8.16 -36.32
CA ALA D 74 1.70 -6.73 -36.13
C ALA D 74 2.38 -6.37 -34.81
N VAL D 75 2.17 -7.17 -33.77
CA VAL D 75 2.83 -6.97 -32.52
C VAL D 75 4.34 -7.12 -32.68
N VAL D 76 4.76 -8.24 -33.25
CA VAL D 76 6.17 -8.52 -33.49
C VAL D 76 6.85 -7.33 -34.23
N GLU D 77 6.24 -6.89 -35.31
CA GLU D 77 6.78 -5.78 -36.14
C GLU D 77 6.78 -4.42 -35.42
N SER D 78 5.77 -4.11 -34.61
CA SER D 78 5.82 -2.87 -33.82
C SER D 78 6.89 -2.92 -32.76
N VAL D 79 7.01 -4.07 -32.08
CA VAL D 79 8.12 -4.24 -31.12
C VAL D 79 9.48 -4.03 -31.84
N ARG D 80 9.63 -4.64 -33.01
CA ARG D 80 10.92 -4.62 -33.66
C ARG D 80 11.23 -3.17 -34.01
N SER D 81 10.26 -2.56 -34.71
CA SER D 81 10.28 -1.14 -35.08
C SER D 81 10.59 -0.11 -34.00
N SER D 82 9.89 -0.21 -32.88
CA SER D 82 10.05 0.77 -31.82
C SER D 82 11.16 0.45 -30.85
N PHE D 83 11.41 -0.84 -30.57
CA PHE D 83 12.34 -1.18 -29.53
C PHE D 83 13.45 -2.11 -29.97
N GLY D 84 13.37 -2.69 -31.14
CA GLY D 84 14.40 -3.69 -31.50
C GLY D 84 13.92 -5.10 -31.14
N GLY D 85 13.55 -5.30 -29.88
CA GLY D 85 13.05 -6.63 -29.46
C GLY D 85 12.47 -6.48 -28.07
N ALA D 86 11.87 -7.55 -27.55
CA ALA D 86 11.33 -7.52 -26.18
C ALA D 86 12.30 -8.22 -25.24
N ASP D 87 12.29 -7.78 -23.99
CA ASP D 87 12.93 -8.47 -22.87
C ASP D 87 11.99 -9.35 -22.10
N ILE D 88 10.74 -8.89 -22.01
CA ILE D 88 9.69 -9.57 -21.25
C ILE D 88 8.43 -9.79 -22.09
N LEU D 89 7.79 -10.97 -22.00
CA LEU D 89 6.53 -11.18 -22.71
C LEU D 89 5.56 -11.80 -21.71
N VAL D 90 4.40 -11.15 -21.53
CA VAL D 90 3.33 -11.73 -20.71
C VAL D 90 2.10 -12.02 -21.58
N ASN D 91 1.82 -13.31 -21.79
CA ASN D 91 0.64 -13.78 -22.46
C ASN D 91 -0.50 -13.75 -21.45
N ASN D 92 -1.38 -12.77 -21.63
CA ASN D 92 -2.45 -12.56 -20.67
C ASN D 92 -3.82 -12.52 -21.34
N ALA D 93 -3.88 -12.13 -22.62
CA ALA D 93 -5.16 -12.09 -23.28
C ALA D 93 -5.88 -13.45 -23.15
N GLY D 94 -7.11 -13.39 -22.66
CA GLY D 94 -7.89 -14.63 -22.58
C GLY D 94 -9.27 -14.26 -22.06
N THR D 95 -10.19 -15.20 -22.06
CA THR D 95 -11.49 -14.91 -21.47
C THR D 95 -12.20 -16.20 -21.00
N GLY D 96 -13.16 -16.08 -20.08
CA GLY D 96 -13.87 -17.26 -19.59
C GLY D 96 -14.73 -17.91 -20.66
N SER D 97 -15.19 -19.14 -20.41
CA SER D 97 -16.21 -19.71 -21.32
C SER D 97 -17.47 -20.06 -20.52
N ASN D 98 -18.42 -20.74 -21.15
CA ASN D 98 -19.69 -21.05 -20.50
C ASN D 98 -20.49 -21.93 -21.48
N GLU D 99 -20.50 -23.23 -21.23
CA GLU D 99 -21.15 -24.17 -22.12
C GLU D 99 -21.13 -25.59 -21.54
N THR D 100 -21.85 -26.51 -22.19
CA THR D 100 -21.64 -27.93 -22.01
C THR D 100 -20.92 -28.44 -23.25
N ILE D 101 -20.23 -29.55 -23.10
CA ILE D 101 -19.60 -30.24 -24.22
C ILE D 101 -20.69 -30.71 -25.21
N MET D 102 -21.83 -31.14 -24.68
CA MET D 102 -22.86 -31.67 -25.58
C MET D 102 -23.37 -30.61 -26.56
N GLU D 103 -23.39 -29.35 -26.11
CA GLU D 103 -24.01 -28.25 -26.89
C GLU D 103 -23.07 -27.35 -27.67
N ALA D 104 -21.86 -27.14 -27.19
CA ALA D 104 -20.95 -26.16 -27.82
C ALA D 104 -20.58 -26.51 -29.25
N ALA D 105 -20.54 -25.47 -30.10
CA ALA D 105 -20.16 -25.56 -31.51
C ALA D 105 -18.66 -25.77 -31.67
N ASP D 106 -18.25 -26.56 -32.66
CA ASP D 106 -16.81 -26.69 -32.93
C ASP D 106 -16.11 -25.33 -33.02
N GLU D 107 -16.80 -24.31 -33.56
CA GLU D 107 -16.21 -23.02 -33.81
C GLU D 107 -15.81 -22.38 -32.49
N LYS D 108 -16.55 -22.70 -31.42
CA LYS D 108 -16.28 -22.10 -30.11
C LYS D 108 -14.95 -22.72 -29.54
N TRP D 109 -14.87 -24.05 -29.62
CA TRP D 109 -13.61 -24.77 -29.30
C TRP D 109 -12.44 -24.15 -30.06
N GLN D 110 -12.64 -23.90 -31.37
CA GLN D 110 -11.59 -23.33 -32.20
C GLN D 110 -11.13 -21.94 -31.69
N PHE D 111 -12.08 -21.11 -31.37
CA PHE D 111 -11.83 -19.72 -30.94
C PHE D 111 -10.96 -19.69 -29.69
N TYR D 112 -11.25 -20.58 -28.75
CA TYR D 112 -10.50 -20.58 -27.48
C TYR D 112 -9.12 -21.17 -27.67
N TRP D 113 -9.02 -22.19 -28.52
CA TRP D 113 -7.70 -22.71 -28.97
C TRP D 113 -6.80 -21.61 -29.58
N GLU D 114 -7.37 -20.85 -30.50
CA GLU D 114 -6.62 -19.72 -31.10
C GLU D 114 -6.17 -18.69 -30.08
N LEU D 115 -7.05 -18.33 -29.19
CA LEU D 115 -6.83 -17.20 -28.26
C LEU D 115 -5.93 -17.63 -27.12
N HIS D 116 -6.17 -18.82 -26.57
CA HIS D 116 -5.37 -19.22 -25.37
C HIS D 116 -4.05 -19.93 -25.68
N VAL D 117 -4.04 -20.66 -26.75
CA VAL D 117 -2.87 -21.50 -27.02
C VAL D 117 -2.10 -20.91 -28.19
N MET D 118 -2.74 -20.75 -29.34
CA MET D 118 -2.00 -20.33 -30.53
C MET D 118 -1.40 -18.94 -30.45
N ALA D 119 -2.03 -18.04 -29.70
CA ALA D 119 -1.43 -16.70 -29.50
C ALA D 119 -0.08 -16.85 -28.85
N ALA D 120 0.03 -17.72 -27.84
CA ALA D 120 1.28 -17.84 -27.12
C ALA D 120 2.31 -18.54 -28.00
N VAL D 121 1.85 -19.49 -28.82
CA VAL D 121 2.71 -20.21 -29.76
C VAL D 121 3.29 -19.21 -30.74
N ARG D 122 2.41 -18.40 -31.32
CA ARG D 122 2.84 -17.49 -32.40
C ARG D 122 3.68 -16.33 -31.85
N LEU D 123 3.35 -15.89 -30.64
CA LEU D 123 4.13 -14.82 -30.04
C LEU D 123 5.51 -15.31 -29.62
N ALA D 124 5.62 -16.56 -29.18
CA ALA D 124 6.95 -17.15 -28.86
C ALA D 124 7.74 -17.21 -30.14
N ARG D 125 7.10 -17.69 -31.19
CA ARG D 125 7.81 -17.82 -32.47
C ARG D 125 8.30 -16.45 -32.95
N GLY D 126 7.47 -15.43 -32.79
CA GLY D 126 7.77 -14.11 -33.32
C GLY D 126 8.74 -13.31 -32.49
N LEU D 127 8.64 -13.44 -31.15
CA LEU D 127 9.43 -12.63 -30.22
C LEU D 127 10.70 -13.30 -29.65
N VAL D 128 10.79 -14.62 -29.67
CA VAL D 128 11.97 -15.29 -29.06
C VAL D 128 13.28 -14.89 -29.73
N PRO D 129 13.29 -14.74 -31.08
CA PRO D 129 14.54 -14.36 -31.81
C PRO D 129 15.16 -13.04 -31.31
N GLY D 130 14.33 -12.00 -31.13
CA GLY D 130 14.80 -10.67 -30.71
C GLY D 130 15.17 -10.77 -29.26
N MET D 131 14.43 -11.57 -28.48
CA MET D 131 14.73 -11.68 -27.07
C MET D 131 16.10 -12.35 -26.91
N ARG D 132 16.31 -13.46 -27.62
CA ARG D 132 17.61 -14.16 -27.69
C ARG D 132 18.75 -13.19 -28.01
N ALA D 133 18.53 -12.35 -29.03
CA ALA D 133 19.57 -11.37 -29.45
C ALA D 133 19.86 -10.30 -28.42
N ARG D 134 18.92 -10.09 -27.51
CA ARG D 134 19.16 -9.15 -26.45
C ARG D 134 19.85 -9.78 -25.24
N GLY D 135 20.11 -11.09 -25.29
CA GLY D 135 20.82 -11.80 -24.21
C GLY D 135 19.97 -12.66 -23.26
N GLY D 136 18.67 -12.75 -23.53
CA GLY D 136 17.77 -13.57 -22.73
C GLY D 136 16.52 -12.78 -22.41
N GLY D 137 15.71 -13.32 -21.50
CA GLY D 137 14.45 -12.68 -21.23
C GLY D 137 13.58 -13.55 -20.39
N ALA D 138 12.35 -13.11 -20.20
CA ALA D 138 11.36 -13.83 -19.41
C ALA D 138 10.03 -13.89 -20.17
N ILE D 139 9.40 -15.06 -20.12
CA ILE D 139 8.06 -15.20 -20.73
C ILE D 139 7.17 -15.83 -19.68
N ILE D 140 5.97 -15.27 -19.49
CA ILE D 140 4.94 -15.80 -18.57
C ILE D 140 3.65 -16.06 -19.33
N HIS D 141 2.98 -17.14 -18.97
CA HIS D 141 1.68 -17.48 -19.47
C HIS D 141 0.74 -17.41 -18.31
N ASN D 142 -0.29 -16.58 -18.43
CA ASN D 142 -1.27 -16.47 -17.37
C ASN D 142 -2.29 -17.49 -17.78
N ALA D 143 -2.25 -18.66 -17.15
CA ALA D 143 -3.22 -19.66 -17.48
C ALA D 143 -4.43 -19.48 -16.52
N SER D 144 -4.53 -20.28 -15.48
CA SER D 144 -5.66 -20.17 -14.54
C SER D 144 -5.56 -21.33 -13.59
N ILE D 145 -6.10 -21.17 -12.37
CA ILE D 145 -6.31 -22.33 -11.51
C ILE D 145 -7.13 -23.42 -12.26
N CYS D 146 -8.01 -23.02 -13.20
CA CYS D 146 -8.80 -23.98 -13.99
C CYS D 146 -8.03 -24.89 -14.91
N ALA D 147 -6.78 -24.55 -15.13
CA ALA D 147 -5.89 -25.39 -15.92
C ALA D 147 -5.63 -26.74 -15.27
N VAL D 148 -5.76 -26.80 -13.94
CA VAL D 148 -5.56 -28.07 -13.23
C VAL D 148 -6.82 -28.45 -12.49
N GLN D 149 -7.55 -27.46 -11.96
CA GLN D 149 -8.79 -27.72 -11.21
C GLN D 149 -10.01 -27.16 -12.03
N PRO D 150 -10.67 -27.98 -12.86
CA PRO D 150 -11.61 -27.39 -13.84
C PRO D 150 -12.90 -26.88 -13.18
N LEU D 151 -13.43 -25.74 -13.62
CA LEU D 151 -14.74 -25.25 -13.14
C LEU D 151 -15.83 -25.87 -14.01
N TRP D 152 -16.92 -26.35 -13.37
CA TRP D 152 -17.92 -27.18 -14.06
C TRP D 152 -18.49 -26.54 -15.34
N TYR D 153 -18.73 -25.23 -15.32
CA TYR D 153 -19.50 -24.57 -16.35
C TYR D 153 -18.70 -24.15 -17.57
N GLU D 154 -17.36 -24.28 -17.51
CA GLU D 154 -16.53 -23.77 -18.62
C GLU D 154 -15.48 -24.77 -19.14
N PRO D 155 -15.96 -25.90 -19.72
CA PRO D 155 -15.05 -26.97 -20.18
C PRO D 155 -14.08 -26.51 -21.28
N ILE D 156 -14.52 -25.67 -22.21
CA ILE D 156 -13.62 -25.17 -23.27
C ILE D 156 -12.46 -24.34 -22.63
N TYR D 157 -12.81 -23.48 -21.70
CA TYR D 157 -11.81 -22.70 -20.97
C TYR D 157 -10.85 -23.64 -20.24
N ASN D 158 -11.40 -24.65 -19.55
CA ASN D 158 -10.57 -25.59 -18.79
C ASN D 158 -9.57 -26.34 -19.68
N VAL D 159 -10.06 -26.87 -20.81
CA VAL D 159 -9.23 -27.64 -21.77
C VAL D 159 -8.15 -26.75 -22.39
N THR D 160 -8.56 -25.56 -22.85
CA THR D 160 -7.61 -24.71 -23.55
C THR D 160 -6.58 -24.12 -22.55
N LYS D 161 -6.98 -23.85 -21.33
CA LYS D 161 -6.00 -23.35 -20.30
C LYS D 161 -5.03 -24.46 -19.82
N ALA D 162 -5.49 -25.71 -19.70
CA ALA D 162 -4.62 -26.83 -19.44
C ALA D 162 -3.60 -26.99 -20.59
N ALA D 163 -4.06 -26.82 -21.81
CA ALA D 163 -3.16 -26.83 -22.95
C ALA D 163 -2.08 -25.75 -22.89
N LEU D 164 -2.49 -24.54 -22.55
CA LEU D 164 -1.57 -23.43 -22.34
C LEU D 164 -0.54 -23.77 -21.24
N MET D 165 -0.99 -24.34 -20.13
CA MET D 165 -0.06 -24.65 -19.07
C MET D 165 0.99 -25.64 -19.59
N MET D 166 0.60 -26.61 -20.43
CA MET D 166 1.58 -27.54 -21.00
C MET D 166 2.48 -26.86 -21.99
N PHE D 167 1.89 -26.02 -22.85
CA PHE D 167 2.70 -25.24 -23.78
C PHE D 167 3.85 -24.50 -23.04
N SER D 168 3.49 -23.90 -21.91
CA SER D 168 4.43 -23.04 -21.14
C SER D 168 5.64 -23.86 -20.74
N LYS D 169 5.37 -25.05 -20.21
CA LYS D 169 6.40 -25.97 -19.79
C LYS D 169 7.27 -26.45 -20.95
N THR D 170 6.68 -26.74 -22.11
CA THR D 170 7.45 -27.24 -23.26
C THR D 170 8.30 -26.12 -23.84
N LEU D 171 7.76 -24.88 -23.81
CA LEU D 171 8.53 -23.73 -24.29
C LEU D 171 9.68 -23.53 -23.35
N ALA D 172 9.44 -23.69 -22.04
CA ALA D 172 10.49 -23.52 -21.06
C ALA D 172 11.78 -24.30 -21.38
N THR D 173 11.64 -25.59 -21.73
CA THR D 173 12.86 -26.38 -21.93
C THR D 173 13.49 -26.10 -23.26
N GLU D 174 12.70 -25.64 -24.23
CA GLU D 174 13.25 -25.28 -25.54
C GLU D 174 14.15 -24.02 -25.56
N VAL D 175 13.77 -23.01 -24.78
CA VAL D 175 14.46 -21.71 -24.84
C VAL D 175 15.35 -21.35 -23.65
N ILE D 176 15.40 -22.20 -22.63
CA ILE D 176 16.30 -21.89 -21.50
C ILE D 176 17.74 -21.81 -22.06
N LYS D 177 18.09 -22.56 -23.11
CA LYS D 177 19.46 -22.40 -23.66
C LYS D 177 19.77 -20.97 -24.13
N ASP D 178 18.72 -20.20 -24.43
CA ASP D 178 18.87 -18.79 -24.85
C ASP D 178 18.88 -17.83 -23.65
N ASN D 179 19.00 -18.36 -22.42
CA ASN D 179 18.77 -17.56 -21.22
C ASN D 179 17.37 -16.89 -21.25
N ILE D 180 16.36 -17.56 -21.80
CA ILE D 180 15.00 -17.09 -21.62
C ILE D 180 14.29 -18.02 -20.67
N ARG D 181 13.72 -17.47 -19.61
CA ARG D 181 13.04 -18.30 -18.62
C ARG D 181 11.54 -18.17 -18.83
N VAL D 182 10.87 -19.30 -19.00
CA VAL D 182 9.42 -19.31 -19.23
C VAL D 182 8.73 -19.96 -18.04
N ASN D 183 7.61 -19.37 -17.59
CA ASN D 183 6.88 -19.94 -16.43
C ASN D 183 5.40 -19.63 -16.60
N CYS D 184 4.58 -20.28 -15.76
CA CYS D 184 3.17 -20.13 -15.87
C CYS D 184 2.70 -19.63 -14.55
N ILE D 185 1.72 -18.73 -14.59
CA ILE D 185 1.06 -18.35 -13.36
C ILE D 185 -0.40 -18.77 -13.47
N ASN D 186 -0.92 -19.37 -12.39
CA ASN D 186 -2.31 -19.83 -12.31
C ASN D 186 -3.08 -19.03 -11.24
N PRO D 187 -3.79 -17.96 -11.65
CA PRO D 187 -4.58 -17.19 -10.64
C PRO D 187 -5.87 -17.87 -10.19
N GLY D 188 -6.27 -17.64 -8.94
CA GLY D 188 -7.63 -18.05 -8.47
C GLY D 188 -8.61 -16.90 -8.80
N LEU D 189 -9.47 -16.56 -7.84
CA LEU D 189 -10.47 -15.52 -8.05
C LEU D 189 -9.81 -14.12 -7.96
N ILE D 190 -9.88 -13.35 -9.04
CA ILE D 190 -9.25 -12.02 -9.04
C ILE D 190 -10.35 -11.05 -9.39
N LEU D 191 -10.54 -10.01 -8.59
CA LEU D 191 -11.70 -9.16 -8.86
C LEU D 191 -11.47 -8.28 -10.09
N THR D 192 -12.08 -8.66 -11.21
CA THR D 192 -11.99 -7.88 -12.46
C THR D 192 -13.39 -7.43 -12.90
N PRO D 193 -13.46 -6.46 -13.86
CA PRO D 193 -14.75 -5.99 -14.42
C PRO D 193 -15.77 -7.08 -14.70
N ASP D 194 -15.38 -8.11 -15.45
CA ASP D 194 -16.36 -9.14 -15.81
C ASP D 194 -17.03 -9.78 -14.56
N TRP D 195 -16.26 -10.05 -13.52
CA TRP D 195 -16.81 -10.53 -12.23
C TRP D 195 -17.93 -9.62 -11.71
N ILE D 196 -17.68 -8.32 -11.64
CA ILE D 196 -18.68 -7.40 -11.09
C ILE D 196 -19.90 -7.31 -12.01
N LYS D 197 -19.60 -7.24 -13.31
CA LYS D 197 -20.62 -7.28 -14.33
C LYS D 197 -21.53 -8.50 -14.17
N THR D 198 -20.92 -9.70 -14.08
CA THR D 198 -21.65 -10.96 -13.87
C THR D 198 -22.47 -10.98 -12.54
N ALA D 199 -21.92 -10.45 -11.45
CA ALA D 199 -22.63 -10.39 -10.18
C ALA D 199 -23.89 -9.52 -10.28
N LYS D 200 -23.75 -8.36 -10.92
CA LYS D 200 -24.91 -7.50 -11.21
C LYS D 200 -25.94 -8.18 -12.13
N GLU D 201 -25.50 -8.91 -13.14
CA GLU D 201 -26.42 -9.59 -14.06
C GLU D 201 -27.25 -10.65 -13.32
N LEU D 202 -26.54 -11.54 -12.63
CA LEU D 202 -27.11 -12.65 -11.87
C LEU D 202 -27.95 -12.23 -10.66
N THR D 203 -27.81 -10.98 -10.21
CA THR D 203 -28.65 -10.48 -9.10
C THR D 203 -29.68 -9.42 -9.55
N LYS D 204 -29.87 -9.25 -10.86
CA LYS D 204 -30.73 -8.14 -11.33
C LYS D 204 -32.16 -8.36 -10.85
N ASP D 205 -32.60 -9.62 -10.79
CA ASP D 205 -33.96 -9.95 -10.39
C ASP D 205 -34.16 -10.47 -8.95
N ASN D 206 -33.16 -10.37 -8.09
CA ASN D 206 -33.34 -10.88 -6.72
C ASN D 206 -32.84 -9.97 -5.61
N GLY D 207 -32.67 -8.69 -5.92
CA GLY D 207 -32.23 -7.77 -4.89
C GLY D 207 -31.02 -6.94 -5.24
N GLY D 208 -30.36 -7.28 -6.35
CA GLY D 208 -29.14 -6.57 -6.76
C GLY D 208 -28.02 -6.53 -5.72
N ASP D 209 -27.96 -7.50 -4.82
CA ASP D 209 -26.84 -7.52 -3.90
C ASP D 209 -25.65 -8.22 -4.57
N TRP D 210 -24.99 -7.52 -5.50
CA TRP D 210 -23.87 -8.10 -6.29
C TRP D 210 -22.65 -8.40 -5.42
N LYS D 211 -22.40 -7.55 -4.42
CA LYS D 211 -21.37 -7.78 -3.36
C LYS D 211 -21.60 -9.06 -2.57
N GLY D 212 -22.84 -9.28 -2.13
CA GLY D 212 -23.28 -10.56 -1.59
C GLY D 212 -22.99 -11.73 -2.50
N TYR D 213 -23.21 -11.56 -3.80
CA TYR D 213 -23.03 -12.66 -4.71
C TYR D 213 -21.52 -13.01 -4.78
N LEU D 214 -20.68 -11.98 -4.91
CA LEU D 214 -19.22 -12.19 -5.02
C LEU D 214 -18.66 -12.81 -3.74
N GLN D 215 -19.08 -12.27 -2.59
CA GLN D 215 -18.75 -12.86 -1.31
C GLN D 215 -19.13 -14.33 -1.23
N SER D 216 -20.31 -14.73 -1.71
CA SER D 216 -20.64 -16.16 -1.64
C SER D 216 -19.72 -17.01 -2.53
N VAL D 217 -19.36 -16.51 -3.71
CA VAL D 217 -18.36 -17.16 -4.58
C VAL D 217 -17.02 -17.34 -3.86
N ALA D 218 -16.54 -16.27 -3.22
CA ALA D 218 -15.32 -16.33 -2.46
C ALA D 218 -15.42 -17.33 -1.30
N ASP D 219 -16.53 -17.28 -0.58
CA ASP D 219 -16.79 -18.21 0.51
C ASP D 219 -16.80 -19.64 0.05
N GLU D 220 -17.44 -19.92 -1.10
CA GLU D 220 -17.49 -21.28 -1.65
C GLU D 220 -16.11 -21.84 -2.09
N HIS D 221 -15.22 -20.98 -2.61
CA HIS D 221 -14.05 -21.46 -3.34
C HIS D 221 -12.75 -21.23 -2.62
N ALA D 222 -12.64 -20.19 -1.81
CA ALA D 222 -11.32 -19.78 -1.32
C ALA D 222 -11.29 -19.69 0.21
N PRO D 223 -10.37 -20.42 0.84
CA PRO D 223 -10.10 -20.35 2.28
C PRO D 223 -9.88 -18.91 2.80
N ILE D 224 -9.23 -18.06 2.02
CA ILE D 224 -9.03 -16.67 2.46
C ILE D 224 -10.36 -15.84 2.38
N LYS D 225 -11.37 -16.41 1.73
CA LYS D 225 -12.71 -15.82 1.78
C LYS D 225 -12.79 -14.37 1.24
N ARG D 226 -12.01 -14.10 0.18
CA ARG D 226 -12.13 -12.88 -0.63
C ARG D 226 -11.50 -13.12 -2.02
N PHE D 227 -11.86 -12.25 -2.99
CA PHE D 227 -11.15 -12.19 -4.24
C PHE D 227 -9.82 -11.47 -4.03
N ALA D 228 -8.86 -11.77 -4.89
CA ALA D 228 -7.62 -10.95 -4.95
C ALA D 228 -7.92 -9.65 -5.65
N SER D 229 -7.13 -8.63 -5.36
CA SER D 229 -7.17 -7.51 -6.31
C SER D 229 -6.20 -7.77 -7.48
N PRO D 230 -6.49 -7.21 -8.67
CA PRO D 230 -5.52 -7.37 -9.76
C PRO D 230 -4.12 -6.87 -9.37
N GLU D 231 -4.01 -5.84 -8.54
CA GLU D 231 -2.65 -5.38 -8.18
C GLU D 231 -1.85 -6.43 -7.36
N GLU D 232 -2.54 -7.16 -6.48
CA GLU D 232 -1.91 -8.21 -5.67
C GLU D 232 -1.32 -9.26 -6.58
N LEU D 233 -2.12 -9.70 -7.53
CA LEU D 233 -1.62 -10.67 -8.50
C LEU D 233 -0.47 -10.12 -9.35
N ALA D 234 -0.59 -8.89 -9.80
CA ALA D 234 0.47 -8.28 -10.63
C ALA D 234 1.83 -8.41 -9.98
N ASN D 235 1.89 -8.26 -8.67
CA ASN D 235 3.23 -8.33 -8.01
C ASN D 235 3.97 -9.58 -8.36
N PHE D 236 3.23 -10.68 -8.47
CA PHE D 236 3.86 -11.94 -8.72
C PHE D 236 4.41 -12.03 -10.15
N PHE D 237 3.69 -11.45 -11.11
CA PHE D 237 4.14 -11.40 -12.49
C PHE D 237 5.40 -10.57 -12.58
N VAL D 238 5.43 -9.44 -11.87
CA VAL D 238 6.61 -8.56 -11.91
C VAL D 238 7.81 -9.30 -11.27
N PHE D 239 7.57 -9.95 -10.13
CA PHE D 239 8.67 -10.66 -9.47
C PHE D 239 9.24 -11.76 -10.35
N LEU D 240 8.34 -12.56 -10.93
CA LEU D 240 8.83 -13.67 -11.74
C LEU D 240 9.56 -13.21 -12.97
N CYS D 241 9.30 -11.99 -13.44
CA CYS D 241 10.02 -11.51 -14.63
C CYS D 241 11.26 -10.72 -14.25
N SER D 242 11.63 -10.71 -12.96
CA SER D 242 12.65 -9.80 -12.50
C SER D 242 14.05 -10.47 -12.46
N GLU D 243 15.08 -9.67 -12.17
CA GLU D 243 16.43 -10.28 -11.99
C GLU D 243 16.54 -11.03 -10.65
N ARG D 244 15.47 -11.03 -9.87
CA ARG D 244 15.47 -11.78 -8.60
C ARG D 244 14.91 -13.21 -8.75
N ALA D 245 14.35 -13.56 -9.88
CA ALA D 245 13.78 -14.93 -10.05
C ALA D 245 14.52 -15.74 -11.10
N THR D 246 15.85 -15.74 -11.02
CA THR D 246 16.64 -16.27 -12.12
C THR D 246 16.75 -17.78 -12.10
N TYR D 247 16.19 -18.42 -11.09
CA TYR D 247 16.23 -19.89 -11.09
C TYR D 247 14.83 -20.51 -11.39
N SER D 248 13.83 -19.66 -11.65
CA SER D 248 12.48 -20.16 -11.96
C SER D 248 12.39 -20.47 -13.47
N VAL D 249 12.29 -21.76 -13.83
CA VAL D 249 12.24 -22.23 -15.21
C VAL D 249 11.18 -23.38 -15.28
N GLY D 250 10.23 -23.25 -16.21
CA GLY D 250 9.30 -24.35 -16.44
C GLY D 250 8.36 -24.62 -15.27
N SER D 251 8.15 -23.64 -14.40
CA SER D 251 7.29 -23.82 -13.25
C SER D 251 5.88 -23.27 -13.48
N ALA D 252 4.95 -23.76 -12.65
CA ALA D 252 3.60 -23.23 -12.58
C ALA D 252 3.39 -22.76 -11.17
N TYR D 253 3.07 -21.48 -11.06
CA TYR D 253 2.94 -20.83 -9.76
C TYR D 253 1.50 -20.43 -9.52
N PHE D 254 0.90 -20.99 -8.46
CA PHE D 254 -0.50 -20.67 -8.16
C PHE D 254 -0.60 -19.44 -7.26
N VAL D 255 -1.54 -18.56 -7.57
CA VAL D 255 -1.74 -17.40 -6.74
C VAL D 255 -3.27 -17.36 -6.49
N ASP D 256 -3.73 -18.05 -5.46
CA ASP D 256 -5.16 -18.46 -5.49
C ASP D 256 -5.89 -18.41 -4.16
N GLY D 257 -5.26 -17.86 -3.11
CA GLY D 257 -5.92 -17.68 -1.78
C GLY D 257 -6.37 -18.97 -1.12
N GLY D 258 -5.69 -20.07 -1.47
CA GLY D 258 -6.10 -21.38 -0.94
C GLY D 258 -7.04 -22.19 -1.82
N MET D 259 -7.45 -21.65 -2.99
CA MET D 259 -8.50 -22.29 -3.74
C MET D 259 -8.11 -23.65 -4.27
N LEU D 260 -6.82 -23.89 -4.53
CA LEU D 260 -6.39 -25.20 -5.09
C LEU D 260 -6.61 -26.25 -4.00
N LYS D 261 -7.40 -27.29 -4.31
CA LYS D 261 -7.78 -28.25 -3.26
C LYS D 261 -6.77 -29.38 -3.05
N THR D 262 -5.84 -29.52 -3.98
CA THR D 262 -4.84 -30.55 -3.91
C THR D 262 -3.46 -29.98 -3.74
N LEU D 263 -2.56 -30.90 -3.39
CA LEU D 263 -1.15 -30.63 -3.17
C LEU D 263 -0.50 -30.10 -4.41
N MET E 1 -15.72 5.52 3.57
CA MET E 1 -14.27 5.62 3.31
C MET E 1 -13.56 4.76 4.38
N ASP E 2 -12.71 3.82 3.97
CA ASP E 2 -12.07 2.93 4.96
C ASP E 2 -10.96 3.70 5.70
N MET E 3 -11.03 3.72 7.03
CA MET E 3 -10.00 4.42 7.81
C MET E 3 -8.73 3.56 8.02
N GLY E 4 -8.86 2.23 7.99
CA GLY E 4 -7.72 1.31 8.13
C GLY E 4 -7.07 1.29 9.51
N ILE E 5 -7.83 1.58 10.55
CA ILE E 5 -7.25 1.57 11.92
C ILE E 5 -7.81 0.46 12.81
N SER E 6 -8.58 -0.45 12.21
CA SER E 6 -9.08 -1.59 12.99
C SER E 6 -7.90 -2.36 13.61
N GLY E 7 -7.93 -2.50 14.93
CA GLY E 7 -6.91 -3.24 15.64
C GLY E 7 -5.69 -2.42 16.04
N LYS E 8 -5.69 -1.13 15.69
CA LYS E 8 -4.61 -0.29 16.13
C LYS E 8 -4.83 0.15 17.58
N VAL E 9 -3.76 0.59 18.25
CA VAL E 9 -3.83 0.95 19.66
C VAL E 9 -3.81 2.51 19.73
N ALA E 10 -4.90 3.11 20.21
CA ALA E 10 -4.99 4.60 20.28
C ALA E 10 -4.98 5.09 21.71
N VAL E 11 -3.95 5.84 22.09
CA VAL E 11 -3.89 6.43 23.41
C VAL E 11 -4.49 7.85 23.41
N ILE E 12 -5.53 8.09 24.22
CA ILE E 12 -6.16 9.41 24.22
C ILE E 12 -6.09 10.01 25.62
N THR E 13 -5.46 11.18 25.77
CA THR E 13 -5.40 11.75 27.10
C THR E 13 -6.64 12.62 27.33
N GLY E 14 -7.13 12.69 28.58
CA GLY E 14 -8.31 13.52 28.91
C GLY E 14 -9.55 12.97 28.25
N SER E 15 -9.76 11.66 28.39
CA SER E 15 -10.78 10.99 27.59
C SER E 15 -11.90 10.41 28.40
N SER E 16 -12.01 10.81 29.68
CA SER E 16 -13.17 10.38 30.47
C SER E 16 -14.40 11.23 30.17
N SER E 17 -14.23 12.36 29.50
CA SER E 17 -15.40 13.13 29.12
C SER E 17 -15.14 14.06 27.95
N GLY E 18 -16.19 14.75 27.53
CA GLY E 18 -16.11 15.82 26.53
C GLY E 18 -15.45 15.34 25.26
N ILE E 19 -14.53 16.16 24.75
CA ILE E 19 -13.93 15.96 23.45
C ILE E 19 -13.14 14.65 23.44
N GLY E 20 -12.40 14.40 24.53
CA GLY E 20 -11.49 13.24 24.54
C GLY E 20 -12.32 11.96 24.52
N LEU E 21 -13.48 12.00 25.18
CA LEU E 21 -14.36 10.82 25.17
C LEU E 21 -14.96 10.64 23.77
N ALA E 22 -15.35 11.73 23.14
CA ALA E 22 -15.92 11.64 21.80
C ALA E 22 -14.91 11.11 20.81
N ILE E 23 -13.65 11.57 20.89
CA ILE E 23 -12.56 10.98 20.08
C ILE E 23 -12.33 9.48 20.31
N ALA E 24 -12.32 9.08 21.59
CA ALA E 24 -12.28 7.64 21.94
C ALA E 24 -13.44 6.85 21.31
N GLU E 25 -14.66 7.37 21.37
CA GLU E 25 -15.78 6.76 20.64
C GLU E 25 -15.56 6.68 19.12
N GLY E 26 -15.00 7.73 18.52
CA GLY E 26 -14.77 7.72 17.10
C GLY E 26 -13.74 6.66 16.76
N PHE E 27 -12.69 6.53 17.57
CA PHE E 27 -11.69 5.51 17.25
C PHE E 27 -12.26 4.07 17.49
N ALA E 28 -13.04 3.93 18.55
CA ALA E 28 -13.64 2.61 18.92
C ALA E 28 -14.57 2.11 17.82
N LYS E 29 -15.33 3.04 17.25
CA LYS E 29 -16.22 2.72 16.16
C LYS E 29 -15.45 2.17 14.98
N GLU E 30 -14.24 2.64 14.77
CA GLU E 30 -13.44 2.17 13.66
C GLU E 30 -12.60 0.95 14.02
N GLY E 31 -12.84 0.39 15.22
CA GLY E 31 -12.25 -0.90 15.60
C GLY E 31 -10.89 -0.79 16.29
N ALA E 32 -10.49 0.43 16.61
CA ALA E 32 -9.24 0.63 17.34
C ALA E 32 -9.43 0.25 18.83
N HIS E 33 -8.37 -0.29 19.43
CA HIS E 33 -8.31 -0.50 20.90
C HIS E 33 -7.88 0.81 21.58
N ILE E 34 -8.36 1.03 22.79
CA ILE E 34 -8.36 2.37 23.36
C ILE E 34 -7.66 2.39 24.72
N VAL E 35 -6.75 3.33 24.92
CA VAL E 35 -6.22 3.56 26.24
C VAL E 35 -6.75 4.93 26.68
N LEU E 36 -7.61 4.92 27.70
CA LEU E 36 -8.19 6.11 28.23
C LEU E 36 -7.37 6.56 29.43
N VAL E 37 -7.06 7.87 29.49
CA VAL E 37 -6.25 8.43 30.56
C VAL E 37 -7.03 9.67 31.10
N ALA E 38 -7.27 9.73 32.41
CA ALA E 38 -7.79 10.96 33.08
C ALA E 38 -7.48 10.77 34.56
N ARG E 39 -7.72 11.79 35.37
CA ARG E 39 -7.44 11.69 36.81
C ARG E 39 -8.57 11.00 37.55
N GLN E 40 -9.83 11.32 37.23
CA GLN E 40 -10.91 10.83 38.04
C GLN E 40 -11.33 9.45 37.64
N VAL E 41 -11.19 8.53 38.59
CA VAL E 41 -11.30 7.12 38.37
C VAL E 41 -12.74 6.77 38.01
N ASP E 42 -13.71 7.44 38.65
CA ASP E 42 -15.12 7.09 38.43
C ASP E 42 -15.50 7.31 36.97
N ARG E 43 -15.14 8.45 36.39
CA ARG E 43 -15.62 8.74 35.05
C ARG E 43 -14.89 7.80 34.07
N LEU E 44 -13.64 7.47 34.39
CA LEU E 44 -12.82 6.64 33.52
C LEU E 44 -13.47 5.26 33.39
N HIS E 45 -13.89 4.72 34.51
CA HIS E 45 -14.67 3.45 34.56
C HIS E 45 -15.91 3.47 33.68
N GLU E 46 -16.74 4.50 33.90
CA GLU E 46 -17.99 4.65 33.18
C GLU E 46 -17.69 4.75 31.68
N ALA E 47 -16.69 5.54 31.33
CA ALA E 47 -16.37 5.70 29.90
C ALA E 47 -15.88 4.36 29.33
N ALA E 48 -14.95 3.70 30.04
CA ALA E 48 -14.35 2.47 29.54
C ALA E 48 -15.44 1.41 29.32
N ARG E 49 -16.38 1.32 30.27
CA ARG E 49 -17.43 0.29 30.23
C ARG E 49 -18.30 0.50 29.02
N SER E 50 -18.66 1.75 28.79
CA SER E 50 -19.60 2.01 27.73
C SER E 50 -18.99 1.90 26.32
N LEU E 51 -17.67 2.16 26.21
CA LEU E 51 -16.93 1.84 24.99
C LEU E 51 -16.86 0.35 24.73
N LYS E 52 -16.44 -0.42 25.72
CA LYS E 52 -16.33 -1.89 25.54
C LYS E 52 -17.65 -2.44 25.09
N GLU E 53 -18.72 -1.94 25.68
CA GLU E 53 -20.01 -2.54 25.44
C GLU E 53 -20.86 -1.96 24.30
N LYS E 54 -20.51 -0.78 23.79
CA LYS E 54 -21.15 -0.29 22.55
C LYS E 54 -20.38 -0.71 21.31
N PHE E 55 -19.04 -0.80 21.43
CA PHE E 55 -18.17 -0.95 20.31
C PHE E 55 -17.36 -2.24 20.30
N GLY E 56 -17.35 -2.96 21.42
CA GLY E 56 -16.64 -4.24 21.50
C GLY E 56 -15.13 -4.20 21.34
N VAL E 57 -14.51 -3.07 21.68
CA VAL E 57 -13.07 -3.00 21.52
C VAL E 57 -12.46 -3.25 22.89
N ARG E 58 -11.17 -3.50 22.92
CA ARG E 58 -10.41 -3.48 24.20
C ARG E 58 -10.17 -2.06 24.70
N VAL E 59 -10.34 -1.85 26.01
CA VAL E 59 -10.11 -0.53 26.64
C VAL E 59 -9.25 -0.76 27.85
N LEU E 60 -8.14 -0.04 27.91
CA LEU E 60 -7.30 -0.03 29.08
C LEU E 60 -7.49 1.32 29.75
N GLU E 61 -7.75 1.33 31.07
CA GLU E 61 -7.85 2.58 31.82
C GLU E 61 -6.56 2.94 32.55
N VAL E 62 -6.12 4.19 32.42
CA VAL E 62 -4.95 4.61 33.21
C VAL E 62 -5.30 5.88 33.97
N ALA E 63 -5.56 5.78 35.28
CA ALA E 63 -6.03 6.97 36.04
C ALA E 63 -4.84 7.66 36.65
N VAL E 64 -4.36 8.71 36.00
CA VAL E 64 -3.20 9.41 36.50
C VAL E 64 -3.26 10.87 36.09
N ASP E 65 -2.39 11.67 36.70
CA ASP E 65 -2.26 13.07 36.31
C ASP E 65 -1.20 13.14 35.20
N VAL E 66 -1.60 13.37 33.93
CA VAL E 66 -0.58 13.52 32.85
C VAL E 66 0.26 14.81 32.91
N ALA E 67 0.00 15.69 33.87
CA ALA E 67 0.87 16.86 33.99
C ALA E 67 2.08 16.53 34.88
N THR E 68 2.24 15.26 35.26
CA THR E 68 3.39 14.88 36.07
C THR E 68 4.22 13.85 35.32
N PRO E 69 5.53 13.82 35.57
CA PRO E 69 6.36 12.80 34.90
C PRO E 69 5.96 11.38 35.30
N GLU E 70 5.61 11.19 36.58
CA GLU E 70 5.21 9.87 37.07
C GLU E 70 3.91 9.40 36.41
N GLY E 71 2.96 10.29 36.22
CA GLY E 71 1.69 9.90 35.55
C GLY E 71 1.99 9.43 34.11
N VAL E 72 2.84 10.18 33.39
CA VAL E 72 3.22 9.79 32.01
C VAL E 72 3.95 8.46 31.99
N ASP E 73 4.88 8.27 32.93
CA ASP E 73 5.58 7.02 33.06
C ASP E 73 4.58 5.85 33.19
N ALA E 74 3.52 6.04 33.99
CA ALA E 74 2.55 4.99 34.22
C ALA E 74 1.76 4.71 32.94
N VAL E 75 1.45 5.76 32.18
CA VAL E 75 0.77 5.54 30.92
C VAL E 75 1.69 4.73 29.99
N VAL E 76 2.95 5.11 29.92
CA VAL E 76 3.88 4.41 29.03
C VAL E 76 4.01 2.90 29.38
N GLU E 77 4.15 2.62 30.67
CA GLU E 77 4.37 1.25 31.12
C GLU E 77 3.10 0.43 30.94
N SER E 78 1.94 1.04 31.21
CA SER E 78 0.67 0.39 31.00
C SER E 78 0.46 0.03 29.51
N VAL E 79 0.81 0.94 28.61
CA VAL E 79 0.72 0.66 27.16
C VAL E 79 1.70 -0.44 26.71
N ARG E 80 2.94 -0.34 27.17
CA ARG E 80 3.95 -1.35 26.87
C ARG E 80 3.51 -2.76 27.34
N SER E 81 3.16 -2.84 28.64
CA SER E 81 2.63 -4.06 29.30
C SER E 81 1.53 -4.71 28.49
N SER E 82 0.49 -3.93 28.25
CA SER E 82 -0.75 -4.46 27.70
C SER E 82 -0.74 -4.62 26.20
N PHE E 83 -0.09 -3.69 25.50
CA PHE E 83 -0.11 -3.76 24.03
C PHE E 83 1.24 -3.80 23.39
N GLY E 84 2.34 -3.56 24.11
CA GLY E 84 3.65 -3.51 23.43
C GLY E 84 4.01 -2.08 23.06
N GLY E 85 3.10 -1.40 22.36
CA GLY E 85 3.33 0.02 21.98
C GLY E 85 2.05 0.65 21.47
N ALA E 86 2.04 1.97 21.28
CA ALA E 86 0.87 2.64 20.72
C ALA E 86 1.06 2.85 19.20
N ASP E 87 -0.04 2.83 18.47
CA ASP E 87 -0.02 3.25 17.06
C ASP E 87 -0.48 4.68 16.91
N ILE E 88 -1.34 5.10 17.84
CA ILE E 88 -1.95 6.46 17.81
C ILE E 88 -1.83 7.10 19.19
N LEU E 89 -1.44 8.39 19.23
CA LEU E 89 -1.47 9.12 20.45
C LEU E 89 -2.20 10.44 20.19
N VAL E 90 -3.23 10.70 21.01
CA VAL E 90 -3.92 12.00 20.94
C VAL E 90 -3.77 12.73 22.29
N ASN E 91 -3.01 13.83 22.25
CA ASN E 91 -2.84 14.67 23.41
C ASN E 91 -4.06 15.57 23.47
N ASN E 92 -4.94 15.28 24.40
CA ASN E 92 -6.14 16.08 24.55
C ASN E 92 -6.37 16.64 25.98
N ALA E 93 -5.76 16.04 27.02
CA ALA E 93 -5.97 16.61 28.39
C ALA E 93 -5.59 18.10 28.40
N GLY E 94 -6.51 18.93 28.90
CA GLY E 94 -6.22 20.35 29.00
C GLY E 94 -7.42 21.05 29.56
N THR E 95 -7.27 22.32 29.91
CA THR E 95 -8.40 23.04 30.46
C THR E 95 -8.21 24.53 30.24
N GLY E 96 -9.33 25.25 30.12
CA GLY E 96 -9.32 26.70 29.97
C GLY E 96 -8.71 27.39 31.17
N SER E 97 -8.46 28.70 31.04
CA SER E 97 -7.99 29.49 32.20
C SER E 97 -8.85 30.75 32.30
N ASN E 98 -8.42 31.69 33.15
CA ASN E 98 -9.28 32.84 33.51
C ASN E 98 -8.50 33.71 34.49
N GLU E 99 -7.85 34.75 33.97
CA GLU E 99 -6.98 35.59 34.83
C GLU E 99 -6.53 36.81 34.08
N THR E 100 -5.84 37.70 34.78
CA THR E 100 -5.05 38.71 34.11
C THR E 100 -3.59 38.38 34.33
N ILE E 101 -2.75 38.85 33.43
CA ILE E 101 -1.30 38.71 33.60
C ILE E 101 -0.91 39.47 34.87
N MET E 102 -1.48 40.66 35.08
CA MET E 102 -1.10 41.44 36.29
C MET E 102 -1.36 40.71 37.63
N GLU E 103 -2.42 39.88 37.69
CA GLU E 103 -2.80 39.20 38.96
C GLU E 103 -2.39 37.72 39.15
N ALA E 104 -2.23 36.98 38.06
CA ALA E 104 -2.00 35.52 38.17
C ALA E 104 -0.70 35.14 38.85
N ALA E 105 -0.75 34.07 39.64
CA ALA E 105 0.44 33.57 40.36
C ALA E 105 1.42 32.87 39.42
N ASP E 106 2.71 32.97 39.70
CA ASP E 106 3.65 32.12 38.93
C ASP E 106 3.20 30.65 38.87
N GLU E 107 2.70 30.13 39.99
CA GLU E 107 2.37 28.72 40.09
C GLU E 107 1.28 28.35 39.07
N LYS E 108 0.37 29.29 38.76
CA LYS E 108 -0.66 29.00 37.77
C LYS E 108 -0.05 28.91 36.36
N TRP E 109 0.81 29.85 35.98
CA TRP E 109 1.61 29.66 34.76
C TRP E 109 2.27 28.29 34.67
N GLN E 110 2.91 27.88 35.77
CA GLN E 110 3.65 26.63 35.76
C GLN E 110 2.66 25.47 35.53
N PHE E 111 1.48 25.56 36.14
CA PHE E 111 0.47 24.48 36.08
C PHE E 111 0.09 24.24 34.64
N TYR E 112 -0.19 25.31 33.91
CA TYR E 112 -0.63 25.11 32.50
C TYR E 112 0.51 24.72 31.56
N TRP E 113 1.72 25.19 31.84
CA TRP E 113 2.92 24.69 31.12
C TRP E 113 3.06 23.17 31.26
N GLU E 114 2.94 22.68 32.48
CA GLU E 114 3.04 21.22 32.69
C GLU E 114 1.93 20.45 31.97
N LEU E 115 0.69 20.93 32.08
CA LEU E 115 -0.48 20.23 31.53
C LEU E 115 -0.51 20.28 30.00
N HIS E 116 -0.29 21.47 29.43
CA HIS E 116 -0.52 21.61 27.97
C HIS E 116 0.72 21.31 27.16
N VAL E 117 1.88 21.59 27.72
CA VAL E 117 3.15 21.37 26.97
C VAL E 117 3.90 20.18 27.48
N MET E 118 4.24 20.14 28.79
CA MET E 118 5.18 19.08 29.19
C MET E 118 4.54 17.70 29.09
N ALA E 119 3.21 17.59 29.26
CA ALA E 119 2.51 16.30 29.06
C ALA E 119 2.83 15.75 27.66
N ALA E 120 2.77 16.63 26.67
CA ALA E 120 2.95 16.19 25.27
C ALA E 120 4.41 15.87 24.99
N VAL E 121 5.31 16.67 25.57
CA VAL E 121 6.75 16.41 25.48
C VAL E 121 7.05 15.03 26.06
N ARG E 122 6.53 14.76 27.28
CA ARG E 122 6.89 13.56 28.04
C ARG E 122 6.26 12.32 27.42
N LEU E 123 5.04 12.48 26.93
CA LEU E 123 4.39 11.37 26.20
C LEU E 123 5.07 11.04 24.88
N ALA E 124 5.56 12.03 24.14
CA ALA E 124 6.31 11.76 22.91
C ALA E 124 7.57 11.00 23.25
N ARG E 125 8.29 11.48 24.26
CA ARG E 125 9.52 10.77 24.65
C ARG E 125 9.22 9.33 25.06
N GLY E 126 8.12 9.13 25.77
CA GLY E 126 7.82 7.81 26.32
C GLY E 126 7.31 6.84 25.29
N LEU E 127 6.48 7.34 24.34
CA LEU E 127 5.72 6.48 23.42
C LEU E 127 6.31 6.38 22.04
N VAL E 128 7.12 7.38 21.63
CA VAL E 128 7.68 7.35 20.29
C VAL E 128 8.51 6.06 20.06
N PRO E 129 9.32 5.61 21.07
CA PRO E 129 10.11 4.39 20.80
C PRO E 129 9.24 3.19 20.38
N GLY E 130 8.15 2.95 21.10
CA GLY E 130 7.34 1.78 20.82
C GLY E 130 6.62 1.97 19.49
N MET E 131 6.14 3.18 19.26
CA MET E 131 5.50 3.50 17.98
C MET E 131 6.45 3.28 16.77
N ARG E 132 7.69 3.78 16.90
CA ARG E 132 8.69 3.56 15.90
C ARG E 132 8.82 2.05 15.62
N ALA E 133 8.95 1.26 16.68
CA ALA E 133 9.17 -0.17 16.54
C ALA E 133 8.02 -0.87 15.84
N ARG E 134 6.82 -0.30 15.96
CA ARG E 134 5.65 -0.85 15.29
C ARG E 134 5.52 -0.45 13.83
N GLY E 135 6.43 0.37 13.33
CA GLY E 135 6.46 0.79 11.92
C GLY E 135 5.97 2.20 11.61
N GLY E 136 5.61 2.98 12.63
CA GLY E 136 5.10 4.32 12.41
C GLY E 136 3.84 4.55 13.22
N GLY E 137 3.18 5.67 12.99
CA GLY E 137 1.99 5.95 13.73
C GLY E 137 1.58 7.40 13.56
N ALA E 138 0.64 7.84 14.37
CA ALA E 138 0.13 9.20 14.27
C ALA E 138 0.05 9.81 15.67
N ILE E 139 0.41 11.09 15.77
CA ILE E 139 0.27 11.80 17.02
C ILE E 139 -0.48 13.11 16.71
N ILE E 140 -1.47 13.45 17.51
CA ILE E 140 -2.22 14.72 17.33
C ILE E 140 -2.14 15.49 18.61
N HIS E 141 -2.03 16.80 18.48
CA HIS E 141 -2.10 17.68 19.61
C HIS E 141 -3.35 18.48 19.43
N ASN E 142 -4.22 18.41 20.45
CA ASN E 142 -5.41 19.23 20.49
C ASN E 142 -5.00 20.52 21.15
N ALA E 143 -4.74 21.55 20.37
CA ALA E 143 -4.45 22.83 20.94
C ALA E 143 -5.76 23.63 21.08
N SER E 144 -6.01 24.55 20.14
CA SER E 144 -7.22 25.39 20.24
C SER E 144 -7.09 26.53 19.25
N ILE E 145 -8.21 27.08 18.86
CA ILE E 145 -8.16 28.31 18.06
C ILE E 145 -7.40 29.40 18.82
N CYS E 146 -7.41 29.34 20.15
CA CYS E 146 -6.73 30.35 20.96
C CYS E 146 -5.22 30.33 20.85
N ALA E 147 -4.69 29.25 20.29
CA ALA E 147 -3.24 29.11 20.11
C ALA E 147 -2.77 30.13 19.08
N VAL E 148 -3.69 30.59 18.22
CA VAL E 148 -3.39 31.68 17.28
C VAL E 148 -4.27 32.90 17.47
N GLN E 149 -5.51 32.72 17.95
CA GLN E 149 -6.42 33.87 18.08
C GLN E 149 -6.83 33.99 19.57
N PRO E 150 -6.08 34.78 20.36
CA PRO E 150 -6.17 34.58 21.83
C PRO E 150 -7.49 35.15 22.37
N LEU E 151 -8.11 34.47 23.32
CA LEU E 151 -9.33 35.01 23.96
C LEU E 151 -8.90 35.90 25.12
N TRP E 152 -9.50 37.08 25.21
CA TRP E 152 -9.01 38.10 26.14
C TRP E 152 -8.89 37.60 27.60
N TYR E 153 -9.83 36.77 28.08
CA TYR E 153 -9.88 36.42 29.50
C TYR E 153 -8.92 35.32 29.96
N GLU E 154 -8.20 34.70 29.02
CA GLU E 154 -7.39 33.55 29.40
C GLU E 154 -5.97 33.56 28.81
N PRO E 155 -5.19 34.61 29.14
CA PRO E 155 -3.81 34.71 28.62
C PRO E 155 -2.94 33.45 28.89
N ILE E 156 -3.01 32.84 30.08
CA ILE E 156 -2.17 31.65 30.32
C ILE E 156 -2.55 30.49 29.34
N TYR E 157 -3.83 30.28 29.17
CA TYR E 157 -4.32 29.29 28.21
C TYR E 157 -3.77 29.59 26.79
N ASN E 158 -3.83 30.84 26.39
CA ASN E 158 -3.45 31.22 25.04
C ASN E 158 -1.95 30.98 24.85
N VAL E 159 -1.15 31.39 25.83
CA VAL E 159 0.32 31.21 25.76
C VAL E 159 0.75 29.75 25.69
N THR E 160 0.15 28.94 26.57
CA THR E 160 0.58 27.55 26.67
C THR E 160 0.05 26.72 25.49
N LYS E 161 -1.12 27.13 24.95
CA LYS E 161 -1.62 26.45 23.75
C LYS E 161 -0.82 26.83 22.50
N ALA E 162 -0.40 28.11 22.43
CA ALA E 162 0.48 28.54 21.39
C ALA E 162 1.79 27.72 21.47
N ALA E 163 2.30 27.52 22.68
CA ALA E 163 3.53 26.77 22.85
C ALA E 163 3.31 25.33 22.37
N LEU E 164 2.16 24.78 22.72
CA LEU E 164 1.80 23.41 22.31
C LEU E 164 1.76 23.31 20.76
N MET E 165 1.14 24.28 20.11
CA MET E 165 1.08 24.24 18.64
C MET E 165 2.48 24.26 18.00
N MET E 166 3.40 25.08 18.52
CA MET E 166 4.80 25.00 18.05
C MET E 166 5.47 23.66 18.36
N PHE E 167 5.29 23.15 19.59
CA PHE E 167 5.78 21.78 19.92
C PHE E 167 5.39 20.73 18.87
N SER E 168 4.12 20.70 18.53
CA SER E 168 3.59 19.76 17.52
C SER E 168 4.41 19.81 16.22
N LYS E 169 4.62 21.02 15.73
CA LYS E 169 5.32 21.24 14.46
C LYS E 169 6.78 20.77 14.62
N THR E 170 7.39 21.06 15.75
CA THR E 170 8.80 20.65 15.91
C THR E 170 8.93 19.13 16.07
N LEU E 171 7.99 18.55 16.81
CA LEU E 171 7.97 17.10 16.94
C LEU E 171 7.75 16.47 15.55
N ALA E 172 6.85 17.08 14.75
CA ALA E 172 6.63 16.61 13.37
C ALA E 172 7.88 16.45 12.57
N THR E 173 8.78 17.41 12.61
CA THR E 173 9.97 17.26 11.76
C THR E 173 10.96 16.26 12.33
N GLU E 174 10.97 16.10 13.65
CA GLU E 174 11.89 15.18 14.29
C GLU E 174 11.56 13.72 14.05
N VAL E 175 10.26 13.37 14.00
CA VAL E 175 9.86 11.95 13.97
C VAL E 175 9.29 11.46 12.65
N ILE E 176 9.13 12.33 11.67
CA ILE E 176 8.62 11.85 10.37
C ILE E 176 9.58 10.81 9.82
N LYS E 177 10.88 10.90 10.12
CA LYS E 177 11.80 9.83 9.65
C LYS E 177 11.34 8.46 10.17
N ASP E 178 10.64 8.42 11.31
CA ASP E 178 10.17 7.14 11.83
C ASP E 178 8.79 6.74 11.27
N ASN E 179 8.31 7.36 10.17
CA ASN E 179 6.96 7.13 9.70
C ASN E 179 5.91 7.49 10.78
N ILE E 180 6.20 8.51 11.57
CA ILE E 180 5.23 8.94 12.58
C ILE E 180 4.79 10.33 12.17
N ARG E 181 3.50 10.52 11.93
CA ARG E 181 3.03 11.80 11.40
C ARG E 181 2.41 12.58 12.56
N VAL E 182 2.88 13.79 12.80
CA VAL E 182 2.40 14.55 13.95
C VAL E 182 1.65 15.76 13.41
N ASN E 183 0.43 16.03 13.91
CA ASN E 183 -0.34 17.24 13.50
C ASN E 183 -1.05 17.83 14.69
N CYS E 184 -1.58 19.01 14.47
CA CYS E 184 -2.28 19.72 15.48
C CYS E 184 -3.65 20.02 14.94
N ILE E 185 -4.64 19.94 15.81
CA ILE E 185 -5.97 20.39 15.48
C ILE E 185 -6.35 21.47 16.48
N ASN E 186 -6.99 22.51 15.94
CA ASN E 186 -7.31 23.72 16.71
C ASN E 186 -8.84 23.87 16.67
N PRO E 187 -9.55 23.33 17.67
CA PRO E 187 -10.99 23.53 17.66
C PRO E 187 -11.45 24.94 18.03
N GLY E 188 -12.64 25.31 17.54
CA GLY E 188 -13.34 26.57 17.96
C GLY E 188 -14.30 26.14 19.10
N LEU E 189 -15.53 26.65 19.08
CA LEU E 189 -16.49 26.46 20.16
C LEU E 189 -17.06 25.04 20.06
N ILE E 190 -16.80 24.20 21.06
CA ILE E 190 -17.26 22.79 21.03
C ILE E 190 -18.15 22.62 22.26
N LEU E 191 -19.38 22.19 22.08
CA LEU E 191 -20.26 22.13 23.27
C LEU E 191 -19.86 21.01 24.26
N THR E 192 -19.20 21.37 25.34
CA THR E 192 -18.76 20.40 26.33
C THR E 192 -19.40 20.69 27.70
N PRO E 193 -19.33 19.74 28.64
CA PRO E 193 -19.93 20.02 29.96
C PRO E 193 -19.51 21.34 30.59
N ASP E 194 -18.25 21.73 30.47
CA ASP E 194 -17.88 22.98 31.11
C ASP E 194 -18.58 24.21 30.54
N TRP E 195 -18.86 24.20 29.24
CA TRP E 195 -19.60 25.29 28.66
C TRP E 195 -20.99 25.39 29.28
N ILE E 196 -21.67 24.27 29.45
CA ILE E 196 -23.04 24.25 29.95
C ILE E 196 -23.00 24.64 31.43
N LYS E 197 -21.97 24.17 32.13
CA LYS E 197 -21.77 24.60 33.53
C LYS E 197 -21.58 26.11 33.71
N THR E 198 -20.66 26.66 32.93
CA THR E 198 -20.37 28.07 32.92
C THR E 198 -21.60 28.88 32.50
N ALA E 199 -22.39 28.37 31.55
CA ALA E 199 -23.56 29.09 31.07
C ALA E 199 -24.61 29.19 32.18
N LYS E 200 -24.83 28.06 32.85
CA LYS E 200 -25.74 27.95 33.98
C LYS E 200 -25.28 28.85 35.16
N GLU E 201 -23.97 28.84 35.45
CA GLU E 201 -23.38 29.67 36.51
C GLU E 201 -23.59 31.18 36.24
N LEU E 202 -23.18 31.63 35.06
CA LEU E 202 -23.29 33.02 34.62
C LEU E 202 -24.71 33.56 34.45
N THR E 203 -25.70 32.67 34.36
CA THR E 203 -27.10 33.07 34.21
C THR E 203 -27.94 32.73 35.47
N LYS E 204 -27.29 32.31 36.57
CA LYS E 204 -28.06 31.88 37.77
C LYS E 204 -28.87 33.04 38.34
N ASP E 205 -28.30 34.25 38.30
CA ASP E 205 -28.93 35.45 38.88
C ASP E 205 -29.67 36.35 37.89
N ASN E 206 -29.92 35.89 36.67
CA ASN E 206 -30.63 36.72 35.71
C ASN E 206 -31.63 36.01 34.81
N GLY E 207 -32.10 34.85 35.25
CA GLY E 207 -33.15 34.14 34.52
C GLY E 207 -32.82 32.72 34.14
N GLY E 208 -31.57 32.32 34.39
CA GLY E 208 -31.17 30.94 34.16
C GLY E 208 -31.25 30.47 32.71
N ASP E 209 -31.36 31.40 31.76
CA ASP E 209 -31.45 31.04 30.35
C ASP E 209 -30.02 30.72 29.83
N TRP E 210 -29.50 29.56 30.23
CA TRP E 210 -28.12 29.14 29.89
C TRP E 210 -28.01 28.88 28.38
N LYS E 211 -29.10 28.44 27.75
CA LYS E 211 -29.13 28.20 26.30
C LYS E 211 -28.95 29.52 25.57
N GLY E 212 -29.70 30.53 25.99
CA GLY E 212 -29.53 31.92 25.50
C GLY E 212 -28.11 32.42 25.62
N TYR E 213 -27.47 32.12 26.75
CA TYR E 213 -26.13 32.61 26.93
C TYR E 213 -25.14 31.95 25.92
N LEU E 214 -25.27 30.65 25.72
CA LEU E 214 -24.46 29.89 24.74
C LEU E 214 -24.71 30.36 23.34
N GLN E 215 -25.98 30.51 22.98
CA GLN E 215 -26.31 31.07 21.68
C GLN E 215 -25.69 32.44 21.42
N SER E 216 -25.68 33.34 22.41
CA SER E 216 -25.03 34.62 22.17
C SER E 216 -23.52 34.49 22.03
N VAL E 217 -22.89 33.55 22.76
CA VAL E 217 -21.48 33.25 22.55
C VAL E 217 -21.27 32.83 21.08
N ALA E 218 -22.03 31.85 20.61
CA ALA E 218 -21.92 31.42 19.22
C ALA E 218 -22.12 32.57 18.22
N ASP E 219 -23.20 33.35 18.40
CA ASP E 219 -23.48 34.50 17.51
C ASP E 219 -22.34 35.46 17.48
N GLU E 220 -21.69 35.66 18.62
CA GLU E 220 -20.64 36.62 18.69
C GLU E 220 -19.34 36.13 18.01
N HIS E 221 -19.09 34.82 18.01
CA HIS E 221 -17.76 34.36 17.60
C HIS E 221 -17.74 33.55 16.30
N ALA E 222 -18.83 32.87 15.97
CA ALA E 222 -18.77 31.95 14.84
C ALA E 222 -19.82 32.27 13.78
N PRO E 223 -19.36 32.48 12.54
CA PRO E 223 -20.24 32.67 11.38
C PRO E 223 -21.30 31.58 11.27
N ILE E 224 -21.00 30.34 11.66
CA ILE E 224 -22.00 29.24 11.57
C ILE E 224 -23.10 29.41 12.68
N LYS E 225 -22.84 30.30 13.63
CA LYS E 225 -23.83 30.63 14.67
C LYS E 225 -24.34 29.42 15.52
N ARG E 226 -23.47 28.42 15.73
CA ARG E 226 -23.70 27.38 16.73
C ARG E 226 -22.36 26.84 17.23
N PHE E 227 -22.40 26.13 18.35
CA PHE E 227 -21.24 25.35 18.75
C PHE E 227 -21.23 24.07 17.93
N ALA E 228 -20.05 23.46 17.81
CA ALA E 228 -19.96 22.07 17.35
C ALA E 228 -20.34 21.06 18.43
N SER E 229 -20.73 19.89 17.99
CA SER E 229 -20.82 18.80 18.93
C SER E 229 -19.45 18.16 19.08
N PRO E 230 -19.20 17.50 20.23
CA PRO E 230 -17.93 16.81 20.27
C PRO E 230 -17.79 15.75 19.17
N GLU E 231 -18.90 15.16 18.73
CA GLU E 231 -18.82 14.14 17.69
C GLU E 231 -18.32 14.67 16.37
N GLU E 232 -18.82 15.86 15.97
CA GLU E 232 -18.40 16.48 14.70
C GLU E 232 -16.89 16.65 14.73
N LEU E 233 -16.39 17.20 15.83
CA LEU E 233 -14.94 17.38 15.95
C LEU E 233 -14.18 16.03 15.94
N ALA E 234 -14.71 15.04 16.66
CA ALA E 234 -14.02 13.76 16.80
C ALA E 234 -13.72 13.20 15.42
N ASN E 235 -14.64 13.41 14.47
CA ASN E 235 -14.45 12.89 13.11
C ASN E 235 -13.10 13.27 12.51
N PHE E 236 -12.71 14.51 12.75
CA PHE E 236 -11.48 15.03 12.18
C PHE E 236 -10.26 14.37 12.77
N PHE E 237 -10.31 14.13 14.10
CA PHE E 237 -9.24 13.44 14.76
C PHE E 237 -9.10 12.05 14.14
N VAL E 238 -10.22 11.38 13.91
CA VAL E 238 -10.19 10.03 13.42
C VAL E 238 -9.57 10.03 12.02
N PHE E 239 -10.05 10.94 11.19
CA PHE E 239 -9.55 11.02 9.83
C PHE E 239 -8.05 11.32 9.79
N LEU E 240 -7.61 12.32 10.56
CA LEU E 240 -6.18 12.65 10.55
C LEU E 240 -5.28 11.47 11.01
N CYS E 241 -5.79 10.61 11.90
CA CYS E 241 -4.98 9.47 12.41
C CYS E 241 -5.12 8.20 11.55
N SER E 242 -5.80 8.32 10.41
CA SER E 242 -6.19 7.16 9.60
C SER E 242 -5.20 6.95 8.48
N GLU E 243 -5.35 5.80 7.81
CA GLU E 243 -4.53 5.48 6.63
C GLU E 243 -4.92 6.32 5.41
N ARG E 244 -5.90 7.21 5.56
CA ARG E 244 -6.26 8.09 4.47
C ARG E 244 -5.59 9.45 4.58
N ALA E 245 -4.86 9.73 5.65
CA ALA E 245 -4.25 11.10 5.77
C ALA E 245 -2.74 11.01 5.79
N THR E 246 -2.18 10.24 4.88
CA THR E 246 -0.78 9.83 5.07
C THR E 246 0.19 10.93 4.60
N TYR E 247 -0.31 12.04 4.11
CA TYR E 247 0.58 13.15 3.69
C TYR E 247 0.44 14.34 4.60
N SER E 248 -0.33 14.21 5.68
CA SER E 248 -0.42 15.31 6.66
C SER E 248 0.67 15.25 7.69
N VAL E 249 1.60 16.22 7.68
CA VAL E 249 2.81 16.24 8.52
C VAL E 249 3.05 17.70 8.95
N GLY E 250 3.10 17.95 10.27
CA GLY E 250 3.42 19.26 10.77
C GLY E 250 2.39 20.35 10.49
N SER E 251 1.14 19.96 10.21
CA SER E 251 0.09 20.92 9.90
C SER E 251 -0.74 21.27 11.15
N ALA E 252 -1.47 22.36 11.05
CA ALA E 252 -2.39 22.81 12.09
C ALA E 252 -3.71 22.92 11.39
N TYR E 253 -4.69 22.15 11.82
CA TYR E 253 -6.00 22.07 11.13
C TYR E 253 -7.07 22.66 12.04
N PHE E 254 -7.70 23.72 11.57
CA PHE E 254 -8.72 24.42 12.37
C PHE E 254 -10.08 23.78 12.13
N VAL E 255 -10.85 23.60 13.20
CA VAL E 255 -12.20 23.04 13.09
C VAL E 255 -13.09 23.99 13.91
N ASP E 256 -13.50 25.06 13.27
CA ASP E 256 -13.94 26.21 14.08
C ASP E 256 -15.18 26.96 13.59
N GLY E 257 -15.92 26.44 12.62
CA GLY E 257 -17.24 27.08 12.34
C GLY E 257 -17.10 28.49 11.76
N GLY E 258 -15.88 28.80 11.29
CA GLY E 258 -15.59 30.15 10.79
C GLY E 258 -15.00 31.13 11.77
N MET E 259 -14.80 30.69 13.00
CA MET E 259 -14.40 31.61 14.10
C MET E 259 -13.06 32.30 13.84
N LEU E 260 -12.14 31.62 13.17
CA LEU E 260 -10.82 32.23 12.86
C LEU E 260 -10.96 33.43 11.93
N LYS E 261 -10.55 34.61 12.38
CA LYS E 261 -10.82 35.83 11.62
C LYS E 261 -9.80 36.14 10.53
N THR E 262 -8.68 35.44 10.52
CA THR E 262 -7.64 35.65 9.51
C THR E 262 -7.50 34.48 8.55
N LEU E 263 -6.80 34.75 7.47
CA LEU E 263 -6.41 33.74 6.47
C LEU E 263 -5.58 32.66 7.08
N MET F 1 -11.85 -63.27 -13.07
CA MET F 1 -12.73 -62.17 -12.62
C MET F 1 -13.67 -61.81 -13.78
N ASP F 2 -14.97 -61.81 -13.55
CA ASP F 2 -15.91 -61.63 -14.66
C ASP F 2 -16.00 -60.14 -15.04
N MET F 3 -15.78 -59.80 -16.30
CA MET F 3 -15.84 -58.40 -16.72
C MET F 3 -17.28 -57.86 -16.95
N GLY F 4 -18.23 -58.76 -17.20
CA GLY F 4 -19.62 -58.39 -17.50
C GLY F 4 -19.86 -57.59 -18.77
N ILE F 5 -19.06 -57.75 -19.79
CA ILE F 5 -19.29 -56.93 -21.00
C ILE F 5 -19.63 -57.77 -22.23
N SER F 6 -19.92 -59.05 -22.01
CA SER F 6 -20.27 -59.90 -23.15
C SER F 6 -21.55 -59.33 -23.81
N GLY F 7 -21.48 -59.16 -25.13
CA GLY F 7 -22.57 -58.58 -25.89
C GLY F 7 -22.72 -57.06 -25.86
N LYS F 8 -21.83 -56.38 -25.14
CA LYS F 8 -21.79 -54.92 -25.21
C LYS F 8 -21.14 -54.43 -26.52
N VAL F 9 -21.43 -53.19 -26.91
CA VAL F 9 -20.92 -52.64 -28.18
C VAL F 9 -19.76 -51.68 -27.85
N ALA F 10 -18.55 -52.04 -28.32
CA ALA F 10 -17.34 -51.21 -28.02
C ALA F 10 -16.80 -50.54 -29.28
N VAL F 11 -16.81 -49.22 -29.29
CA VAL F 11 -16.23 -48.45 -30.38
C VAL F 11 -14.78 -48.09 -30.06
N ILE F 12 -13.86 -48.54 -30.89
CA ILE F 12 -12.42 -48.22 -30.63
C ILE F 12 -11.83 -47.46 -31.80
N THR F 13 -11.41 -46.20 -31.58
CA THR F 13 -10.81 -45.45 -32.69
C THR F 13 -9.33 -45.83 -32.80
N GLY F 14 -8.80 -45.86 -34.03
CA GLY F 14 -7.37 -46.19 -34.22
C GLY F 14 -7.08 -47.66 -33.93
N SER F 15 -7.98 -48.53 -34.39
CA SER F 15 -7.90 -49.93 -33.95
C SER F 15 -7.48 -50.90 -35.02
N SER F 16 -6.95 -50.40 -36.13
CA SER F 16 -6.42 -51.32 -37.17
C SER F 16 -5.04 -51.86 -36.83
N SER F 17 -4.37 -51.28 -35.84
CA SER F 17 -3.09 -51.82 -35.45
C SER F 17 -2.64 -51.34 -34.07
N GLY F 18 -1.46 -51.79 -33.66
CA GLY F 18 -0.85 -51.37 -32.37
C GLY F 18 -1.80 -51.49 -31.20
N ILE F 19 -1.84 -50.44 -30.39
CA ILE F 19 -2.58 -50.48 -29.12
C ILE F 19 -4.08 -50.65 -29.36
N GLY F 20 -4.61 -49.96 -30.39
CA GLY F 20 -6.09 -49.92 -30.60
C GLY F 20 -6.54 -51.34 -30.97
N LEU F 21 -5.71 -52.01 -31.75
CA LEU F 21 -6.02 -53.38 -32.17
C LEU F 21 -5.95 -54.34 -30.96
N ALA F 22 -4.91 -54.16 -30.13
CA ALA F 22 -4.80 -54.99 -28.92
C ALA F 22 -5.98 -54.75 -28.00
N ILE F 23 -6.44 -53.51 -27.89
CA ILE F 23 -7.67 -53.24 -27.11
C ILE F 23 -8.95 -53.91 -27.66
N ALA F 24 -9.12 -53.84 -28.98
CA ALA F 24 -10.21 -54.55 -29.64
C ALA F 24 -10.13 -56.05 -29.41
N GLU F 25 -8.94 -56.64 -29.49
CA GLU F 25 -8.78 -58.06 -29.16
C GLU F 25 -9.15 -58.34 -27.70
N GLY F 26 -8.79 -57.43 -26.78
CA GLY F 26 -9.10 -57.65 -25.36
C GLY F 26 -10.60 -57.62 -25.14
N PHE F 27 -11.29 -56.68 -25.77
CA PHE F 27 -12.76 -56.59 -25.64
C PHE F 27 -13.46 -57.79 -26.32
N ALA F 28 -12.96 -58.18 -27.49
CA ALA F 28 -13.51 -59.33 -28.25
C ALA F 28 -13.43 -60.62 -27.46
N LYS F 29 -12.30 -60.83 -26.77
CA LYS F 29 -12.12 -61.95 -25.89
C LYS F 29 -13.22 -61.99 -24.81
N GLU F 30 -13.61 -60.84 -24.33
CA GLU F 30 -14.64 -60.80 -23.33
C GLU F 30 -16.06 -60.81 -23.93
N GLY F 31 -16.17 -61.01 -25.24
CA GLY F 31 -17.52 -61.22 -25.86
C GLY F 31 -18.22 -59.93 -26.30
N ALA F 32 -17.52 -58.81 -26.15
CA ALA F 32 -18.00 -57.56 -26.71
C ALA F 32 -18.00 -57.54 -28.27
N HIS F 33 -19.00 -56.87 -28.86
CA HIS F 33 -19.02 -56.56 -30.32
C HIS F 33 -18.19 -55.31 -30.57
N ILE F 34 -17.56 -55.24 -31.72
CA ILE F 34 -16.49 -54.29 -31.93
C ILE F 34 -16.75 -53.39 -33.13
N VAL F 35 -16.66 -52.08 -32.95
CA VAL F 35 -16.63 -51.19 -34.09
C VAL F 35 -15.16 -50.70 -34.24
N LEU F 36 -14.49 -51.13 -35.31
CA LEU F 36 -13.14 -50.70 -35.61
C LEU F 36 -13.17 -49.47 -36.52
N VAL F 37 -12.36 -48.47 -36.16
CA VAL F 37 -12.29 -47.21 -36.89
C VAL F 37 -10.80 -46.92 -37.18
N ALA F 38 -10.44 -46.74 -38.46
CA ALA F 38 -9.09 -46.27 -38.87
C ALA F 38 -9.22 -45.75 -40.29
N ARG F 39 -8.19 -45.09 -40.81
CA ARG F 39 -8.27 -44.57 -42.18
C ARG F 39 -8.00 -45.61 -43.25
N GLN F 40 -6.99 -46.44 -43.04
CA GLN F 40 -6.58 -47.34 -44.11
C GLN F 40 -7.44 -48.55 -44.11
N VAL F 41 -8.11 -48.80 -45.21
CA VAL F 41 -9.14 -49.78 -45.22
C VAL F 41 -8.53 -51.21 -45.29
N ASP F 42 -7.35 -51.34 -45.92
CA ASP F 42 -6.70 -52.68 -46.00
C ASP F 42 -6.50 -53.25 -44.60
N ARG F 43 -5.91 -52.46 -43.71
CA ARG F 43 -5.57 -53.02 -42.43
C ARG F 43 -6.83 -53.20 -41.57
N LEU F 44 -7.85 -52.38 -41.80
CA LEU F 44 -9.11 -52.51 -41.08
C LEU F 44 -9.78 -53.85 -41.42
N HIS F 45 -9.79 -54.23 -42.70
CA HIS F 45 -10.28 -55.58 -43.11
C HIS F 45 -9.56 -56.73 -42.43
N GLU F 46 -8.23 -56.66 -42.45
CA GLU F 46 -7.40 -57.71 -41.91
C GLU F 46 -7.68 -57.80 -40.41
N ALA F 47 -7.71 -56.68 -39.70
CA ALA F 47 -8.00 -56.76 -38.26
C ALA F 47 -9.42 -57.31 -38.02
N ALA F 48 -10.41 -56.81 -38.77
CA ALA F 48 -11.80 -57.19 -38.56
C ALA F 48 -11.95 -58.69 -38.79
N ARG F 49 -11.29 -59.21 -39.85
CA ARG F 49 -11.41 -60.64 -40.18
C ARG F 49 -10.83 -61.50 -39.07
N SER F 50 -9.65 -61.10 -38.61
CA SER F 50 -8.97 -61.80 -37.54
C SER F 50 -9.75 -61.83 -36.20
N LEU F 51 -10.41 -60.73 -35.86
CA LEU F 51 -11.26 -60.69 -34.69
C LEU F 51 -12.47 -61.61 -34.80
N LYS F 52 -13.18 -61.54 -35.92
CA LYS F 52 -14.33 -62.44 -36.11
C LYS F 52 -13.89 -63.90 -36.09
N GLU F 53 -12.77 -64.20 -36.75
CA GLU F 53 -12.27 -65.60 -36.84
C GLU F 53 -11.67 -66.15 -35.56
N LYS F 54 -11.04 -65.28 -34.76
CA LYS F 54 -10.46 -65.74 -33.47
C LYS F 54 -11.46 -65.77 -32.30
N PHE F 55 -12.36 -64.77 -32.25
CA PHE F 55 -13.21 -64.53 -31.09
C PHE F 55 -14.69 -64.68 -31.34
N GLY F 56 -15.09 -64.82 -32.60
CA GLY F 56 -16.48 -65.09 -32.92
C GLY F 56 -17.43 -63.93 -32.62
N VAL F 57 -16.91 -62.70 -32.55
CA VAL F 57 -17.77 -61.57 -32.23
C VAL F 57 -18.18 -60.88 -33.53
N ARG F 58 -19.21 -60.05 -33.47
CA ARG F 58 -19.54 -59.11 -34.57
C ARG F 58 -18.54 -57.94 -34.60
N VAL F 59 -18.11 -57.56 -35.80
CA VAL F 59 -17.17 -56.43 -35.98
C VAL F 59 -17.71 -55.60 -37.12
N LEU F 60 -17.90 -54.31 -36.88
CA LEU F 60 -18.26 -53.39 -37.93
C LEU F 60 -17.03 -52.56 -38.21
N GLU F 61 -16.69 -52.37 -39.49
CA GLU F 61 -15.58 -51.50 -39.85
C GLU F 61 -16.05 -50.13 -40.28
N VAL F 62 -15.40 -49.07 -39.80
CA VAL F 62 -15.73 -47.74 -40.31
C VAL F 62 -14.45 -47.08 -40.76
N ALA F 63 -14.20 -47.04 -42.07
CA ALA F 63 -12.92 -46.47 -42.57
C ALA F 63 -13.06 -44.98 -42.84
N VAL F 64 -12.63 -44.18 -41.89
CA VAL F 64 -12.76 -42.73 -41.98
C VAL F 64 -11.66 -42.03 -41.23
N ASP F 65 -11.60 -40.72 -41.42
CA ASP F 65 -10.66 -39.89 -40.69
C ASP F 65 -11.38 -39.31 -39.47
N VAL F 66 -11.09 -39.81 -38.25
CA VAL F 66 -11.77 -39.23 -37.06
C VAL F 66 -11.33 -37.83 -36.70
N ALA F 67 -10.34 -37.29 -37.39
CA ALA F 67 -9.97 -35.90 -37.15
C ALA F 67 -10.91 -34.95 -37.90
N THR F 68 -11.94 -35.49 -38.56
CA THR F 68 -12.84 -34.62 -39.31
C THR F 68 -14.26 -34.80 -38.76
N PRO F 69 -15.08 -33.75 -38.83
CA PRO F 69 -16.46 -33.95 -38.34
C PRO F 69 -17.22 -34.94 -39.20
N GLU F 70 -16.97 -34.92 -40.53
CA GLU F 70 -17.63 -35.88 -41.40
C GLU F 70 -17.26 -37.32 -41.06
N GLY F 71 -15.99 -37.58 -40.75
CA GLY F 71 -15.57 -38.94 -40.30
C GLY F 71 -16.31 -39.40 -39.02
N VAL F 72 -16.35 -38.53 -38.01
CA VAL F 72 -17.10 -38.84 -36.77
C VAL F 72 -18.60 -39.07 -37.02
N ASP F 73 -19.19 -38.22 -37.85
CA ASP F 73 -20.60 -38.39 -38.20
C ASP F 73 -20.84 -39.81 -38.75
N ALA F 74 -19.91 -40.26 -39.61
CA ALA F 74 -20.01 -41.59 -40.22
C ALA F 74 -19.94 -42.66 -39.18
N VAL F 75 -19.05 -42.50 -38.22
CA VAL F 75 -18.96 -43.49 -37.15
C VAL F 75 -20.28 -43.53 -36.34
N VAL F 76 -20.76 -42.37 -35.95
CA VAL F 76 -22.03 -42.28 -35.19
C VAL F 76 -23.22 -42.96 -35.92
N GLU F 77 -23.30 -42.72 -37.23
CA GLU F 77 -24.41 -43.26 -38.01
C GLU F 77 -24.26 -44.77 -38.23
N SER F 78 -23.01 -45.25 -38.38
CA SER F 78 -22.77 -46.69 -38.53
C SER F 78 -23.18 -47.42 -37.25
N VAL F 79 -22.81 -46.83 -36.12
CA VAL F 79 -23.11 -47.44 -34.82
C VAL F 79 -24.64 -47.42 -34.59
N ARG F 80 -25.24 -46.27 -34.86
CA ARG F 80 -26.69 -46.13 -34.68
C ARG F 80 -27.46 -47.17 -35.51
N SER F 81 -27.18 -47.21 -36.80
CA SER F 81 -27.90 -48.16 -37.64
C SER F 81 -27.57 -49.64 -37.42
N SER F 82 -26.30 -49.99 -37.14
CA SER F 82 -25.95 -51.39 -36.90
C SER F 82 -26.31 -51.87 -35.51
N PHE F 83 -26.18 -50.99 -34.50
CA PHE F 83 -26.28 -51.45 -33.10
C PHE F 83 -27.28 -50.66 -32.26
N GLY F 84 -27.73 -49.50 -32.76
CA GLY F 84 -28.61 -48.65 -31.94
C GLY F 84 -27.77 -47.59 -31.25
N GLY F 85 -26.70 -48.02 -30.62
CA GLY F 85 -25.81 -47.10 -29.86
C GLY F 85 -24.64 -47.88 -29.31
N ALA F 86 -23.67 -47.18 -28.70
CA ALA F 86 -22.48 -47.85 -28.14
C ALA F 86 -22.62 -47.94 -26.63
N ASP F 87 -22.01 -48.97 -26.04
CA ASP F 87 -21.88 -49.07 -24.59
C ASP F 87 -20.52 -48.58 -24.11
N ILE F 88 -19.55 -48.70 -25.00
CA ILE F 88 -18.13 -48.38 -24.69
C ILE F 88 -17.52 -47.58 -25.82
N LEU F 89 -16.82 -46.47 -25.49
CA LEU F 89 -16.07 -45.78 -26.49
C LEU F 89 -14.65 -45.62 -25.99
N VAL F 90 -13.71 -46.08 -26.79
CA VAL F 90 -12.27 -45.84 -26.53
C VAL F 90 -11.63 -44.92 -27.60
N ASN F 91 -11.28 -43.72 -27.15
CA ASN F 91 -10.60 -42.78 -28.00
C ASN F 91 -9.13 -43.16 -28.02
N ASN F 92 -8.68 -43.76 -29.10
CA ASN F 92 -7.28 -44.18 -29.20
C ASN F 92 -6.54 -43.63 -30.42
N ALA F 93 -7.23 -43.29 -31.51
CA ALA F 93 -6.51 -42.71 -32.66
C ALA F 93 -5.60 -41.54 -32.24
N GLY F 94 -4.34 -41.62 -32.62
CA GLY F 94 -3.47 -40.48 -32.35
C GLY F 94 -2.10 -40.84 -32.83
N THR F 95 -1.17 -39.90 -32.77
CA THR F 95 0.15 -40.25 -33.28
C THR F 95 1.17 -39.31 -32.68
N GLY F 96 2.43 -39.76 -32.57
CA GLY F 96 3.49 -38.94 -31.99
C GLY F 96 3.78 -37.70 -32.84
N SER F 97 4.57 -36.76 -32.30
CA SER F 97 5.03 -35.64 -33.12
C SER F 97 6.56 -35.50 -33.04
N ASN F 98 7.10 -34.41 -33.59
CA ASN F 98 8.57 -34.29 -33.78
C ASN F 98 8.87 -32.90 -34.35
N GLU F 99 9.11 -31.94 -33.48
CA GLU F 99 9.33 -30.56 -34.02
C GLU F 99 9.90 -29.71 -32.92
N THR F 100 10.24 -28.46 -33.27
CA THR F 100 10.43 -27.42 -32.24
C THR F 100 9.30 -26.43 -32.40
N ILE F 101 8.98 -25.74 -31.28
CA ILE F 101 7.97 -24.68 -31.29
C ILE F 101 8.44 -23.59 -32.26
N MET F 102 9.74 -23.30 -32.24
CA MET F 102 10.25 -22.22 -33.14
C MET F 102 10.06 -22.54 -34.63
N GLU F 103 10.08 -23.81 -35.03
CA GLU F 103 9.98 -24.15 -36.48
C GLU F 103 8.61 -24.68 -36.98
N ALA F 104 7.85 -25.31 -36.11
CA ALA F 104 6.61 -25.96 -36.54
C ALA F 104 5.59 -25.00 -37.14
N ALA F 105 4.93 -25.45 -38.21
CA ALA F 105 3.89 -24.68 -38.86
C ALA F 105 2.58 -24.59 -38.02
N ASP F 106 1.88 -23.46 -38.07
CA ASP F 106 0.54 -23.45 -37.44
C ASP F 106 -0.32 -24.63 -37.84
N GLU F 107 -0.20 -25.03 -39.12
CA GLU F 107 -1.06 -26.07 -39.64
C GLU F 107 -0.75 -27.43 -38.95
N LYS F 108 0.47 -27.64 -38.45
CA LYS F 108 0.76 -28.87 -37.72
C LYS F 108 0.10 -28.85 -36.33
N TRP F 109 0.22 -27.75 -35.60
CA TRP F 109 -0.55 -27.57 -34.34
C TRP F 109 -2.03 -27.90 -34.55
N GLN F 110 -2.60 -27.37 -35.65
CA GLN F 110 -4.03 -27.54 -35.90
C GLN F 110 -4.35 -29.02 -36.16
N PHE F 111 -3.48 -29.70 -36.90
CA PHE F 111 -3.69 -31.14 -37.23
C PHE F 111 -3.82 -31.96 -35.95
N TYR F 112 -2.92 -31.74 -35.00
CA TYR F 112 -2.92 -32.54 -33.75
C TYR F 112 -4.07 -32.16 -32.81
N TRP F 113 -4.41 -30.89 -32.79
CA TRP F 113 -5.63 -30.47 -32.08
C TRP F 113 -6.88 -31.22 -32.60
N GLU F 114 -7.09 -31.28 -33.91
CA GLU F 114 -8.23 -32.02 -34.46
C GLU F 114 -8.20 -33.51 -34.10
N LEU F 115 -7.03 -34.12 -34.24
CA LEU F 115 -6.90 -35.55 -34.04
C LEU F 115 -7.00 -35.94 -32.55
N HIS F 116 -6.27 -35.20 -31.71
CA HIS F 116 -6.20 -35.70 -30.30
C HIS F 116 -7.31 -35.18 -29.42
N VAL F 117 -7.81 -34.01 -29.75
CA VAL F 117 -8.86 -33.34 -28.89
C VAL F 117 -10.20 -33.32 -29.63
N MET F 118 -10.26 -32.75 -30.82
CA MET F 118 -11.60 -32.55 -31.38
C MET F 118 -12.23 -33.88 -31.74
N ALA F 119 -11.43 -34.91 -32.10
CA ALA F 119 -12.05 -36.22 -32.36
C ALA F 119 -12.84 -36.72 -31.14
N ALA F 120 -12.28 -36.53 -29.97
CA ALA F 120 -12.93 -36.98 -28.74
C ALA F 120 -14.13 -36.13 -28.32
N VAL F 121 -14.02 -34.82 -28.53
CA VAL F 121 -15.12 -33.92 -28.29
C VAL F 121 -16.30 -34.36 -29.20
N ARG F 122 -15.99 -34.60 -30.49
CA ARG F 122 -17.05 -34.87 -31.49
C ARG F 122 -17.67 -36.23 -31.32
N LEU F 123 -16.83 -37.21 -30.98
CA LEU F 123 -17.38 -38.54 -30.66
C LEU F 123 -18.25 -38.54 -29.41
N ALA F 124 -17.91 -37.71 -28.42
CA ALA F 124 -18.68 -37.68 -27.20
C ALA F 124 -20.02 -37.07 -27.56
N ARG F 125 -20.00 -35.97 -28.30
CA ARG F 125 -21.27 -35.33 -28.67
C ARG F 125 -22.12 -36.33 -29.46
N GLY F 126 -21.48 -37.12 -30.32
CA GLY F 126 -22.25 -37.92 -31.26
C GLY F 126 -22.79 -39.21 -30.65
N LEU F 127 -22.00 -39.79 -29.73
CA LEU F 127 -22.30 -41.11 -29.15
C LEU F 127 -22.91 -41.10 -27.74
N VAL F 128 -22.72 -40.03 -26.97
CA VAL F 128 -23.27 -39.99 -25.61
C VAL F 128 -24.80 -40.17 -25.60
N PRO F 129 -25.54 -39.55 -26.60
CA PRO F 129 -27.03 -39.72 -26.48
C PRO F 129 -27.48 -41.19 -26.55
N GLY F 130 -26.90 -41.95 -27.46
CA GLY F 130 -27.27 -43.35 -27.63
C GLY F 130 -26.82 -44.16 -26.45
N MET F 131 -25.66 -43.79 -25.90
CA MET F 131 -25.14 -44.47 -24.73
C MET F 131 -26.02 -44.20 -23.49
N ARG F 132 -26.41 -42.94 -23.31
CA ARG F 132 -27.38 -42.57 -22.30
C ARG F 132 -28.64 -43.44 -22.41
N ALA F 133 -29.21 -43.53 -23.60
CA ALA F 133 -30.45 -44.26 -23.81
C ALA F 133 -30.32 -45.75 -23.50
N ARG F 134 -29.10 -46.27 -23.57
CA ARG F 134 -28.87 -47.69 -23.24
C ARG F 134 -28.64 -47.93 -21.76
N GLY F 135 -28.69 -46.87 -20.95
CA GLY F 135 -28.55 -46.96 -19.49
C GLY F 135 -27.20 -46.58 -18.91
N GLY F 136 -26.25 -46.14 -19.75
CA GLY F 136 -24.94 -45.77 -19.24
C GLY F 136 -23.86 -46.36 -20.11
N GLY F 137 -22.61 -46.23 -19.68
CA GLY F 137 -21.53 -46.73 -20.46
C GLY F 137 -20.20 -46.25 -19.97
N ALA F 138 -19.18 -46.51 -20.76
CA ALA F 138 -17.82 -46.17 -20.39
C ALA F 138 -17.12 -45.50 -21.56
N ILE F 139 -16.38 -44.43 -21.25
CA ILE F 139 -15.59 -43.77 -22.25
C ILE F 139 -14.15 -43.63 -21.74
N ILE F 140 -13.16 -44.00 -22.54
CA ILE F 140 -11.75 -43.91 -22.13
C ILE F 140 -11.05 -43.04 -23.17
N HIS F 141 -10.10 -42.26 -22.69
CA HIS F 141 -9.25 -41.42 -23.54
C HIS F 141 -7.85 -41.91 -23.33
N ASN F 142 -7.23 -42.37 -24.42
CA ASN F 142 -5.84 -42.79 -24.34
C ASN F 142 -5.04 -41.55 -24.62
N ALA F 143 -4.52 -40.89 -23.58
CA ALA F 143 -3.68 -39.75 -23.76
C ALA F 143 -2.22 -40.22 -23.85
N SER F 144 -1.47 -40.12 -22.77
CA SER F 144 -0.05 -40.60 -22.77
C SER F 144 0.57 -40.10 -21.52
N ILE F 145 1.64 -40.73 -21.10
CA ILE F 145 2.48 -40.15 -20.04
C ILE F 145 2.90 -38.72 -20.37
N CYS F 146 3.00 -38.39 -21.65
CA CYS F 146 3.48 -37.10 -22.06
C CYS F 146 2.49 -36.00 -21.75
N ALA F 147 1.27 -36.41 -21.40
CA ALA F 147 0.23 -35.40 -21.11
C ALA F 147 0.61 -34.72 -19.78
N VAL F 148 1.41 -35.41 -18.97
CA VAL F 148 1.93 -34.76 -17.76
C VAL F 148 3.45 -34.61 -17.77
N GLN F 149 4.17 -35.53 -18.40
CA GLN F 149 5.64 -35.49 -18.35
C GLN F 149 6.13 -35.35 -19.78
N PRO F 150 6.38 -34.13 -20.24
CA PRO F 150 6.49 -33.90 -21.69
C PRO F 150 7.84 -34.42 -22.22
N LEU F 151 7.82 -35.03 -23.40
CA LEU F 151 9.05 -35.53 -24.03
C LEU F 151 9.63 -34.39 -24.86
N TRP F 152 10.92 -34.13 -24.73
CA TRP F 152 11.49 -32.89 -25.29
C TRP F 152 11.22 -32.72 -26.81
N TYR F 153 11.23 -33.79 -27.57
CA TYR F 153 11.14 -33.66 -29.03
C TYR F 153 9.76 -33.46 -29.65
N GLU F 154 8.69 -33.50 -28.84
CA GLU F 154 7.34 -33.49 -29.39
C GLU F 154 6.39 -32.56 -28.61
N PRO F 155 6.72 -31.26 -28.57
CA PRO F 155 5.87 -30.26 -27.86
C PRO F 155 4.39 -30.28 -28.34
N ILE F 156 4.16 -30.41 -29.65
CA ILE F 156 2.76 -30.45 -30.12
C ILE F 156 1.99 -31.66 -29.56
N TYR F 157 2.59 -32.82 -29.61
CA TYR F 157 2.04 -34.00 -29.00
C TYR F 157 1.77 -33.76 -27.50
N ASN F 158 2.76 -33.24 -26.80
CA ASN F 158 2.65 -33.02 -25.37
C ASN F 158 1.48 -32.07 -25.06
N VAL F 159 1.38 -30.96 -25.78
CA VAL F 159 0.31 -29.97 -25.53
C VAL F 159 -1.08 -30.55 -25.81
N THR F 160 -1.21 -31.22 -26.96
CA THR F 160 -2.52 -31.72 -27.37
C THR F 160 -2.99 -32.91 -26.53
N LYS F 161 -2.04 -33.72 -26.07
CA LYS F 161 -2.35 -34.81 -25.11
C LYS F 161 -2.74 -34.29 -23.70
N ALA F 162 -2.07 -33.22 -23.25
CA ALA F 162 -2.47 -32.56 -22.03
C ALA F 162 -3.89 -32.06 -22.18
N ALA F 163 -4.18 -31.48 -23.35
CA ALA F 163 -5.52 -30.92 -23.54
C ALA F 163 -6.53 -32.07 -23.48
N LEU F 164 -6.18 -33.17 -24.12
CA LEU F 164 -7.03 -34.36 -24.12
C LEU F 164 -7.28 -34.85 -22.67
N MET F 165 -6.24 -34.89 -21.85
CA MET F 165 -6.42 -35.36 -20.47
C MET F 165 -7.41 -34.46 -19.70
N MET F 166 -7.28 -33.13 -19.86
CA MET F 166 -8.26 -32.26 -19.26
C MET F 166 -9.67 -32.48 -19.82
N PHE F 167 -9.80 -32.59 -21.15
CA PHE F 167 -11.12 -32.89 -21.76
C PHE F 167 -11.81 -34.08 -21.08
N SER F 168 -11.04 -35.15 -20.89
CA SER F 168 -11.56 -36.39 -20.27
C SER F 168 -12.18 -36.09 -18.91
N LYS F 169 -11.42 -35.37 -18.09
CA LYS F 169 -11.92 -35.03 -16.75
C LYS F 169 -13.18 -34.14 -16.81
N THR F 170 -13.21 -33.18 -17.74
CA THR F 170 -14.42 -32.32 -17.85
C THR F 170 -15.63 -33.08 -18.37
N LEU F 171 -15.40 -33.95 -19.34
CA LEU F 171 -16.48 -34.82 -19.85
C LEU F 171 -16.96 -35.74 -18.72
N ALA F 172 -16.02 -36.31 -17.93
CA ALA F 172 -16.39 -37.08 -16.74
C ALA F 172 -17.44 -36.41 -15.85
N THR F 173 -17.27 -35.14 -15.56
CA THR F 173 -18.25 -34.54 -14.62
C THR F 173 -19.56 -34.24 -15.32
N GLU F 174 -19.52 -33.96 -16.63
CA GLU F 174 -20.72 -33.67 -17.37
C GLU F 174 -21.67 -34.85 -17.50
N VAL F 175 -21.12 -36.05 -17.67
CA VAL F 175 -21.94 -37.19 -18.10
C VAL F 175 -22.15 -38.28 -17.06
N ILE F 176 -21.48 -38.18 -15.93
CA ILE F 176 -21.70 -39.19 -14.88
C ILE F 176 -23.17 -39.24 -14.48
N LYS F 177 -23.90 -38.12 -14.59
CA LYS F 177 -25.36 -38.17 -14.27
C LYS F 177 -26.09 -39.16 -15.19
N ASP F 178 -25.52 -39.44 -16.37
CA ASP F 178 -26.10 -40.41 -17.29
C ASP F 178 -25.59 -41.85 -17.04
N ASN F 179 -24.93 -42.09 -15.91
CA ASN F 179 -24.28 -43.37 -15.64
C ASN F 179 -23.23 -43.69 -16.70
N ILE F 180 -22.59 -42.65 -17.22
CA ILE F 180 -21.49 -42.87 -18.19
C ILE F 180 -20.21 -42.50 -17.45
N ARG F 181 -19.27 -43.43 -17.38
CA ARG F 181 -18.05 -43.20 -16.59
C ARG F 181 -16.90 -42.92 -17.56
N VAL F 182 -16.22 -41.79 -17.41
CA VAL F 182 -15.20 -41.37 -18.35
C VAL F 182 -13.89 -41.36 -17.62
N ASN F 183 -12.85 -41.98 -18.21
CA ASN F 183 -11.51 -41.93 -17.62
C ASN F 183 -10.46 -41.82 -18.68
N CYS F 184 -9.25 -41.60 -18.21
CA CYS F 184 -8.12 -41.42 -19.07
C CYS F 184 -7.09 -42.46 -18.67
N ILE F 185 -6.41 -43.02 -19.66
CA ILE F 185 -5.26 -43.87 -19.42
C ILE F 185 -4.08 -43.25 -20.10
N ASN F 186 -2.97 -43.17 -19.35
CA ASN F 186 -1.71 -42.57 -19.80
C ASN F 186 -0.62 -43.66 -19.90
N PRO F 187 -0.47 -44.25 -21.11
CA PRO F 187 0.58 -45.27 -21.24
C PRO F 187 2.00 -44.71 -21.27
N GLY F 188 2.97 -45.51 -20.83
CA GLY F 188 4.40 -45.19 -21.00
C GLY F 188 4.88 -45.83 -22.33
N LEU F 189 6.05 -46.46 -22.31
CA LEU F 189 6.60 -47.06 -23.54
C LEU F 189 5.88 -48.35 -23.89
N ILE F 190 5.18 -48.36 -25.03
CA ILE F 190 4.44 -49.56 -25.49
C ILE F 190 5.04 -50.01 -26.84
N LEU F 191 5.51 -51.25 -26.93
CA LEU F 191 6.15 -51.70 -28.15
C LEU F 191 5.13 -51.80 -29.31
N THR F 192 5.11 -50.77 -30.15
CA THR F 192 4.25 -50.79 -31.33
C THR F 192 5.08 -50.67 -32.61
N PRO F 193 4.44 -50.98 -33.77
CA PRO F 193 5.13 -50.94 -35.05
C PRO F 193 5.99 -49.69 -35.23
N ASP F 194 5.43 -48.51 -34.99
CA ASP F 194 6.21 -47.29 -35.16
C ASP F 194 7.49 -47.20 -34.36
N TRP F 195 7.49 -47.78 -33.16
CA TRP F 195 8.71 -47.84 -32.39
C TRP F 195 9.75 -48.68 -33.11
N ILE F 196 9.34 -49.82 -33.66
CA ILE F 196 10.29 -50.73 -34.36
C ILE F 196 10.76 -50.08 -35.69
N LYS F 197 9.86 -49.36 -36.35
CA LYS F 197 10.21 -48.60 -37.57
C LYS F 197 11.28 -47.57 -37.31
N THR F 198 11.05 -46.78 -36.25
CA THR F 198 11.95 -45.74 -35.78
C THR F 198 13.30 -46.32 -35.37
N ALA F 199 13.30 -47.37 -34.57
CA ALA F 199 14.53 -48.02 -34.14
C ALA F 199 15.38 -48.46 -35.34
N LYS F 200 14.74 -49.13 -36.29
CA LYS F 200 15.42 -49.57 -37.53
C LYS F 200 15.92 -48.38 -38.37
N GLU F 201 15.12 -47.32 -38.51
CA GLU F 201 15.55 -46.12 -39.23
C GLU F 201 16.74 -45.39 -38.57
N LEU F 202 16.72 -45.29 -37.25
CA LEU F 202 17.77 -44.62 -36.48
C LEU F 202 19.09 -45.39 -36.38
N THR F 203 19.05 -46.71 -36.66
CA THR F 203 20.23 -47.53 -36.59
C THR F 203 20.70 -48.05 -37.98
N LYS F 204 20.06 -47.59 -39.06
CA LYS F 204 20.38 -48.08 -40.42
C LYS F 204 21.84 -47.85 -40.78
N ASP F 205 22.38 -46.69 -40.39
CA ASP F 205 23.79 -46.33 -40.66
C ASP F 205 24.80 -46.58 -39.54
N ASN F 206 24.48 -47.41 -38.55
CA ASN F 206 25.43 -47.70 -37.46
C ASN F 206 25.41 -49.12 -36.93
N GLY F 207 24.89 -50.06 -37.71
CA GLY F 207 24.89 -51.44 -37.26
C GLY F 207 23.55 -52.14 -37.34
N GLY F 208 22.49 -51.38 -37.57
CA GLY F 208 21.14 -51.95 -37.65
C GLY F 208 20.69 -52.67 -36.38
N ASP F 209 21.31 -52.34 -35.24
CA ASP F 209 20.91 -52.98 -33.99
C ASP F 209 19.70 -52.27 -33.35
N TRP F 210 18.53 -52.46 -33.98
CA TRP F 210 17.29 -51.80 -33.58
C TRP F 210 16.82 -52.25 -32.20
N LYS F 211 17.05 -53.52 -31.86
CA LYS F 211 16.66 -54.07 -30.55
C LYS F 211 17.48 -53.37 -29.46
N GLY F 212 18.80 -53.21 -29.72
CA GLY F 212 19.69 -52.46 -28.82
C GLY F 212 19.27 -51.02 -28.64
N TYR F 213 18.73 -50.43 -29.71
CA TYR F 213 18.32 -49.06 -29.63
C TYR F 213 17.06 -48.91 -28.72
N LEU F 214 16.13 -49.85 -28.87
CA LEU F 214 14.90 -49.90 -28.05
C LEU F 214 15.22 -50.17 -26.59
N GLN F 215 16.16 -51.07 -26.37
CA GLN F 215 16.62 -51.36 -25.02
C GLN F 215 17.23 -50.15 -24.31
N SER F 216 18.02 -49.35 -25.03
CA SER F 216 18.55 -48.15 -24.42
C SER F 216 17.45 -47.12 -24.12
N VAL F 217 16.42 -47.02 -24.98
CA VAL F 217 15.26 -46.17 -24.68
C VAL F 217 14.64 -46.65 -23.37
N ALA F 218 14.33 -47.93 -23.27
CA ALA F 218 13.76 -48.47 -22.05
C ALA F 218 14.63 -48.17 -20.83
N ASP F 219 15.94 -48.42 -20.94
CA ASP F 219 16.87 -48.23 -19.81
C ASP F 219 16.92 -46.80 -19.40
N GLU F 220 16.80 -45.89 -20.35
CA GLU F 220 16.80 -44.45 -20.06
C GLU F 220 15.54 -44.01 -19.28
N HIS F 221 14.37 -44.58 -19.60
CA HIS F 221 13.13 -43.96 -19.18
C HIS F 221 12.34 -44.78 -18.15
N ALA F 222 12.49 -46.10 -18.17
CA ALA F 222 11.62 -46.94 -17.33
C ALA F 222 12.37 -47.82 -16.32
N PRO F 223 12.05 -47.67 -15.03
CA PRO F 223 12.63 -48.51 -13.96
C PRO F 223 12.48 -49.99 -14.28
N ILE F 224 11.38 -50.38 -14.92
CA ILE F 224 11.19 -51.79 -15.28
C ILE F 224 12.15 -52.24 -16.43
N LYS F 225 12.77 -51.29 -17.11
CA LYS F 225 13.77 -51.60 -18.15
C LYS F 225 13.28 -52.49 -19.34
N ARG F 226 11.98 -52.37 -19.70
CA ARG F 226 11.48 -52.90 -20.97
C ARG F 226 10.28 -52.06 -21.39
N PHE F 227 9.89 -52.20 -22.66
CA PHE F 227 8.62 -51.68 -23.14
C PHE F 227 7.54 -52.66 -22.67
N ALA F 228 6.32 -52.16 -22.54
CA ALA F 228 5.12 -53.00 -22.44
C ALA F 228 4.71 -53.62 -23.76
N SER F 229 3.95 -54.70 -23.68
CA SER F 229 3.36 -55.18 -24.89
C SER F 229 2.04 -54.49 -25.04
N PRO F 230 1.53 -54.42 -26.27
CA PRO F 230 0.19 -53.80 -26.31
C PRO F 230 -0.85 -54.62 -25.53
N GLU F 231 -0.63 -55.92 -25.39
CA GLU F 231 -1.61 -56.75 -24.73
C GLU F 231 -1.65 -56.43 -23.24
N GLU F 232 -0.49 -56.19 -22.62
CA GLU F 232 -0.43 -55.83 -21.18
C GLU F 232 -1.25 -54.57 -20.96
N LEU F 233 -1.05 -53.58 -21.84
CA LEU F 233 -1.82 -52.35 -21.74
C LEU F 233 -3.34 -52.56 -21.96
N ALA F 234 -3.68 -53.31 -23.03
CA ALA F 234 -5.08 -53.57 -23.36
C ALA F 234 -5.86 -54.05 -22.14
N ASN F 235 -5.26 -54.90 -21.31
CA ASN F 235 -5.93 -55.40 -20.10
C ASN F 235 -6.56 -54.27 -19.26
N PHE F 236 -5.81 -53.17 -19.15
CA PHE F 236 -6.25 -52.06 -18.30
C PHE F 236 -7.46 -51.37 -18.88
N PHE F 237 -7.45 -51.21 -20.21
CA PHE F 237 -8.59 -50.66 -20.87
C PHE F 237 -9.79 -51.57 -20.68
N VAL F 238 -9.59 -52.87 -20.82
CA VAL F 238 -10.72 -53.78 -20.67
C VAL F 238 -11.27 -53.65 -19.25
N PHE F 239 -10.41 -53.67 -18.22
CA PHE F 239 -10.86 -53.61 -16.84
C PHE F 239 -11.62 -52.31 -16.55
N LEU F 240 -11.02 -51.21 -16.97
CA LEU F 240 -11.66 -49.93 -16.71
C LEU F 240 -13.06 -49.80 -17.34
N CYS F 241 -13.27 -50.43 -18.48
CA CYS F 241 -14.60 -50.37 -19.14
C CYS F 241 -15.57 -51.47 -18.70
N SER F 242 -15.24 -52.20 -17.63
CA SER F 242 -15.98 -53.42 -17.23
C SER F 242 -16.90 -53.11 -16.08
N GLU F 243 -17.73 -54.09 -15.75
CA GLU F 243 -18.63 -53.95 -14.62
C GLU F 243 -17.90 -54.05 -13.29
N ARG F 244 -16.58 -54.23 -13.31
CA ARG F 244 -15.77 -54.25 -12.06
C ARG F 244 -15.13 -52.90 -11.72
N ALA F 245 -15.28 -51.89 -12.56
CA ALA F 245 -14.61 -50.58 -12.27
C ALA F 245 -15.64 -49.49 -12.13
N THR F 246 -16.71 -49.74 -11.41
CA THR F 246 -17.90 -48.88 -11.52
C THR F 246 -17.75 -47.60 -10.66
N TYR F 247 -16.63 -47.47 -9.96
CA TYR F 247 -16.42 -46.26 -9.15
C TYR F 247 -15.33 -45.41 -9.73
N SER F 248 -14.81 -45.80 -10.91
CA SER F 248 -13.76 -44.96 -11.56
C SER F 248 -14.41 -43.89 -12.42
N VAL F 249 -14.23 -42.63 -12.07
CA VAL F 249 -14.84 -41.46 -12.69
C VAL F 249 -13.85 -40.28 -12.68
N GLY F 250 -13.54 -39.76 -13.86
CA GLY F 250 -12.72 -38.57 -13.97
C GLY F 250 -11.26 -38.82 -13.53
N SER F 251 -10.82 -40.07 -13.53
CA SER F 251 -9.43 -40.37 -13.13
C SER F 251 -8.49 -40.50 -14.32
N ALA F 252 -7.20 -40.40 -14.02
CA ALA F 252 -6.18 -40.59 -15.02
C ALA F 252 -5.28 -41.71 -14.50
N TYR F 253 -5.22 -42.81 -15.23
CA TYR F 253 -4.54 -43.99 -14.74
C TYR F 253 -3.29 -44.22 -15.58
N PHE F 254 -2.16 -44.19 -14.91
CA PHE F 254 -0.87 -44.39 -15.60
C PHE F 254 -0.54 -45.86 -15.73
N VAL F 255 -0.02 -46.24 -16.90
CA VAL F 255 0.42 -47.64 -17.12
C VAL F 255 1.79 -47.53 -17.80
N ASP F 256 2.82 -47.43 -16.96
CA ASP F 256 4.07 -46.87 -17.46
C ASP F 256 5.38 -47.49 -16.97
N GLY F 257 5.34 -48.62 -16.26
CA GLY F 257 6.60 -49.34 -15.95
C GLY F 257 7.53 -48.53 -15.05
N GLY F 258 6.95 -47.52 -14.36
CA GLY F 258 7.74 -46.64 -13.46
C GLY F 258 8.19 -45.34 -14.06
N MET F 259 7.87 -45.11 -15.33
CA MET F 259 8.46 -44.00 -16.08
C MET F 259 8.09 -42.63 -15.51
N LEU F 260 6.91 -42.50 -14.91
CA LEU F 260 6.48 -41.18 -14.35
C LEU F 260 7.35 -40.85 -13.16
N LYS F 261 8.02 -39.69 -13.20
CA LYS F 261 9.05 -39.45 -12.21
C LYS F 261 8.53 -38.75 -10.97
N THR F 262 7.29 -38.33 -11.01
CA THR F 262 6.72 -37.68 -9.83
C THR F 262 5.61 -38.49 -9.23
N LEU F 263 5.23 -38.05 -8.05
CA LEU F 263 4.13 -38.61 -7.28
C LEU F 263 2.82 -38.53 -7.98
N MET G 1 14.32 62.28 11.88
CA MET G 1 12.99 62.12 12.56
C MET G 1 13.17 62.09 14.07
N ASP G 2 12.44 62.95 14.77
CA ASP G 2 12.58 63.02 16.24
C ASP G 2 11.90 61.81 16.86
N MET G 3 12.60 61.11 17.74
CA MET G 3 12.05 59.92 18.42
C MET G 3 11.28 60.31 19.71
N GLY G 4 11.59 61.49 20.26
CA GLY G 4 10.81 61.99 21.36
C GLY G 4 11.01 61.17 22.63
N ILE G 5 12.17 60.54 22.79
CA ILE G 5 12.40 59.77 24.00
C ILE G 5 13.55 60.27 24.87
N SER G 6 14.00 61.50 24.61
CA SER G 6 15.08 62.06 25.44
C SER G 6 14.56 62.15 26.88
N GLY G 7 15.36 61.66 27.83
CA GLY G 7 14.97 61.77 29.22
C GLY G 7 14.09 60.62 29.70
N LYS G 8 13.65 59.76 28.80
CA LYS G 8 12.89 58.56 29.19
C LYS G 8 13.77 57.45 29.85
N VAL G 9 13.16 56.53 30.61
CA VAL G 9 13.93 55.48 31.29
C VAL G 9 13.66 54.13 30.57
N ALA G 10 14.72 53.55 29.99
CA ALA G 10 14.59 52.29 29.23
C ALA G 10 15.29 51.14 29.97
N VAL G 11 14.53 50.12 30.32
CA VAL G 11 15.09 48.91 30.94
C VAL G 11 15.38 47.88 29.81
N ILE G 12 16.61 47.44 29.66
CA ILE G 12 16.89 46.47 28.58
C ILE G 12 17.46 45.23 29.25
N THR G 13 16.76 44.09 29.16
CA THR G 13 17.32 42.86 29.74
C THR G 13 18.33 42.22 28.75
N GLY G 14 19.40 41.65 29.30
CA GLY G 14 20.43 40.98 28.48
C GLY G 14 21.22 41.99 27.67
N SER G 15 21.66 43.05 28.35
CA SER G 15 22.23 44.19 27.63
C SER G 15 23.69 44.42 27.89
N SER G 16 24.43 43.40 28.36
CA SER G 16 25.89 43.63 28.51
C SER G 16 26.60 43.36 27.18
N SER G 17 25.91 42.71 26.24
CA SER G 17 26.54 42.46 24.95
C SER G 17 25.53 42.15 23.89
N GLY G 18 26.05 41.91 22.68
CA GLY G 18 25.24 41.55 21.51
C GLY G 18 24.11 42.51 21.27
N ILE G 19 22.95 41.94 20.91
CA ILE G 19 21.81 42.73 20.44
C ILE G 19 21.33 43.67 21.55
N GLY G 20 21.33 43.19 22.80
CA GLY G 20 20.85 44.01 23.92
C GLY G 20 21.70 45.27 24.11
N LEU G 21 23.01 45.15 23.89
CA LEU G 21 23.89 46.30 24.13
C LEU G 21 23.68 47.26 22.98
N ALA G 22 23.48 46.73 21.78
CA ALA G 22 23.24 47.59 20.64
C ALA G 22 21.94 48.33 20.82
N ILE G 23 20.96 47.67 21.41
CA ILE G 23 19.68 48.35 21.65
C ILE G 23 19.83 49.46 22.70
N ALA G 24 20.49 49.13 23.81
CA ALA G 24 20.88 50.18 24.79
C ALA G 24 21.67 51.36 24.19
N GLU G 25 22.65 51.12 23.35
CA GLU G 25 23.32 52.23 22.64
C GLU G 25 22.37 53.05 21.73
N GLY G 26 21.48 52.33 21.05
CA GLY G 26 20.46 52.99 20.24
C GLY G 26 19.58 53.93 21.07
N PHE G 27 19.12 53.47 22.24
CA PHE G 27 18.32 54.35 23.15
C PHE G 27 19.13 55.50 23.74
N ALA G 28 20.36 55.16 24.16
CA ALA G 28 21.32 56.12 24.71
C ALA G 28 21.58 57.29 23.77
N LYS G 29 21.73 57.00 22.48
CA LYS G 29 21.99 58.00 21.47
C LYS G 29 20.81 58.96 21.42
N GLU G 30 19.61 58.43 21.62
CA GLU G 30 18.43 59.28 21.61
C GLU G 30 18.15 59.94 22.97
N GLY G 31 19.09 59.81 23.91
CA GLY G 31 19.01 60.55 25.16
C GLY G 31 18.23 59.85 26.24
N ALA G 32 17.92 58.57 26.04
CA ALA G 32 17.22 57.83 27.08
C ALA G 32 18.23 57.43 28.17
N HIS G 33 17.76 57.42 29.42
CA HIS G 33 18.54 56.81 30.50
C HIS G 33 18.30 55.30 30.45
N ILE G 34 19.29 54.53 30.87
CA ILE G 34 19.31 53.08 30.64
C ILE G 34 19.42 52.31 31.93
N VAL G 35 18.60 51.29 32.10
CA VAL G 35 18.84 50.28 33.12
C VAL G 35 19.38 49.03 32.38
N LEU G 36 20.63 48.70 32.64
CA LEU G 36 21.20 47.50 32.07
C LEU G 36 21.08 46.32 32.98
N VAL G 37 20.68 45.17 32.41
CA VAL G 37 20.47 43.97 33.18
C VAL G 37 21.17 42.78 32.52
N ALA G 38 22.07 42.13 33.27
CA ALA G 38 22.78 40.93 32.78
C ALA G 38 23.38 40.25 33.99
N ARG G 39 23.82 39.01 33.84
CA ARG G 39 24.34 38.24 35.00
C ARG G 39 25.78 38.57 35.33
N GLN G 40 26.67 38.69 34.33
CA GLN G 40 28.10 38.96 34.60
C GLN G 40 28.40 40.39 34.99
N VAL G 41 28.90 40.59 36.21
CA VAL G 41 29.05 41.92 36.76
C VAL G 41 30.02 42.79 35.97
N ASP G 42 31.16 42.23 35.57
CA ASP G 42 32.15 43.09 34.93
C ASP G 42 31.81 43.49 33.52
N ARG G 43 31.29 42.54 32.74
CA ARG G 43 30.87 42.90 31.41
C ARG G 43 29.75 43.99 31.48
N LEU G 44 28.90 43.91 32.50
CA LEU G 44 27.80 44.87 32.69
C LEU G 44 28.40 46.21 33.07
N HIS G 45 29.33 46.19 34.02
CA HIS G 45 30.00 47.42 34.48
C HIS G 45 30.67 48.16 33.32
N GLU G 46 31.35 47.39 32.46
CA GLU G 46 32.02 47.90 31.26
C GLU G 46 31.06 48.45 30.21
N ALA G 47 29.96 47.73 29.99
CA ALA G 47 28.97 48.21 29.03
C ALA G 47 28.41 49.53 29.56
N ALA G 48 28.13 49.58 30.86
CA ALA G 48 27.55 50.79 31.48
C ALA G 48 28.48 52.00 31.38
N ARG G 49 29.77 51.76 31.59
CA ARG G 49 30.76 52.83 31.54
C ARG G 49 30.82 53.37 30.13
N SER G 50 30.70 52.47 29.17
CA SER G 50 30.88 52.83 27.79
C SER G 50 29.71 53.70 27.32
N LEU G 51 28.52 53.36 27.76
CA LEU G 51 27.32 54.13 27.49
C LEU G 51 27.35 55.51 28.10
N LYS G 52 27.64 55.59 29.40
CA LYS G 52 27.81 56.87 30.11
C LYS G 52 28.83 57.76 29.43
N GLU G 53 29.95 57.17 29.01
CA GLU G 53 31.08 57.90 28.42
C GLU G 53 30.92 58.34 26.99
N LYS G 54 30.27 57.52 26.17
CA LYS G 54 29.97 57.89 24.77
C LYS G 54 28.71 58.74 24.60
N PHE G 55 27.69 58.49 25.42
CA PHE G 55 26.38 59.13 25.23
C PHE G 55 25.93 60.10 26.30
N GLY G 56 26.62 60.07 27.44
CA GLY G 56 26.36 60.98 28.54
C GLY G 56 25.01 60.84 29.19
N VAL G 57 24.41 59.65 29.13
CA VAL G 57 23.12 59.42 29.77
C VAL G 57 23.38 58.78 31.12
N ARG G 58 22.39 58.70 32.00
CA ARG G 58 22.51 57.90 33.24
C ARG G 58 22.40 56.43 32.91
N VAL G 59 23.23 55.61 33.54
CA VAL G 59 23.11 54.16 33.42
C VAL G 59 23.07 53.50 34.77
N LEU G 60 22.06 52.66 34.97
CA LEU G 60 21.93 51.91 36.21
C LEU G 60 22.22 50.45 35.87
N GLU G 61 23.06 49.80 36.66
CA GLU G 61 23.38 48.41 36.43
C GLU G 61 22.67 47.50 37.40
N VAL G 62 22.06 46.43 36.89
CA VAL G 62 21.41 45.46 37.79
C VAL G 62 21.93 44.11 37.39
N ALA G 63 22.82 43.55 38.19
CA ALA G 63 23.48 42.34 37.80
C ALA G 63 22.75 41.19 38.41
N VAL G 64 21.82 40.60 37.67
CA VAL G 64 21.04 39.52 38.22
C VAL G 64 20.62 38.54 37.12
N ASP G 65 20.01 37.45 37.54
CA ASP G 65 19.46 36.42 36.66
C ASP G 65 17.98 36.76 36.45
N VAL G 66 17.58 37.23 35.25
CA VAL G 66 16.15 37.55 35.08
C VAL G 66 15.25 36.33 34.94
N ALA G 67 15.87 35.15 34.89
CA ALA G 67 15.08 33.92 34.84
C ALA G 67 14.52 33.54 36.23
N THR G 68 14.87 34.32 37.26
CA THR G 68 14.41 33.98 38.59
C THR G 68 13.52 35.10 39.09
N PRO G 69 12.56 34.76 39.96
CA PRO G 69 11.67 35.80 40.50
C PRO G 69 12.49 36.81 41.30
N GLU G 70 13.52 36.34 42.02
CA GLU G 70 14.29 37.25 42.90
C GLU G 70 15.08 38.28 42.10
N GLY G 71 15.63 37.82 40.97
CA GLY G 71 16.33 38.70 40.03
C GLY G 71 15.38 39.75 39.47
N VAL G 72 14.20 39.32 39.01
CA VAL G 72 13.19 40.30 38.50
C VAL G 72 12.80 41.32 39.57
N ASP G 73 12.60 40.85 40.81
CA ASP G 73 12.30 41.76 41.95
C ASP G 73 13.39 42.85 42.14
N ALA G 74 14.63 42.43 42.01
CA ALA G 74 15.81 43.31 42.13
C ALA G 74 15.80 44.38 41.06
N VAL G 75 15.49 43.99 39.81
CA VAL G 75 15.34 44.96 38.75
C VAL G 75 14.25 45.97 39.09
N VAL G 76 13.06 45.48 39.46
CA VAL G 76 11.91 46.35 39.72
C VAL G 76 12.26 47.36 40.86
N GLU G 77 12.89 46.87 41.91
CA GLU G 77 13.31 47.73 43.05
C GLU G 77 14.42 48.76 42.69
N SER G 78 15.39 48.35 41.88
CA SER G 78 16.41 49.31 41.45
C SER G 78 15.83 50.37 40.55
N VAL G 79 14.96 49.96 39.63
CA VAL G 79 14.25 50.95 38.82
C VAL G 79 13.44 51.90 39.76
N ARG G 80 12.69 51.33 40.70
CA ARG G 80 11.86 52.17 41.55
C ARG G 80 12.76 53.17 42.30
N SER G 81 13.73 52.63 43.02
CA SER G 81 14.71 53.40 43.78
C SER G 81 15.42 54.57 43.03
N SER G 82 15.96 54.24 41.85
CA SER G 82 16.68 55.22 41.05
C SER G 82 15.85 56.17 40.20
N PHE G 83 14.74 55.69 39.63
CA PHE G 83 14.04 56.47 38.61
C PHE G 83 12.56 56.64 38.91
N GLY G 84 12.04 55.88 39.85
CA GLY G 84 10.58 55.96 40.15
C GLY G 84 9.92 54.82 39.39
N GLY G 85 10.17 54.77 38.09
CA GLY G 85 9.57 53.72 37.24
C GLY G 85 10.22 53.75 35.88
N ALA G 86 9.78 52.85 35.01
CA ALA G 86 10.34 52.77 33.65
C ALA G 86 9.34 53.36 32.67
N ASP G 87 9.83 53.93 31.57
CA ASP G 87 9.00 54.29 30.40
C ASP G 87 9.03 53.24 29.31
N ILE G 88 10.16 52.55 29.23
CA ILE G 88 10.41 51.60 28.18
C ILE G 88 10.99 50.30 28.75
N LEU G 89 10.42 49.16 28.34
CA LEU G 89 11.00 47.87 28.76
C LEU G 89 11.27 47.04 27.51
N VAL G 90 12.51 46.57 27.38
CA VAL G 90 12.81 45.65 26.28
C VAL G 90 13.25 44.32 26.87
N ASN G 91 12.44 43.28 26.67
CA ASN G 91 12.77 41.93 27.08
C ASN G 91 13.64 41.29 26.01
N ASN G 92 14.92 41.13 26.33
CA ASN G 92 15.87 40.67 25.32
C ASN G 92 16.71 39.48 25.74
N ALA G 93 16.97 39.37 27.06
CA ALA G 93 17.73 38.24 27.56
C ALA G 93 17.16 36.93 27.03
N GLY G 94 18.06 36.13 26.50
CA GLY G 94 17.59 34.86 25.93
C GLY G 94 18.79 34.16 25.33
N THR G 95 18.65 32.92 24.90
CA THR G 95 19.81 32.24 24.31
C THR G 95 19.33 31.07 23.43
N GLY G 96 20.12 30.69 22.43
CA GLY G 96 19.82 29.55 21.57
C GLY G 96 19.66 28.23 22.33
N SER G 97 18.99 27.25 21.74
CA SER G 97 19.11 25.87 22.28
C SER G 97 19.74 24.92 21.27
N ASN G 98 19.79 23.63 21.60
CA ASN G 98 20.46 22.65 20.75
C ASN G 98 20.15 21.25 21.33
N GLU G 99 19.16 20.57 20.76
CA GLU G 99 18.78 19.28 21.28
C GLU G 99 17.76 18.59 20.39
N THR G 100 17.43 17.34 20.72
CA THR G 100 16.27 16.66 20.18
C THR G 100 15.26 16.57 21.31
N ILE G 101 13.99 16.51 20.92
CA ILE G 101 12.91 16.28 21.90
C ILE G 101 13.09 14.92 22.59
N MET G 102 13.55 13.92 21.84
CA MET G 102 13.68 12.56 22.42
C MET G 102 14.69 12.55 23.57
N GLU G 103 15.72 13.39 23.47
CA GLU G 103 16.84 13.34 24.44
C GLU G 103 16.87 14.42 25.53
N ALA G 104 16.30 15.58 25.27
CA ALA G 104 16.43 16.69 26.23
C ALA G 104 15.77 16.42 27.60
N ALA G 105 16.45 16.85 28.67
CA ALA G 105 15.94 16.70 30.02
C ALA G 105 14.76 17.66 30.29
N ASP G 106 13.80 17.23 31.09
CA ASP G 106 12.75 18.20 31.53
C ASP G 106 13.31 19.52 32.05
N GLU G 107 14.45 19.44 32.77
CA GLU G 107 15.07 20.61 33.43
C GLU G 107 15.47 21.65 32.38
N LYS G 108 15.80 21.18 31.18
CA LYS G 108 16.24 22.08 30.11
C LYS G 108 15.00 22.85 29.55
N TRP G 109 13.90 22.14 29.33
CA TRP G 109 12.60 22.75 28.95
C TRP G 109 12.22 23.79 30.00
N GLN G 110 12.40 23.45 31.30
CA GLN G 110 12.03 24.38 32.38
C GLN G 110 12.85 25.69 32.33
N PHE G 111 14.14 25.53 32.10
CA PHE G 111 15.09 26.66 32.07
C PHE G 111 14.74 27.64 31.00
N TYR G 112 14.38 27.13 29.81
CA TYR G 112 14.08 28.02 28.69
C TYR G 112 12.71 28.68 28.89
N TRP G 113 11.79 27.94 29.45
CA TRP G 113 10.50 28.52 29.91
C TRP G 113 10.68 29.71 30.88
N GLU G 114 11.50 29.53 31.91
CA GLU G 114 11.77 30.63 32.88
C GLU G 114 12.44 31.84 32.24
N LEU G 115 13.43 31.59 31.39
CA LEU G 115 14.25 32.65 30.83
C LEU G 115 13.47 33.39 29.72
N HIS G 116 12.83 32.63 28.83
CA HIS G 116 12.15 33.32 27.67
C HIS G 116 10.73 33.82 27.93
N VAL G 117 10.01 33.10 28.76
CA VAL G 117 8.60 33.47 29.02
C VAL G 117 8.40 34.05 30.40
N MET G 118 8.79 33.34 31.46
CA MET G 118 8.50 33.87 32.79
C MET G 118 9.19 35.19 33.11
N ALA G 119 10.37 35.42 32.54
CA ALA G 119 11.05 36.70 32.78
C ALA G 119 10.16 37.83 32.23
N ALA G 120 9.52 37.63 31.08
CA ALA G 120 8.71 38.70 30.54
C ALA G 120 7.41 38.85 31.35
N VAL G 121 6.87 37.73 31.81
CA VAL G 121 5.68 37.75 32.63
C VAL G 121 5.96 38.53 33.94
N ARG G 122 7.08 38.20 34.60
CA ARG G 122 7.35 38.79 35.91
C ARG G 122 7.75 40.26 35.77
N LEU G 123 8.46 40.59 34.70
CA LEU G 123 8.85 41.98 34.51
C LEU G 123 7.64 42.85 34.16
N ALA G 124 6.70 42.28 33.43
CA ALA G 124 5.47 43.00 33.12
C ALA G 124 4.73 43.24 34.43
N ARG G 125 4.52 42.19 35.23
CA ARG G 125 3.83 42.41 36.50
C ARG G 125 4.54 43.45 37.35
N GLY G 126 5.87 43.38 37.35
CA GLY G 126 6.65 44.24 38.25
C GLY G 126 6.75 45.69 37.80
N LEU G 127 6.87 45.91 36.49
CA LEU G 127 7.11 47.25 35.95
C LEU G 127 5.90 48.00 35.38
N VAL G 128 4.83 47.28 35.00
CA VAL G 128 3.65 47.95 34.39
C VAL G 128 3.03 49.00 35.33
N PRO G 129 2.96 48.72 36.66
CA PRO G 129 2.26 49.74 37.51
C PRO G 129 3.00 51.10 37.51
N GLY G 130 4.34 51.10 37.54
CA GLY G 130 5.14 52.33 37.56
C GLY G 130 5.04 52.95 36.20
N MET G 131 4.98 52.11 35.17
CA MET G 131 4.86 52.65 33.84
C MET G 131 3.48 53.33 33.66
N ARG G 132 2.42 52.63 34.04
CA ARG G 132 1.05 53.20 34.12
C ARG G 132 1.05 54.55 34.84
N ALA G 133 1.73 54.61 36.00
CA ALA G 133 1.74 55.87 36.79
C ALA G 133 2.48 57.00 36.10
N ARG G 134 3.38 56.66 35.17
CA ARG G 134 4.08 57.69 34.43
C ARG G 134 3.32 58.17 33.20
N GLY G 135 2.15 57.58 32.93
CA GLY G 135 1.31 58.01 31.81
C GLY G 135 1.32 57.10 30.57
N GLY G 136 1.94 55.94 30.67
CA GLY G 136 2.03 55.02 29.54
C GLY G 136 3.45 54.62 29.26
N GLY G 137 3.67 53.94 28.12
CA GLY G 137 5.01 53.41 27.93
C GLY G 137 5.04 52.43 26.80
N ALA G 138 6.20 51.80 26.62
CA ALA G 138 6.36 50.84 25.52
C ALA G 138 7.03 49.60 26.05
N ILE G 139 6.55 48.45 25.61
CA ILE G 139 7.20 47.19 25.97
C ILE G 139 7.48 46.39 24.71
N ILE G 140 8.70 45.89 24.55
CA ILE G 140 9.03 45.05 23.38
C ILE G 140 9.52 43.70 23.87
N HIS G 141 9.12 42.65 23.18
CA HIS G 141 9.68 41.31 23.41
C HIS G 141 10.48 40.90 22.21
N ASN G 142 11.75 40.55 22.41
CA ASN G 142 12.59 40.14 21.29
C ASN G 142 12.40 38.64 21.27
N ALA G 143 11.59 38.13 20.34
CA ALA G 143 11.39 36.72 20.28
C ALA G 143 12.44 36.17 19.28
N SER G 144 12.02 35.91 18.05
CA SER G 144 12.96 35.38 17.04
C SER G 144 12.13 34.99 15.86
N ILE G 145 12.71 34.97 14.68
CA ILE G 145 12.04 34.36 13.51
C ILE G 145 11.63 32.92 13.82
N CYS G 146 12.37 32.23 14.74
CA CYS G 146 12.07 30.85 15.13
C CYS G 146 10.75 30.68 15.86
N ALA G 147 10.22 31.79 16.35
CA ALA G 147 8.89 31.76 16.97
C ALA G 147 7.79 31.35 15.98
N VAL G 148 8.04 31.54 14.70
CA VAL G 148 7.04 31.12 13.71
C VAL G 148 7.63 30.13 12.75
N GLN G 149 8.90 30.31 12.41
CA GLN G 149 9.58 29.40 11.47
C GLN G 149 10.67 28.61 12.24
N PRO G 150 10.34 27.41 12.75
CA PRO G 150 11.27 26.76 13.71
C PRO G 150 12.58 26.26 13.04
N LEU G 151 13.71 26.41 13.72
CA LEU G 151 14.99 25.79 13.28
C LEU G 151 15.10 24.35 13.82
N TRP G 152 15.46 23.40 12.94
CA TRP G 152 15.35 21.96 13.26
C TRP G 152 16.08 21.57 14.55
N TYR G 153 17.25 22.17 14.79
CA TYR G 153 18.14 21.78 15.87
C TYR G 153 17.80 22.33 17.23
N GLU G 154 16.85 23.29 17.31
CA GLU G 154 16.58 23.88 18.64
C GLU G 154 15.07 23.93 19.01
N PRO G 155 14.48 22.73 19.20
CA PRO G 155 13.04 22.69 19.48
C PRO G 155 12.66 23.44 20.76
N ILE G 156 13.44 23.31 21.84
CA ILE G 156 13.12 24.07 23.09
C ILE G 156 13.09 25.59 22.82
N TYR G 157 14.09 26.06 22.10
CA TYR G 157 14.11 27.48 21.73
C TYR G 157 12.85 27.85 20.91
N ASN G 158 12.51 27.02 19.92
CA ASN G 158 11.39 27.32 19.04
C ASN G 158 10.09 27.40 19.87
N VAL G 159 9.88 26.40 20.77
CA VAL G 159 8.67 26.34 21.59
C VAL G 159 8.57 27.53 22.54
N THR G 160 9.67 27.84 23.22
CA THR G 160 9.59 28.90 24.22
C THR G 160 9.50 30.28 23.54
N LYS G 161 10.14 30.45 22.38
CA LYS G 161 9.99 31.73 21.62
C LYS G 161 8.58 31.95 21.03
N ALA G 162 7.95 30.87 20.54
CA ALA G 162 6.55 30.91 20.13
C ALA G 162 5.67 31.33 21.32
N ALA G 163 5.94 30.72 22.47
CA ALA G 163 5.20 31.12 23.69
C ALA G 163 5.34 32.62 24.04
N LEU G 164 6.57 33.12 23.96
CA LEU G 164 6.87 34.51 24.15
C LEU G 164 6.11 35.40 23.15
N MET G 165 6.06 35.01 21.88
CA MET G 165 5.33 35.79 20.90
C MET G 165 3.87 35.86 21.25
N MET G 166 3.27 34.74 21.74
CA MET G 166 1.90 34.82 22.19
C MET G 166 1.75 35.67 23.42
N PHE G 167 2.69 35.54 24.38
CA PHE G 167 2.61 36.37 25.59
C PHE G 167 2.52 37.86 25.25
N SER G 168 3.37 38.26 24.28
CA SER G 168 3.53 39.68 23.87
C SER G 168 2.16 40.19 23.41
N LYS G 169 1.52 39.40 22.53
CA LYS G 169 0.17 39.76 22.03
C LYS G 169 -0.88 39.85 23.13
N THR G 170 -0.88 38.90 24.09
CA THR G 170 -1.90 38.93 25.15
C THR G 170 -1.64 40.09 26.12
N LEU G 171 -0.36 40.42 26.34
CA LEU G 171 -0.05 41.55 27.24
C LEU G 171 -0.49 42.80 26.53
N ALA G 172 -0.24 42.86 25.23
CA ALA G 172 -0.68 43.99 24.46
C ALA G 172 -2.15 44.42 24.71
N THR G 173 -3.08 43.48 24.67
CA THR G 173 -4.49 43.87 24.80
C THR G 173 -4.85 44.15 26.25
N GLU G 174 -4.12 43.54 27.17
CA GLU G 174 -4.34 43.89 28.59
C GLU G 174 -3.98 45.31 29.02
N VAL G 175 -2.88 45.85 28.48
CA VAL G 175 -2.33 47.11 29.02
C VAL G 175 -2.45 48.34 28.11
N ILE G 176 -2.96 48.15 26.89
CA ILE G 176 -3.19 49.31 26.01
C ILE G 176 -4.10 50.32 26.73
N LYS G 177 -5.01 49.86 27.58
CA LYS G 177 -5.86 50.81 28.36
C LYS G 177 -5.02 51.78 29.22
N ASP G 178 -3.79 51.38 29.58
CA ASP G 178 -2.90 52.22 30.37
C ASP G 178 -2.02 53.10 29.48
N ASN G 179 -2.31 53.18 28.19
CA ASN G 179 -1.41 53.80 27.21
C ASN G 179 -0.02 53.12 27.20
N ILE G 180 0.02 51.81 27.42
CA ILE G 180 1.25 51.07 27.22
C ILE G 180 1.10 50.24 25.95
N ARG G 181 2.03 50.40 25.01
CA ARG G 181 1.96 49.70 23.74
C ARG G 181 3.00 48.57 23.80
N VAL G 182 2.56 47.33 23.56
CA VAL G 182 3.42 46.16 23.65
C VAL G 182 3.53 45.56 22.26
N ASN G 183 4.77 45.26 21.82
CA ASN G 183 4.94 44.63 20.51
C ASN G 183 6.08 43.63 20.57
N CYS G 184 6.19 42.85 19.50
CA CYS G 184 7.19 41.82 19.45
C CYS G 184 8.06 42.06 18.25
N ILE G 185 9.35 41.84 18.41
CA ILE G 185 10.25 41.89 17.25
C ILE G 185 10.84 40.50 17.08
N ASN G 186 10.81 40.00 15.83
CA ASN G 186 11.38 38.69 15.46
C ASN G 186 12.60 38.86 14.52
N PRO G 187 13.83 38.89 15.09
CA PRO G 187 14.99 39.01 14.23
C PRO G 187 15.37 37.72 13.47
N GLY G 188 15.96 37.87 12.30
CA GLY G 188 16.61 36.73 11.56
C GLY G 188 18.06 36.60 12.05
N LEU G 189 18.99 36.38 11.11
CA LEU G 189 20.39 36.14 11.46
C LEU G 189 21.01 37.48 11.83
N ILE G 190 21.46 37.61 13.06
CA ILE G 190 22.14 38.85 13.49
C ILE G 190 23.53 38.50 13.93
N LEU G 191 24.54 39.14 13.37
CA LEU G 191 25.89 38.76 13.73
C LEU G 191 26.25 39.15 15.18
N THR G 192 26.21 38.18 16.08
CA THR G 192 26.60 38.41 17.48
C THR G 192 27.72 37.46 17.87
N PRO G 193 28.37 37.72 19.03
CA PRO G 193 29.50 36.90 19.53
C PRO G 193 29.33 35.41 19.34
N ASP G 194 28.23 34.86 19.83
CA ASP G 194 28.03 33.41 19.77
C ASP G 194 28.04 32.84 18.35
N TRP G 195 27.53 33.60 17.37
CA TRP G 195 27.63 33.20 15.96
C TRP G 195 29.10 33.04 15.55
N ILE G 196 29.93 34.00 15.91
CA ILE G 196 31.36 33.94 15.55
C ILE G 196 32.08 32.82 16.32
N LYS G 197 31.71 32.66 17.59
CA LYS G 197 32.21 31.56 18.40
C LYS G 197 31.94 30.22 17.73
N THR G 198 30.66 29.98 17.41
CA THR G 198 30.22 28.76 16.74
C THR G 198 30.93 28.52 15.39
N ALA G 199 31.03 29.58 14.58
CA ALA G 199 31.69 29.49 13.31
C ALA G 199 33.13 28.98 13.51
N LYS G 200 33.85 29.56 14.46
CA LYS G 200 35.22 29.11 14.78
C LYS G 200 35.27 27.66 15.32
N GLU G 201 34.33 27.27 16.19
CA GLU G 201 34.29 25.89 16.71
C GLU G 201 34.07 24.87 15.60
N LEU G 202 32.99 25.05 14.83
CA LEU G 202 32.60 24.19 13.74
C LEU G 202 33.61 24.12 12.58
N THR G 203 34.57 25.06 12.54
CA THR G 203 35.63 25.02 11.53
C THR G 203 37.04 24.76 12.09
N LYS G 204 37.15 24.43 13.39
CA LYS G 204 38.50 24.27 13.99
C LYS G 204 39.32 23.19 13.26
N ASP G 205 38.65 22.13 12.80
CA ASP G 205 39.31 21.00 12.15
C ASP G 205 39.16 20.87 10.63
N ASN G 206 38.80 21.95 9.92
CA ASN G 206 38.63 21.84 8.46
C ASN G 206 39.05 23.07 7.65
N GLY G 207 39.90 23.89 8.27
CA GLY G 207 40.42 25.07 7.58
C GLY G 207 40.30 26.34 8.40
N GLY G 208 39.45 26.30 9.42
CA GLY G 208 39.15 27.50 10.22
C GLY G 208 38.60 28.68 9.42
N ASP G 209 37.98 28.42 8.28
CA ASP G 209 37.38 29.51 7.51
C ASP G 209 35.99 29.86 8.09
N TRP G 210 36.00 30.55 9.24
CA TRP G 210 34.78 30.81 10.02
C TRP G 210 33.83 31.77 9.33
N LYS G 211 34.41 32.70 8.55
CA LYS G 211 33.68 33.65 7.70
C LYS G 211 32.96 32.95 6.56
N GLY G 212 33.66 32.02 5.89
CA GLY G 212 33.05 31.12 4.91
C GLY G 212 31.88 30.36 5.47
N TYR G 213 32.00 29.88 6.72
CA TYR G 213 30.92 29.14 7.33
C TYR G 213 29.67 30.07 7.52
N LEU G 214 29.91 31.29 8.02
CA LEU G 214 28.82 32.25 8.30
C LEU G 214 28.12 32.64 6.99
N GLN G 215 28.94 32.93 5.96
CA GLN G 215 28.45 33.21 4.62
C GLN G 215 27.58 32.10 4.14
N SER G 216 28.01 30.87 4.41
CA SER G 216 27.24 29.68 4.15
C SER G 216 25.83 29.70 4.74
N VAL G 217 25.78 29.93 6.05
CA VAL G 217 24.54 30.11 6.78
C VAL G 217 23.69 31.20 6.15
N ALA G 218 24.28 32.37 5.88
CA ALA G 218 23.53 33.44 5.30
C ALA G 218 22.99 33.04 3.92
N ASP G 219 23.84 32.38 3.13
CA ASP G 219 23.44 31.98 1.77
C ASP G 219 22.27 31.00 1.83
N GLU G 220 22.32 30.07 2.79
CA GLU G 220 21.26 29.07 2.97
C GLU G 220 19.89 29.70 3.36
N HIS G 221 19.90 30.75 4.19
CA HIS G 221 18.68 31.13 4.90
C HIS G 221 18.12 32.46 4.46
N ALA G 222 18.96 33.40 4.01
CA ALA G 222 18.48 34.77 3.78
C ALA G 222 18.70 35.25 2.34
N PRO G 223 17.63 35.69 1.70
CA PRO G 223 17.69 36.28 0.37
C PRO G 223 18.70 37.43 0.26
N ILE G 224 18.86 38.21 1.32
CA ILE G 224 19.84 39.31 1.28
C ILE G 224 21.28 38.77 1.38
N LYS G 225 21.44 37.49 1.72
CA LYS G 225 22.76 36.86 1.71
C LYS G 225 23.82 37.52 2.62
N ARG G 226 23.42 38.00 3.78
CA ARG G 226 24.38 38.41 4.80
C ARG G 226 23.63 38.38 6.13
N PHE G 227 24.37 38.36 7.26
CA PHE G 227 23.77 38.60 8.58
C PHE G 227 23.51 40.10 8.76
N ALA G 228 22.57 40.45 9.63
CA ALA G 228 22.42 41.87 10.05
C ALA G 228 23.51 42.23 11.07
N SER G 229 23.82 43.52 11.17
CA SER G 229 24.57 43.90 12.34
C SER G 229 23.60 44.16 13.49
N PRO G 230 24.07 44.02 14.74
CA PRO G 230 23.18 44.36 15.85
C PRO G 230 22.70 45.80 15.78
N GLU G 231 23.50 46.71 15.23
CA GLU G 231 23.08 48.11 15.17
C GLU G 231 21.86 48.31 14.24
N GLU G 232 21.84 47.62 13.10
CA GLU G 232 20.73 47.64 12.14
C GLU G 232 19.45 47.23 12.81
N LEU G 233 19.52 46.12 13.52
CA LEU G 233 18.37 45.64 14.29
C LEU G 233 17.96 46.64 15.39
N ALA G 234 18.93 47.17 16.13
CA ALA G 234 18.60 48.11 17.22
C ALA G 234 17.70 49.25 16.73
N ASN G 235 17.93 49.72 15.52
CA ASN G 235 17.13 50.86 14.99
C ASN G 235 15.64 50.57 15.11
N PHE G 236 15.26 49.34 14.85
CA PHE G 236 13.83 49.01 14.87
C PHE G 236 13.28 49.03 16.26
N PHE G 237 14.07 48.58 17.23
CA PHE G 237 13.66 48.64 18.61
C PHE G 237 13.43 50.09 19.08
N VAL G 238 14.37 50.95 18.72
CA VAL G 238 14.29 52.35 19.15
C VAL G 238 13.06 52.97 18.50
N PHE G 239 12.86 52.72 17.21
CA PHE G 239 11.72 53.27 16.50
C PHE G 239 10.40 52.81 17.14
N LEU G 240 10.30 51.50 17.36
CA LEU G 240 9.03 51.01 17.87
C LEU G 240 8.71 51.53 19.25
N CYS G 241 9.74 51.89 20.03
CA CYS G 241 9.54 52.42 21.38
C CYS G 241 9.43 53.95 21.39
N SER G 242 9.39 54.57 20.22
CA SER G 242 9.50 56.05 20.11
C SER G 242 8.12 56.70 20.06
N GLU G 243 8.09 58.04 20.10
CA GLU G 243 6.80 58.75 19.97
C GLU G 243 6.28 58.75 18.50
N ARG G 244 7.05 58.11 17.62
CA ARG G 244 6.66 57.99 16.22
C ARG G 244 5.89 56.69 15.91
N ALA G 245 5.86 55.75 16.84
CA ALA G 245 5.18 54.43 16.58
C ALA G 245 3.93 54.24 17.41
N THR G 246 3.11 55.27 17.52
CA THR G 246 2.09 55.34 18.53
C THR G 246 0.85 54.51 18.16
N TYR G 247 0.79 53.96 16.95
CA TYR G 247 -0.34 53.11 16.57
C TYR G 247 0.07 51.63 16.50
N SER G 248 1.31 51.32 16.84
CA SER G 248 1.75 49.90 16.84
C SER G 248 1.36 49.24 18.18
N VAL G 249 0.42 48.29 18.16
CA VAL G 249 -0.07 47.64 19.36
C VAL G 249 -0.27 46.15 19.04
N GLY G 250 0.34 45.27 19.83
CA GLY G 250 0.06 43.84 19.70
C GLY G 250 0.57 43.27 18.36
N SER G 251 1.58 43.88 17.78
CA SER G 251 2.05 43.39 16.47
C SER G 251 3.34 42.60 16.64
N ALA G 252 3.66 41.82 15.60
CA ALA G 252 4.96 41.11 15.50
C ALA G 252 5.63 41.60 14.26
N TYR G 253 6.81 42.14 14.48
CA TYR G 253 7.56 42.78 13.41
C TYR G 253 8.82 42.00 13.06
N PHE G 254 8.87 41.48 11.84
CA PHE G 254 10.05 40.70 11.43
C PHE G 254 11.17 41.57 10.89
N VAL G 255 12.39 41.29 11.33
CA VAL G 255 13.54 42.03 10.82
C VAL G 255 14.58 40.94 10.42
N ASP G 256 14.49 40.48 9.18
CA ASP G 256 15.05 39.17 8.89
C ASP G 256 15.72 38.97 7.50
N GLY G 257 15.94 40.06 6.75
CA GLY G 257 16.64 39.98 5.43
C GLY G 257 16.01 39.03 4.42
N GLY G 258 14.69 38.82 4.58
CA GLY G 258 13.99 37.89 3.69
C GLY G 258 13.87 36.45 4.17
N MET G 259 14.36 36.14 5.37
CA MET G 259 14.45 34.76 5.76
C MET G 259 13.08 34.12 5.98
N LEU G 260 12.07 34.92 6.34
CA LEU G 260 10.75 34.33 6.58
C LEU G 260 10.20 33.80 5.25
N LYS G 261 9.89 32.50 5.18
CA LYS G 261 9.57 31.91 3.86
C LYS G 261 8.10 32.05 3.48
N THR G 262 7.29 32.46 4.44
CA THR G 262 5.88 32.62 4.23
C THR G 262 5.40 34.07 4.36
N LEU G 263 4.20 34.28 3.84
CA LEU G 263 3.51 35.58 3.90
C LEU G 263 3.41 36.11 5.28
N MET H 1 16.69 60.60 15.21
CA MET H 1 17.34 59.51 14.44
C MET H 1 17.44 59.93 12.99
N ASP H 2 18.63 59.86 12.41
CA ASP H 2 18.81 60.30 11.01
C ASP H 2 18.22 59.25 10.08
N MET H 3 17.35 59.67 9.17
CA MET H 3 16.75 58.75 8.20
C MET H 3 17.67 58.58 6.98
N GLY H 4 18.50 59.57 6.71
CA GLY H 4 19.50 59.44 5.66
C GLY H 4 18.88 59.38 4.27
N ILE H 5 17.75 60.03 4.09
CA ILE H 5 17.10 60.08 2.77
C ILE H 5 17.05 61.50 2.16
N SER H 6 17.82 62.43 2.73
CA SER H 6 17.80 63.79 2.21
C SER H 6 18.26 63.78 0.76
N GLY H 7 17.51 64.44 -0.12
CA GLY H 7 17.84 64.48 -1.54
C GLY H 7 17.49 63.22 -2.33
N LYS H 8 16.94 62.18 -1.68
CA LYS H 8 16.47 61.00 -2.44
C LYS H 8 15.13 61.36 -3.14
N VAL H 9 14.75 60.58 -4.13
CA VAL H 9 13.57 60.86 -4.91
C VAL H 9 12.53 59.78 -4.59
N ALA H 10 11.37 60.18 -4.09
CA ALA H 10 10.38 59.19 -3.65
C ALA H 10 9.10 59.40 -4.46
N VAL H 11 8.63 58.33 -5.10
CA VAL H 11 7.41 58.37 -5.88
C VAL H 11 6.29 57.80 -4.99
N ILE H 12 5.20 58.56 -4.78
CA ILE H 12 4.08 58.09 -3.94
C ILE H 12 2.79 58.11 -4.77
N THR H 13 2.16 56.95 -4.93
CA THR H 13 0.97 56.93 -5.74
C THR H 13 -0.19 57.27 -4.91
N GLY H 14 -1.18 57.90 -5.52
CA GLY H 14 -2.34 58.31 -4.72
C GLY H 14 -2.01 59.28 -3.60
N SER H 15 -1.31 60.36 -3.95
CA SER H 15 -0.73 61.18 -2.92
C SER H 15 -1.23 62.60 -2.91
N SER H 16 -2.45 62.83 -3.43
CA SER H 16 -3.08 64.15 -3.39
C SER H 16 -3.93 64.34 -2.17
N SER H 17 -4.22 63.26 -1.44
CA SER H 17 -4.89 63.38 -0.13
C SER H 17 -4.72 62.11 0.67
N GLY H 18 -5.28 62.14 1.88
CA GLY H 18 -5.32 61.00 2.80
C GLY H 18 -3.92 60.52 3.16
N ILE H 19 -3.79 59.21 3.23
CA ILE H 19 -2.55 58.58 3.66
C ILE H 19 -1.43 58.95 2.72
N GLY H 20 -1.66 58.90 1.40
CA GLY H 20 -0.55 59.15 0.43
C GLY H 20 0.02 60.57 0.59
N LEU H 21 -0.82 61.56 0.86
CA LEU H 21 -0.31 62.95 1.06
C LEU H 21 0.49 63.00 2.37
N ALA H 22 -0.01 62.33 3.40
CA ALA H 22 0.69 62.34 4.68
C ALA H 22 2.03 61.69 4.48
N ILE H 23 2.08 60.66 3.65
CA ILE H 23 3.35 59.97 3.46
C ILE H 23 4.31 60.95 2.75
N ALA H 24 3.83 61.60 1.70
CA ALA H 24 4.68 62.58 0.96
C ALA H 24 5.23 63.72 1.87
N GLU H 25 4.39 64.24 2.76
CA GLU H 25 4.86 65.22 3.77
C GLU H 25 5.92 64.62 4.67
N GLY H 26 5.70 63.38 5.10
CA GLY H 26 6.69 62.77 5.99
C GLY H 26 8.03 62.60 5.24
N PHE H 27 8.02 62.24 3.96
CA PHE H 27 9.29 62.12 3.17
C PHE H 27 9.88 63.50 2.93
N ALA H 28 9.01 64.46 2.64
CA ALA H 28 9.42 65.88 2.44
C ALA H 28 10.12 66.45 3.66
N LYS H 29 9.52 66.24 4.82
CA LYS H 29 10.11 66.65 6.12
C LYS H 29 11.54 66.15 6.24
N GLU H 30 11.81 64.98 5.67
CA GLU H 30 13.14 64.36 5.73
C GLU H 30 14.06 64.81 4.56
N GLY H 31 13.57 65.74 3.74
CA GLY H 31 14.44 66.35 2.71
C GLY H 31 14.41 65.59 1.39
N ALA H 32 13.51 64.61 1.28
CA ALA H 32 13.33 63.88 0.06
C ALA H 32 12.49 64.67 -0.92
N HIS H 33 12.89 64.60 -2.18
CA HIS H 33 12.13 65.19 -3.26
C HIS H 33 10.98 64.24 -3.55
N ILE H 34 9.91 64.76 -4.15
CA ILE H 34 8.65 64.03 -4.22
C ILE H 34 8.05 63.99 -5.60
N VAL H 35 7.61 62.81 -6.01
CA VAL H 35 6.77 62.70 -7.18
C VAL H 35 5.35 62.35 -6.73
N LEU H 36 4.41 63.29 -6.93
CA LEU H 36 3.03 63.12 -6.53
C LEU H 36 2.23 62.63 -7.70
N VAL H 37 1.39 61.61 -7.47
CA VAL H 37 0.64 60.96 -8.55
C VAL H 37 -0.80 60.80 -8.08
N ALA H 38 -1.73 61.34 -8.83
CA ALA H 38 -3.14 61.07 -8.58
C ALA H 38 -3.93 61.48 -9.81
N ARG H 39 -5.24 61.22 -9.84
CA ARG H 39 -6.04 61.47 -11.06
C ARG H 39 -6.51 62.92 -11.15
N GLN H 40 -6.97 63.48 -10.02
CA GLN H 40 -7.65 64.75 -10.07
C GLN H 40 -6.60 65.90 -10.07
N VAL H 41 -6.51 66.59 -11.20
CA VAL H 41 -5.44 67.56 -11.50
C VAL H 41 -5.40 68.72 -10.48
N ASP H 42 -6.58 69.16 -10.05
CA ASP H 42 -6.67 70.33 -9.18
C ASP H 42 -6.20 70.07 -7.77
N ARG H 43 -6.61 68.96 -7.17
CA ARG H 43 -6.17 68.64 -5.83
C ARG H 43 -4.68 68.38 -5.86
N LEU H 44 -4.24 67.64 -6.87
CA LEU H 44 -2.82 67.38 -7.07
C LEU H 44 -1.99 68.67 -7.19
N HIS H 45 -2.38 69.58 -8.09
CA HIS H 45 -1.69 70.87 -8.18
C HIS H 45 -1.62 71.62 -6.83
N GLU H 46 -2.71 71.65 -6.06
CA GLU H 46 -2.67 72.26 -4.71
C GLU H 46 -1.67 71.60 -3.77
N ALA H 47 -1.71 70.27 -3.73
CA ALA H 47 -0.95 69.53 -2.74
C ALA H 47 0.54 69.76 -3.02
N ALA H 48 0.87 69.74 -4.30
CA ALA H 48 2.24 69.97 -4.79
C ALA H 48 2.79 71.33 -4.39
N ARG H 49 1.97 72.35 -4.62
CA ARG H 49 2.34 73.73 -4.27
C ARG H 49 2.74 73.81 -2.80
N SER H 50 1.85 73.40 -1.91
CA SER H 50 2.08 73.58 -0.50
C SER H 50 3.15 72.64 0.05
N LEU H 51 3.36 71.49 -0.59
CA LEU H 51 4.56 70.71 -0.20
C LEU H 51 5.86 71.49 -0.44
N LYS H 52 6.01 72.09 -1.62
CA LYS H 52 7.19 72.91 -1.92
C LYS H 52 7.41 74.04 -0.93
N GLU H 53 6.34 74.77 -0.61
CA GLU H 53 6.50 75.90 0.30
C GLU H 53 6.85 75.41 1.69
N LYS H 54 6.07 74.47 2.18
CA LYS H 54 6.27 73.94 3.52
C LYS H 54 7.62 73.29 3.71
N PHE H 55 8.20 72.68 2.67
CA PHE H 55 9.31 71.80 2.93
C PHE H 55 10.56 72.08 2.10
N GLY H 56 10.42 72.86 1.04
CA GLY H 56 11.56 73.27 0.22
C GLY H 56 12.29 72.16 -0.50
N VAL H 57 11.56 71.13 -0.89
CA VAL H 57 12.10 70.07 -1.69
C VAL H 57 11.48 70.26 -3.08
N ARG H 58 12.02 69.59 -4.10
CA ARG H 58 11.42 69.55 -5.42
C ARG H 58 10.20 68.64 -5.43
N VAL H 59 9.12 69.09 -6.10
CA VAL H 59 7.90 68.26 -6.25
C VAL H 59 7.44 68.15 -7.70
N LEU H 60 7.35 66.94 -8.24
CA LEU H 60 6.89 66.70 -9.62
C LEU H 60 5.46 66.14 -9.54
N GLU H 61 4.52 66.72 -10.32
CA GLU H 61 3.15 66.22 -10.38
C GLU H 61 2.93 65.29 -11.55
N VAL H 62 2.24 64.17 -11.35
CA VAL H 62 1.85 63.36 -12.53
C VAL H 62 0.38 63.00 -12.32
N ALA H 63 -0.46 63.63 -13.15
CA ALA H 63 -1.89 63.53 -12.97
C ALA H 63 -2.39 62.46 -13.92
N VAL H 64 -2.42 61.21 -13.45
CA VAL H 64 -2.77 60.10 -14.29
C VAL H 64 -3.50 59.04 -13.47
N ASP H 65 -4.09 58.08 -14.17
CA ASP H 65 -4.76 56.91 -13.60
C ASP H 65 -3.76 55.72 -13.51
N VAL H 66 -3.28 55.37 -12.33
CA VAL H 66 -2.19 54.40 -12.26
C VAL H 66 -2.77 53.00 -12.42
N ALA H 67 -4.11 52.91 -12.54
CA ALA H 67 -4.71 51.59 -12.84
C ALA H 67 -4.61 51.21 -14.32
N THR H 68 -4.07 52.11 -15.15
CA THR H 68 -3.94 51.87 -16.58
C THR H 68 -2.44 51.78 -16.93
N PRO H 69 -2.07 50.97 -17.93
CA PRO H 69 -0.68 50.89 -18.39
C PRO H 69 -0.15 52.25 -18.84
N GLU H 70 -1.00 53.02 -19.52
CA GLU H 70 -0.69 54.40 -20.00
C GLU H 70 -0.32 55.31 -18.86
N GLY H 71 -1.17 55.32 -17.84
CA GLY H 71 -0.92 56.07 -16.60
C GLY H 71 0.42 55.71 -15.99
N VAL H 72 0.64 54.42 -15.75
CA VAL H 72 1.98 54.02 -15.28
C VAL H 72 3.12 54.48 -16.21
N ASP H 73 3.00 54.29 -17.52
CA ASP H 73 4.12 54.71 -18.43
C ASP H 73 4.43 56.22 -18.28
N ALA H 74 3.43 57.02 -17.96
CA ALA H 74 3.58 58.48 -17.90
C ALA H 74 4.32 58.83 -16.62
N VAL H 75 4.03 58.09 -15.53
CA VAL H 75 4.79 58.24 -14.32
C VAL H 75 6.25 57.93 -14.55
N VAL H 76 6.51 56.76 -15.12
CA VAL H 76 7.89 56.31 -15.38
C VAL H 76 8.66 57.33 -16.24
N GLU H 77 8.02 57.75 -17.31
CA GLU H 77 8.62 58.76 -18.21
C GLU H 77 8.90 60.14 -17.57
N SER H 78 8.00 60.67 -16.73
CA SER H 78 8.26 61.97 -16.07
C SER H 78 9.34 61.83 -15.03
N VAL H 79 9.30 60.75 -14.26
CA VAL H 79 10.37 60.49 -13.32
C VAL H 79 11.69 60.39 -14.06
N ARG H 80 11.69 59.73 -15.21
CA ARG H 80 12.94 59.55 -15.97
C ARG H 80 13.48 60.91 -16.42
N SER H 81 12.63 61.71 -17.04
CA SER H 81 12.98 63.07 -17.50
C SER H 81 13.42 64.01 -16.44
N SER H 82 12.70 64.03 -15.33
CA SER H 82 12.88 65.04 -14.33
C SER H 82 14.01 64.69 -13.36
N PHE H 83 14.12 63.40 -13.03
CA PHE H 83 15.04 62.94 -11.96
C PHE H 83 16.04 61.87 -12.37
N GLY H 84 15.90 61.28 -13.55
CA GLY H 84 16.71 60.12 -13.87
C GLY H 84 16.00 58.83 -13.48
N GLY H 85 15.63 58.71 -12.19
CA GLY H 85 15.02 57.48 -11.65
C GLY H 85 14.56 57.79 -10.24
N ALA H 86 13.91 56.81 -9.62
CA ALA H 86 13.45 56.88 -8.24
C ALA H 86 14.37 56.12 -7.29
N ASP H 87 14.50 56.61 -6.05
CA ASP H 87 15.16 55.87 -4.95
C ASP H 87 14.12 55.11 -4.10
N ILE H 88 12.92 55.68 -4.06
CA ILE H 88 11.83 55.14 -3.22
C ILE H 88 10.56 55.11 -4.04
N LEU H 89 9.83 54.01 -3.93
CA LEU H 89 8.51 53.92 -4.55
C LEU H 89 7.52 53.44 -3.46
N VAL H 90 6.46 54.21 -3.21
CA VAL H 90 5.35 53.79 -2.33
C VAL H 90 4.09 53.62 -3.18
N ASN H 91 3.63 52.37 -3.29
CA ASN H 91 2.34 52.07 -3.89
C ASN H 91 1.22 52.29 -2.87
N ASN H 92 0.47 53.36 -3.05
CA ASN H 92 -0.54 53.69 -2.07
C ASN H 92 -1.91 53.83 -2.69
N ALA H 93 -1.98 54.18 -3.99
CA ALA H 93 -3.26 54.34 -4.63
C ALA H 93 -4.15 53.10 -4.44
N GLY H 94 -5.36 53.31 -3.95
CA GLY H 94 -6.25 52.16 -3.77
C GLY H 94 -7.54 52.67 -3.19
N THR H 95 -8.54 51.82 -3.03
CA THR H 95 -9.78 52.33 -2.40
C THR H 95 -10.58 51.14 -1.87
N GLY H 96 -11.46 51.39 -0.88
CA GLY H 96 -12.40 50.36 -0.35
C GLY H 96 -13.34 49.78 -1.38
N SER H 97 -13.91 48.58 -1.15
CA SER H 97 -15.02 48.09 -1.96
C SER H 97 -16.26 47.90 -1.12
N ASN H 98 -17.28 47.28 -1.69
CA ASN H 98 -18.56 47.23 -1.00
C ASN H 98 -19.49 46.42 -1.85
N GLU H 99 -19.62 45.14 -1.54
CA GLU H 99 -20.46 44.30 -2.37
C GLU H 99 -20.61 42.93 -1.78
N THR H 100 -21.46 42.10 -2.42
CA THR H 100 -21.44 40.64 -2.18
C THR H 100 -20.83 39.96 -3.40
N ILE H 101 -20.25 38.79 -3.21
CA ILE H 101 -19.70 38.01 -4.33
C ILE H 101 -20.84 37.63 -5.28
N MET H 102 -21.99 37.31 -4.69
CA MET H 102 -23.13 36.87 -5.48
C MET H 102 -23.58 37.94 -6.45
N GLU H 103 -23.38 39.20 -6.09
CA GLU H 103 -23.93 40.29 -6.88
C GLU H 103 -22.91 41.09 -7.70
N ALA H 104 -21.67 41.16 -7.25
CA ALA H 104 -20.66 41.99 -7.93
C ALA H 104 -20.41 41.62 -9.43
N ALA H 105 -20.23 42.63 -10.26
CA ALA H 105 -20.01 42.38 -11.69
C ALA H 105 -18.56 41.98 -11.91
N ASP H 106 -18.30 41.17 -12.94
CA ASP H 106 -16.90 40.83 -13.26
C ASP H 106 -16.07 42.10 -13.46
N GLU H 107 -16.63 43.14 -14.09
CA GLU H 107 -15.83 44.33 -14.39
C GLU H 107 -15.37 45.02 -13.09
N LYS H 108 -16.13 44.86 -12.01
CA LYS H 108 -15.72 45.41 -10.72
C LYS H 108 -14.52 44.65 -10.14
N TRP H 109 -14.55 43.31 -10.15
CA TRP H 109 -13.34 42.54 -9.85
C TRP H 109 -12.12 43.00 -10.69
N GLN H 110 -12.35 43.24 -11.96
CA GLN H 110 -11.23 43.62 -12.87
C GLN H 110 -10.60 44.95 -12.43
N PHE H 111 -11.47 45.87 -12.05
CA PHE H 111 -11.05 47.21 -11.74
C PHE H 111 -10.17 47.18 -10.50
N TYR H 112 -10.53 46.36 -9.52
CA TYR H 112 -9.72 46.34 -8.30
C TYR H 112 -8.40 45.63 -8.50
N TRP H 113 -8.40 44.67 -9.40
CA TRP H 113 -7.21 43.93 -9.74
C TRP H 113 -6.22 44.87 -10.42
N GLU H 114 -6.71 45.69 -11.35
CA GLU H 114 -5.86 46.67 -12.06
C GLU H 114 -5.31 47.72 -11.11
N LEU H 115 -6.13 48.17 -10.18
CA LEU H 115 -5.72 49.26 -9.32
C LEU H 115 -4.78 48.79 -8.19
N HIS H 116 -5.13 47.69 -7.51
CA HIS H 116 -4.35 47.28 -6.33
C HIS H 116 -3.16 46.41 -6.70
N VAL H 117 -3.28 45.59 -7.75
CA VAL H 117 -2.18 44.68 -8.06
C VAL H 117 -1.42 45.11 -9.30
N MET H 118 -2.14 45.27 -10.43
CA MET H 118 -1.39 45.59 -11.68
C MET H 118 -0.70 46.92 -11.63
N ALA H 119 -1.23 47.91 -10.90
CA ALA H 119 -0.43 49.14 -10.76
C ALA H 119 0.94 48.85 -10.17
N ALA H 120 1.01 48.01 -9.11
CA ALA H 120 2.30 47.71 -8.48
C ALA H 120 3.19 46.89 -9.40
N VAL H 121 2.61 45.97 -10.15
CA VAL H 121 3.40 45.16 -11.08
C VAL H 121 4.06 46.09 -12.11
N ARG H 122 3.25 47.03 -12.60
CA ARG H 122 3.67 47.82 -13.78
C ARG H 122 4.68 48.84 -13.32
N LEU H 123 4.46 49.40 -12.12
CA LEU H 123 5.39 50.41 -11.57
C LEU H 123 6.70 49.74 -11.16
N ALA H 124 6.65 48.50 -10.67
CA ALA H 124 7.93 47.77 -10.48
C ALA H 124 8.65 47.52 -11.80
N ARG H 125 7.94 47.02 -12.82
CA ARG H 125 8.56 46.84 -14.15
C ARG H 125 9.16 48.17 -14.63
N GLY H 126 8.43 49.26 -14.47
CA GLY H 126 8.90 50.53 -14.99
C GLY H 126 10.02 51.19 -14.21
N LEU H 127 10.01 51.11 -12.88
CA LEU H 127 10.92 51.88 -12.07
C LEU H 127 12.12 51.13 -11.50
N VAL H 128 12.01 49.81 -11.43
CA VAL H 128 13.12 49.07 -10.85
C VAL H 128 14.46 49.29 -11.59
N PRO H 129 14.45 49.32 -12.95
CA PRO H 129 15.71 49.46 -13.68
C PRO H 129 16.45 50.75 -13.29
N GLY H 130 15.72 51.87 -13.17
CA GLY H 130 16.33 53.14 -12.78
C GLY H 130 16.78 53.09 -11.34
N MET H 131 16.01 52.38 -10.51
CA MET H 131 16.36 52.29 -9.11
C MET H 131 17.63 51.46 -8.97
N ARG H 132 17.68 50.35 -9.70
CA ARG H 132 18.87 49.52 -9.74
C ARG H 132 20.14 50.32 -10.14
N ALA H 133 19.98 51.16 -11.16
CA ALA H 133 21.09 51.98 -11.69
C ALA H 133 21.56 53.06 -10.73
N ARG H 134 20.67 53.52 -9.86
CA ARG H 134 21.06 54.46 -8.79
C ARG H 134 21.75 53.81 -7.58
N GLY H 135 21.91 52.48 -7.60
CA GLY H 135 22.51 51.70 -6.51
C GLY H 135 21.55 50.97 -5.55
N GLY H 136 20.24 51.05 -5.81
CA GLY H 136 19.25 50.32 -4.99
C GLY H 136 18.15 51.25 -4.51
N GLY H 137 17.33 50.79 -3.55
CA GLY H 137 16.32 51.67 -3.02
C GLY H 137 15.34 50.85 -2.22
N ALA H 138 14.14 51.43 -2.08
CA ALA H 138 13.05 50.84 -1.29
C ALA H 138 11.71 50.96 -1.98
N ILE H 139 10.93 49.89 -1.92
CA ILE H 139 9.59 49.90 -2.47
C ILE H 139 8.67 49.46 -1.34
N ILE H 140 7.57 50.21 -1.13
CA ILE H 140 6.58 49.76 -0.19
C ILE H 140 5.24 49.56 -0.85
N HIS H 141 4.48 48.55 -0.40
CA HIS H 141 3.13 48.35 -0.83
C HIS H 141 2.18 48.57 0.36
N ASN H 142 1.22 49.49 0.20
CA ASN H 142 0.29 49.76 1.30
C ASN H 142 -0.84 48.82 1.03
N ALA H 143 -0.91 47.72 1.73
CA ALA H 143 -1.99 46.82 1.41
C ALA H 143 -3.15 47.12 2.38
N SER H 144 -3.29 46.36 3.45
CA SER H 144 -4.33 46.67 4.46
C SER H 144 -4.36 45.54 5.44
N ILE H 145 -4.86 45.80 6.68
CA ILE H 145 -5.14 44.67 7.59
C ILE H 145 -6.12 43.66 6.92
N CYS H 146 -6.95 44.13 5.96
CA CYS H 146 -7.93 43.28 5.25
C CYS H 146 -7.28 42.23 4.35
N ALA H 147 -6.01 42.41 4.04
CA ALA H 147 -5.23 41.39 3.31
C ALA H 147 -5.06 40.11 4.03
N VAL H 148 -5.12 40.12 5.35
CA VAL H 148 -5.16 38.85 6.10
C VAL H 148 -6.41 38.66 6.97
N GLN H 149 -7.03 39.74 7.41
CA GLN H 149 -8.24 39.66 8.22
C GLN H 149 -9.39 40.36 7.47
N PRO H 150 -10.12 39.61 6.65
CA PRO H 150 -11.05 40.25 5.73
C PRO H 150 -12.25 40.91 6.44
N LEU H 151 -12.67 42.07 5.94
CA LEU H 151 -13.92 42.75 6.43
C LEU H 151 -15.10 42.20 5.63
N TRP H 152 -16.22 41.92 6.30
CA TRP H 152 -17.27 41.16 5.66
C TRP H 152 -17.85 41.85 4.42
N TYR H 153 -17.88 43.18 4.42
CA TYR H 153 -18.57 43.93 3.38
C TYR H 153 -17.81 44.21 2.08
N GLU H 154 -16.50 43.92 2.04
CA GLU H 154 -15.69 44.25 0.86
C GLU H 154 -14.81 43.09 0.35
N PRO H 155 -15.47 42.01 -0.11
CA PRO H 155 -14.69 40.86 -0.57
C PRO H 155 -13.72 41.20 -1.68
N ILE H 156 -14.08 42.07 -2.64
CA ILE H 156 -13.14 42.36 -3.73
C ILE H 156 -11.89 43.08 -3.18
N TYR H 157 -12.13 44.06 -2.30
CA TYR H 157 -11.03 44.68 -1.58
C TYR H 157 -10.15 43.62 -0.89
N ASN H 158 -10.75 42.69 -0.14
CA ASN H 158 -9.94 41.72 0.65
C ASN H 158 -9.11 40.83 -0.28
N VAL H 159 -9.73 40.31 -1.36
CA VAL H 159 -9.03 39.45 -2.32
C VAL H 159 -7.90 40.17 -3.02
N THR H 160 -8.19 41.38 -3.49
CA THR H 160 -7.14 42.10 -4.25
C THR H 160 -6.00 42.62 -3.31
N LYS H 161 -6.34 43.03 -2.10
CA LYS H 161 -5.29 43.40 -1.09
C LYS H 161 -4.43 42.20 -0.65
N ALA H 162 -5.07 41.06 -0.43
CA ALA H 162 -4.35 39.80 -0.25
C ALA H 162 -3.36 39.52 -1.42
N ALA H 163 -3.85 39.62 -2.65
CA ALA H 163 -2.98 39.45 -3.83
C ALA H 163 -1.80 40.42 -3.80
N LEU H 164 -2.06 41.68 -3.44
CA LEU H 164 -1.01 42.69 -3.39
C LEU H 164 0.04 42.33 -2.30
N MET H 165 -0.41 41.84 -1.15
CA MET H 165 0.57 41.45 -0.10
C MET H 165 1.49 40.31 -0.56
N MET H 166 0.90 39.33 -1.29
CA MET H 166 1.73 38.31 -1.91
C MET H 166 2.62 38.89 -3.00
N PHE H 167 2.10 39.78 -3.83
CA PHE H 167 2.99 40.38 -4.84
C PHE H 167 4.20 41.07 -4.19
N SER H 168 3.98 41.79 -3.08
CA SER H 168 5.07 42.51 -2.37
C SER H 168 6.17 41.51 -1.97
N LYS H 169 5.76 40.41 -1.34
CA LYS H 169 6.72 39.35 -1.00
C LYS H 169 7.54 38.78 -2.17
N THR H 170 6.85 38.46 -3.28
CA THR H 170 7.48 37.85 -4.46
C THR H 170 8.38 38.84 -5.16
N LEU H 171 7.99 40.11 -5.16
CA LEU H 171 8.88 41.14 -5.66
C LEU H 171 10.11 41.30 -4.79
N ALA H 172 9.94 41.25 -3.46
CA ALA H 172 11.09 41.39 -2.57
C ALA H 172 12.21 40.37 -2.87
N THR H 173 11.81 39.15 -3.15
CA THR H 173 12.81 38.09 -3.38
C THR H 173 13.44 38.26 -4.75
N GLU H 174 12.69 38.73 -5.73
CA GLU H 174 13.26 38.99 -7.02
C GLU H 174 14.26 40.19 -7.03
N VAL H 175 13.98 41.29 -6.32
CA VAL H 175 14.90 42.46 -6.52
C VAL H 175 15.89 42.72 -5.40
N ILE H 176 15.90 41.88 -4.37
CA ILE H 176 16.89 42.16 -3.30
C ILE H 176 18.31 42.09 -3.96
N LYS H 177 18.44 41.35 -5.05
CA LYS H 177 19.77 41.17 -5.73
C LYS H 177 20.23 42.54 -6.25
N ASP H 178 19.27 43.45 -6.48
CA ASP H 178 19.55 44.79 -6.94
C ASP H 178 19.75 45.78 -5.84
N ASN H 179 19.90 45.29 -4.60
CA ASN H 179 19.95 46.17 -3.45
C ASN H 179 18.66 46.99 -3.34
N ILE H 180 17.55 46.38 -3.78
CA ILE H 180 16.24 46.99 -3.58
C ILE H 180 15.42 46.21 -2.51
N ARG H 181 14.96 46.92 -1.49
CA ARG H 181 14.27 46.31 -0.36
C ARG H 181 12.77 46.58 -0.50
N VAL H 182 11.99 45.51 -0.58
CA VAL H 182 10.54 45.62 -0.77
C VAL H 182 9.84 45.10 0.48
N ASN H 183 8.90 45.87 1.00
CA ASN H 183 8.08 45.42 2.12
C ASN H 183 6.63 45.94 1.97
N CYS H 184 5.76 45.40 2.81
CA CYS H 184 4.34 45.69 2.72
C CYS H 184 3.97 46.31 4.06
N ILE H 185 3.07 47.28 4.02
CA ILE H 185 2.51 47.81 5.30
C ILE H 185 1.01 47.54 5.27
N ASN H 186 0.45 47.06 6.37
CA ASN H 186 -0.95 46.73 6.51
C ASN H 186 -1.56 47.63 7.61
N PRO H 187 -2.15 48.78 7.23
CA PRO H 187 -2.78 49.66 8.22
C PRO H 187 -4.10 49.14 8.67
N GLY H 188 -4.44 49.48 9.92
CA GLY H 188 -5.77 49.26 10.47
C GLY H 188 -6.63 50.49 10.16
N LEU H 189 -7.41 50.96 11.16
CA LEU H 189 -8.33 52.07 10.95
C LEU H 189 -7.56 53.37 10.89
N ILE H 190 -7.55 54.01 9.75
CA ILE H 190 -6.84 55.29 9.64
C ILE H 190 -7.83 56.33 9.25
N LEU H 191 -7.83 57.45 9.96
CA LEU H 191 -8.90 58.44 9.75
C LEU H 191 -8.69 59.23 8.46
N THR H 192 -9.40 58.85 7.41
CA THR H 192 -9.24 59.54 6.14
C THR H 192 -10.59 60.07 5.68
N PRO H 193 -10.62 60.87 4.61
CA PRO H 193 -11.91 61.58 4.29
C PRO H 193 -13.05 60.63 4.01
N ASP H 194 -12.76 59.48 3.43
CA ASP H 194 -13.92 58.61 3.12
C ASP H 194 -14.56 57.98 4.36
N TRP H 195 -13.77 57.83 5.43
CA TRP H 195 -14.31 57.31 6.68
C TRP H 195 -15.33 58.34 7.21
N ILE H 196 -14.95 59.60 7.14
CA ILE H 196 -15.83 60.68 7.56
C ILE H 196 -17.09 60.74 6.66
N LYS H 197 -16.90 60.67 5.34
CA LYS H 197 -18.08 60.66 4.45
C LYS H 197 -19.06 59.53 4.72
N THR H 198 -18.49 58.32 4.93
CA THR H 198 -19.23 57.13 5.32
C THR H 198 -20.01 57.30 6.62
N ALA H 199 -19.31 57.77 7.66
CA ALA H 199 -19.92 57.99 8.97
C ALA H 199 -21.08 59.00 8.87
N LYS H 200 -20.93 60.03 8.03
CA LYS H 200 -22.06 60.96 7.84
C LYS H 200 -23.22 60.32 7.13
N GLU H 201 -22.92 59.64 6.04
CA GLU H 201 -23.96 58.99 5.28
C GLU H 201 -24.74 57.97 6.16
N LEU H 202 -24.02 57.18 6.93
CA LEU H 202 -24.63 56.15 7.77
C LEU H 202 -25.32 56.71 9.00
N THR H 203 -25.11 57.99 9.32
CA THR H 203 -25.81 58.56 10.46
C THR H 203 -26.84 59.63 10.03
N LYS H 204 -27.05 59.81 8.72
CA LYS H 204 -27.87 60.94 8.30
C LYS H 204 -29.31 60.90 8.87
N ASP H 205 -29.86 59.70 9.08
CA ASP H 205 -31.24 59.52 9.54
C ASP H 205 -31.32 59.09 11.00
N ASN H 206 -30.22 59.15 11.74
CA ASN H 206 -30.31 58.75 13.16
C ASN H 206 -29.64 59.71 14.11
N GLY H 207 -29.47 60.95 13.70
CA GLY H 207 -28.96 61.94 14.61
C GLY H 207 -27.77 62.72 14.05
N GLY H 208 -27.12 62.19 13.01
CA GLY H 208 -25.95 62.86 12.45
C GLY H 208 -24.66 62.81 13.27
N ASP H 209 -24.59 61.95 14.30
CA ASP H 209 -23.37 61.94 15.14
C ASP H 209 -22.32 61.07 14.47
N TRP H 210 -21.68 61.63 13.44
CA TRP H 210 -20.70 60.86 12.64
C TRP H 210 -19.47 60.50 13.47
N LYS H 211 -19.00 61.39 14.35
CA LYS H 211 -17.95 61.05 15.31
C LYS H 211 -18.26 59.83 16.19
N GLY H 212 -19.50 59.75 16.69
CA GLY H 212 -19.87 58.62 17.54
C GLY H 212 -19.88 57.35 16.75
N TYR H 213 -20.29 57.46 15.48
CA TYR H 213 -20.25 56.32 14.59
C TYR H 213 -18.81 55.79 14.47
N LEU H 214 -17.87 56.70 14.16
CA LEU H 214 -16.48 56.30 14.06
C LEU H 214 -15.95 55.76 15.41
N GLN H 215 -16.31 56.39 16.52
CA GLN H 215 -15.93 55.84 17.83
C GLN H 215 -16.45 54.41 18.03
N SER H 216 -17.69 54.14 17.64
CA SER H 216 -18.18 52.76 17.73
C SER H 216 -17.37 51.77 16.80
N VAL H 217 -17.00 52.19 15.59
CA VAL H 217 -16.17 51.34 14.72
C VAL H 217 -14.80 51.03 15.41
N ALA H 218 -14.14 52.08 15.92
CA ALA H 218 -12.91 51.93 16.65
C ALA H 218 -13.13 50.99 17.85
N ASP H 219 -14.17 51.24 18.66
CA ASP H 219 -14.43 50.41 19.85
C ASP H 219 -14.65 48.95 19.53
N GLU H 220 -15.28 48.69 18.39
CA GLU H 220 -15.52 47.34 18.00
C GLU H 220 -14.28 46.62 17.51
N HIS H 221 -13.40 47.32 16.83
CA HIS H 221 -12.35 46.66 16.10
C HIS H 221 -10.93 46.81 16.74
N ALA H 222 -10.68 47.88 17.47
CA ALA H 222 -9.29 48.17 17.86
C ALA H 222 -9.17 48.30 19.37
N PRO H 223 -8.31 47.48 19.99
CA PRO H 223 -8.02 47.67 21.44
C PRO H 223 -7.63 49.11 21.80
N ILE H 224 -6.98 49.84 20.90
CA ILE H 224 -6.52 51.20 21.26
C ILE H 224 -7.76 52.17 21.28
N LYS H 225 -8.87 51.72 20.70
CA LYS H 225 -10.17 52.45 20.77
C LYS H 225 -10.12 53.82 20.12
N ARG H 226 -9.33 54.00 19.07
CA ARG H 226 -9.38 55.21 18.28
C ARG H 226 -8.85 54.82 16.90
N PHE H 227 -9.13 55.66 15.90
CA PHE H 227 -8.50 55.61 14.57
C PHE H 227 -7.08 56.17 14.68
N ALA H 228 -6.17 55.75 13.78
CA ALA H 228 -4.89 56.46 13.66
C ALA H 228 -5.06 57.72 12.87
N SER H 229 -4.15 58.66 13.08
CA SER H 229 -4.01 59.78 12.13
C SER H 229 -3.18 59.35 10.91
N PRO H 230 -3.43 59.97 9.73
CA PRO H 230 -2.56 59.66 8.60
C PRO H 230 -1.08 59.93 8.91
N GLU H 231 -0.84 60.97 9.72
CA GLU H 231 0.55 61.31 10.07
C GLU H 231 1.23 60.18 10.90
N GLU H 232 0.50 59.59 11.86
CA GLU H 232 1.03 58.50 12.66
C GLU H 232 1.53 57.40 11.77
N LEU H 233 0.65 57.01 10.84
CA LEU H 233 0.95 55.94 9.89
C LEU H 233 2.16 56.28 9.04
N ALA H 234 2.21 57.52 8.56
CA ALA H 234 3.24 57.84 7.60
C ALA H 234 4.61 57.67 8.23
N ASN H 235 4.73 57.86 9.55
CA ASN H 235 6.05 57.66 10.20
C ASN H 235 6.70 56.31 9.85
N PHE H 236 5.86 55.27 9.81
CA PHE H 236 6.30 53.87 9.58
C PHE H 236 6.73 53.73 8.15
N PHE H 237 6.02 54.37 7.21
CA PHE H 237 6.45 54.39 5.80
C PHE H 237 7.84 55.02 5.63
N VAL H 238 8.01 56.20 6.21
CA VAL H 238 9.32 56.89 6.13
C VAL H 238 10.44 56.07 6.77
N PHE H 239 10.16 55.52 7.95
CA PHE H 239 11.14 54.65 8.58
C PHE H 239 11.54 53.47 7.71
N LEU H 240 10.55 52.75 7.18
CA LEU H 240 10.90 51.54 6.45
C LEU H 240 11.63 51.84 5.16
N CYS H 241 11.49 53.05 4.63
CA CYS H 241 12.19 53.43 3.41
C CYS H 241 13.50 54.13 3.72
N SER H 242 13.93 54.16 4.99
CA SER H 242 15.10 54.96 5.38
C SER H 242 16.36 54.10 5.42
N GLU H 243 17.47 54.76 5.69
CA GLU H 243 18.73 54.03 5.84
C GLU H 243 18.86 53.32 7.16
N ARG H 244 17.83 53.43 8.00
CA ARG H 244 17.86 52.77 9.30
C ARG H 244 17.12 51.42 9.27
N ALA H 245 16.47 51.09 8.14
CA ALA H 245 15.73 49.82 8.02
C ALA H 245 16.30 48.89 6.96
N THR H 246 17.63 48.80 6.91
CA THR H 246 18.32 48.10 5.86
C THR H 246 18.22 46.56 5.91
N TYR H 247 17.60 46.00 6.99
CA TYR H 247 17.51 44.56 7.07
C TYR H 247 16.05 44.14 6.91
N SER H 248 15.17 45.08 6.59
CA SER H 248 13.78 44.73 6.30
C SER H 248 13.61 44.32 4.85
N VAL H 249 13.30 43.04 4.63
CA VAL H 249 13.16 42.53 3.30
C VAL H 249 12.01 41.54 3.23
N GLY H 250 11.00 41.87 2.41
CA GLY H 250 9.89 40.93 2.13
C GLY H 250 9.02 40.70 3.36
N SER H 251 8.91 41.70 4.22
CA SER H 251 8.10 41.57 5.43
C SER H 251 6.77 42.30 5.27
N ALA H 252 5.80 42.01 6.12
CA ALA H 252 4.53 42.72 6.15
C ALA H 252 4.41 43.24 7.59
N TYR H 253 4.31 44.56 7.72
CA TYR H 253 4.29 45.19 9.02
C TYR H 253 2.91 45.79 9.26
N PHE H 254 2.27 45.39 10.36
CA PHE H 254 0.91 45.87 10.59
C PHE H 254 0.95 47.09 11.46
N VAL H 255 0.11 48.10 11.19
CA VAL H 255 0.12 49.32 11.98
C VAL H 255 -1.33 49.52 12.25
N ASP H 256 -1.82 48.90 13.33
CA ASP H 256 -3.29 48.67 13.39
C ASP H 256 -3.94 48.77 14.77
N GLY H 257 -3.22 49.34 15.75
CA GLY H 257 -3.86 49.67 17.05
C GLY H 257 -4.38 48.47 17.81
N GLY H 258 -3.86 47.29 17.44
CA GLY H 258 -4.34 46.04 18.03
C GLY H 258 -5.42 45.33 17.25
N MET H 259 -5.80 45.86 16.09
CA MET H 259 -6.94 45.31 15.39
C MET H 259 -6.75 43.85 14.94
N LEU H 260 -5.53 43.45 14.59
CA LEU H 260 -5.31 42.06 14.11
C LEU H 260 -5.60 41.09 15.23
N LYS H 261 -6.46 40.09 15.03
CA LYS H 261 -6.91 39.25 16.16
C LYS H 261 -6.03 38.04 16.42
N THR H 262 -5.12 37.78 15.47
CA THR H 262 -4.30 36.62 15.52
C THR H 262 -2.85 37.00 15.59
N LEU H 263 -2.06 36.00 15.93
CA LEU H 263 -0.61 36.12 16.13
C LEU H 263 0.10 36.57 14.89
#